data_3ADK
# 
_entry.id   3ADK 
# 
_audit_conform.dict_name       mmcif_pdbx.dic 
_audit_conform.dict_version    5.397 
_audit_conform.dict_location   http://mmcif.pdb.org/dictionaries/ascii/mmcif_pdbx.dic 
# 
loop_
_database_2.database_id 
_database_2.database_code 
_database_2.pdbx_database_accession 
_database_2.pdbx_DOI 
PDB   3ADK         pdb_00003adk 10.2210/pdb3adk/pdb 
WWPDB D_1000178869 ?            ?                   
# 
loop_
_pdbx_audit_revision_history.ordinal 
_pdbx_audit_revision_history.data_content_type 
_pdbx_audit_revision_history.major_revision 
_pdbx_audit_revision_history.minor_revision 
_pdbx_audit_revision_history.revision_date 
1 'Structure model' 1 0 1988-01-16 
2 'Structure model' 1 1 2008-03-25 
3 'Structure model' 1 2 2011-07-13 
4 'Structure model' 1 3 2024-06-05 
5 'Structure model' 1 4 2024-10-23 
# 
_pdbx_audit_revision_details.ordinal             1 
_pdbx_audit_revision_details.revision_ordinal    1 
_pdbx_audit_revision_details.data_content_type   'Structure model' 
_pdbx_audit_revision_details.provider            repository 
_pdbx_audit_revision_details.type                'Initial release' 
_pdbx_audit_revision_details.description         ? 
_pdbx_audit_revision_details.details             ? 
# 
loop_
_pdbx_audit_revision_group.ordinal 
_pdbx_audit_revision_group.revision_ordinal 
_pdbx_audit_revision_group.data_content_type 
_pdbx_audit_revision_group.group 
1 2 'Structure model' 'Version format compliance' 
2 3 'Structure model' 'Version format compliance' 
3 4 'Structure model' 'Data collection'           
4 4 'Structure model' 'Database references'       
5 4 'Structure model' 'Derived calculations'      
6 4 'Structure model' Other                       
7 5 'Structure model' 'Structure summary'         
# 
loop_
_pdbx_audit_revision_category.ordinal 
_pdbx_audit_revision_category.revision_ordinal 
_pdbx_audit_revision_category.data_content_type 
_pdbx_audit_revision_category.category 
1 4 'Structure model' chem_comp_atom            
2 4 'Structure model' chem_comp_bond            
3 4 'Structure model' database_2                
4 4 'Structure model' pdbx_database_status      
5 4 'Structure model' struct_conn               
6 4 'Structure model' struct_site               
7 5 'Structure model' pdbx_entry_details        
8 5 'Structure model' pdbx_modification_feature 
# 
loop_
_pdbx_audit_revision_item.ordinal 
_pdbx_audit_revision_item.revision_ordinal 
_pdbx_audit_revision_item.data_content_type 
_pdbx_audit_revision_item.item 
1 4 'Structure model' '_database_2.pdbx_DOI'                
2 4 'Structure model' '_database_2.pdbx_database_accession' 
3 4 'Structure model' '_pdbx_database_status.process_site'  
4 4 'Structure model' '_struct_conn.pdbx_leaving_atom_flag' 
5 4 'Structure model' '_struct_site.pdbx_auth_asym_id'      
6 4 'Structure model' '_struct_site.pdbx_auth_comp_id'      
7 4 'Structure model' '_struct_site.pdbx_auth_seq_id'       
# 
_pdbx_database_PDB_obs_spr.id               SPRSDE 
_pdbx_database_PDB_obs_spr.date             1988-01-16 
_pdbx_database_PDB_obs_spr.pdb_id           3ADK 
_pdbx_database_PDB_obs_spr.replace_pdb_id   2ADK 
_pdbx_database_PDB_obs_spr.details          ? 
# 
_pdbx_database_status.status_code                     REL 
_pdbx_database_status.entry_id                        3ADK 
_pdbx_database_status.recvd_initial_deposition_date   1987-11-19 
_pdbx_database_status.deposit_site                    ? 
_pdbx_database_status.process_site                    BNL 
_pdbx_database_status.SG_entry                        . 
_pdbx_database_status.pdb_format_compatible           Y 
_pdbx_database_status.status_code_mr                  ? 
_pdbx_database_status.status_code_sf                  ? 
_pdbx_database_status.status_code_cs                  ? 
_pdbx_database_status.status_code_nmr_data            ? 
_pdbx_database_status.methods_development_category    ? 
# 
_audit_author.name           'Schulz, G.E.' 
_audit_author.pdbx_ordinal   1 
# 
loop_
_citation.id 
_citation.title 
_citation.journal_abbrev 
_citation.journal_volume 
_citation.page_first 
_citation.page_last 
_citation.year 
_citation.journal_id_ASTM 
_citation.country 
_citation.journal_id_ISSN 
_citation.journal_id_CSD 
_citation.book_publisher 
_citation.pdbx_database_id_PubMed 
_citation.pdbx_database_id_DOI 
primary 'Refined structure of porcine cytosolic adenylate kinase at 2.1 A resolution.'                  J.Mol.Biol. 199 359 371 
1988 JMOBAK UK 0022-2836     0070 ?                                                            2832612 
'10.1016/0022-2836(88)90319-1' 
1       'Structural Relationships in the Adenylate Kinase Family'                                       Eur.J.Biochem. 161 127 ?   
1986 EJBCAI IX 0014-2956     0262 ?                                                            ?       ? 
2       'The Glycine-Rich Loop of Adenylate Kinase Forms a Giant Anion Hole'                            'FEBS Lett.' 208 301 ?   
1986 FEBLAL NE 0014-5793     0165 ?                                                            ?       ? 
3       'Two Conformations of Crystalline Adenylate Kinase'                                             J.Mol.Biol. 114 23  ?   
1977 JMOBAK UK 0022-2836     0070 ?                                                            ?       ? 
4       'Substrate Positions and Induced-Fit in Crystalline Adenylate Kinase'                           J.Mol.Biol. 114 37  ?   
1977 JMOBAK UK 0022-2836     0070 ?                                                            ?       ? 
5       'Three-Dimensional Structure of Adenylate Kinase'                                               Nature 250 120 ?   1974 
NATUAS UK 0028-0836     0006 ?                                                            ?       ?                              
6       'Topological Comparison of Adenylate Kinase with Other Proteins'                                Nature 250 142 ?   1974 
NATUAS UK 0028-0836     0006 ?                                                            ?       ?                              
7       'Comparison of Predicted and Experimentally Determined Secondary Structure of Adenylate Kinase' Nature 250 140 ?   1974 
NATUAS UK 0028-0836     0006 ?                                                            ?       ?                              
8       'The Amino-Acid Sequence of Porcine Adenylate Kinase from Skeletal Muscle'                      Eur.J.Biochem. 43  131 ?   
1974 EJBCAI IX 0014-2956     0262 ?                                                            ?       ? 
9       'Low Resolution Structure of Adenylate Kinase'                                                  J.Mol.Biol. 80  857 ?   
1973 JMOBAK UK 0022-2836     0070 ?                                                            ?       ? 
10      ?                                                                                               
'Atlas of Protein Sequence and Structure,Supplement 2' 5   90  ?   1976 ?      ?  0-912466-05-7 435  
'National Biomedical Research Foundation, Silver Spring,Md.' ?       ?                              
# 
loop_
_citation_author.citation_id 
_citation_author.name 
_citation_author.ordinal 
_citation_author.identifier_ORCID 
primary 'Dreusicke, D.'     1  ? 
primary 'Karplus, P.A.'     2  ? 
primary 'Schulz, G.E.'      3  ? 
1       'Schulz, G.E.'      4  ? 
1       'Schiltz, E.'       5  ? 
1       'Tomasselli, A.G.'  6  ? 
1       'Frank, R.'         7  ? 
1       'Brune, M.'         8  ? 
1       'Wittinghofer, A.'  9  ? 
1       'Schirmer, R.H.'    10 ? 
2       'Dreusicke, D.'     11 ? 
2       'Schulz, G.E.'      12 ? 
3       'Sachsenheimer, W.' 13 ? 
3       'Schulz, G.E.'      14 ? 
4       'Pai, E.F.'         15 ? 
4       'Sachsenheimer, W.' 16 ? 
4       'Schirmer, R.H.'    17 ? 
4       'Schulz, G.E.'      18 ? 
5       'Schulz, G.E.'      19 ? 
5       'Elzinga, M.'       20 ? 
5       'Marx, F.'          21 ? 
5       'Schirmer, R.H.'    22 ? 
6       'Schulz, G.E.'      23 ? 
6       'Schirmer, R.H.'    24 ? 
7       'Schulz, G.E.'      25 ? 
7       'Barry, C.D.'       26 ? 
7       'Friedman, J.'      27 ? 
7       'Chou, P.Y.'        28 ? 
7       'Fasman, G.D.'      29 ? 
7       'Finkelstein, A.V.' 30 ? 
7       'Lim, V.I.'         31 ? 
7       'Ptitsyn, O.B.'     32 ? 
7       'Kabat, E.A.'       33 ? 
7       'Wu, T.T.'          34 ? 
7       'Levitt, M.'        35 ? 
7       'Robson, B.'        36 ? 
7       'Nagano, K.'        37 ? 
8       'Heil, A.'          38 ? 
8       'Mueller, G.'       39 ? 
8       'Noda, L.'          40 ? 
8       'Pinder, T.'        41 ? 
8       'Schirmer, H.'      42 ? 
8       'Schirmer, I.'      43 ? 
8       'Vonzabern, I.'     44 ? 
9       'Schulz, G.E.'      45 ? 
9       'Biedermann, K.'    46 ? 
9       'Kabsch, W.'        47 ? 
9       'Schirmer, R.H.'    48 ? 
# 
_citation_editor.citation_id   10 
_citation_editor.name          'Dayhoff, M.O.' 
_citation_editor.ordinal       1 
# 
loop_
_entity.id 
_entity.type 
_entity.src_method 
_entity.pdbx_description 
_entity.formula_weight 
_entity.pdbx_number_of_molecules 
_entity.pdbx_ec 
_entity.pdbx_mutation 
_entity.pdbx_fragment 
_entity.details 
1 polymer     man 'ADENYLATE KINASE' 21699.012 1 2.7.4.3 ? ? ? 
2 non-polymer syn 'SULFATE ION'      96.063    2 ?       ? ? ? 
# 
_entity_poly.entity_id                      1 
_entity_poly.type                           'polypeptide(L)' 
_entity_poly.nstd_linkage                   no 
_entity_poly.nstd_monomer                   yes 
_entity_poly.pdbx_seq_one_letter_code       
;(ACE)MEEKLKKSKIIFVVGGPGSGKGTQCEKIVQKYGYTHLSTGDLLRAEVSSGSARGKMLSEIMEKGQLVPLETVLDM
LRDAMVAKVDTSKGFLIDGYPREVKQGEEFERKIGQPTLLLYVDAGPETMTKRLLKRGETSGRVDDNEETIKKRLETYYK
ATEPVIAFYEKRGIVRKVNAEGSVDDVFSQVCTHLDTLK
;
_entity_poly.pdbx_seq_one_letter_code_can   
;XMEEKLKKSKIIFVVGGPGSGKGTQCEKIVQKYGYTHLSTGDLLRAEVSSGSARGKMLSEIMEKGQLVPLETVLDMLRDA
MVAKVDTSKGFLIDGYPREVKQGEEFERKIGQPTLLLYVDAGPETMTKRLLKRGETSGRVDDNEETIKKRLETYYKATEP
VIAFYEKRGIVRKVNAEGSVDDVFSQVCTHLDTLK
;
_entity_poly.pdbx_strand_id                 A 
_entity_poly.pdbx_target_identifier         ? 
# 
_pdbx_entity_nonpoly.entity_id   2 
_pdbx_entity_nonpoly.name        'SULFATE ION' 
_pdbx_entity_nonpoly.comp_id     SO4 
# 
loop_
_entity_poly_seq.entity_id 
_entity_poly_seq.num 
_entity_poly_seq.mon_id 
_entity_poly_seq.hetero 
1 1   ACE n 
1 2   MET n 
1 3   GLU n 
1 4   GLU n 
1 5   LYS n 
1 6   LEU n 
1 7   LYS n 
1 8   LYS n 
1 9   SER n 
1 10  LYS n 
1 11  ILE n 
1 12  ILE n 
1 13  PHE n 
1 14  VAL n 
1 15  VAL n 
1 16  GLY n 
1 17  GLY n 
1 18  PRO n 
1 19  GLY n 
1 20  SER n 
1 21  GLY n 
1 22  LYS n 
1 23  GLY n 
1 24  THR n 
1 25  GLN n 
1 26  CYS n 
1 27  GLU n 
1 28  LYS n 
1 29  ILE n 
1 30  VAL n 
1 31  GLN n 
1 32  LYS n 
1 33  TYR n 
1 34  GLY n 
1 35  TYR n 
1 36  THR n 
1 37  HIS n 
1 38  LEU n 
1 39  SER n 
1 40  THR n 
1 41  GLY n 
1 42  ASP n 
1 43  LEU n 
1 44  LEU n 
1 45  ARG n 
1 46  ALA n 
1 47  GLU n 
1 48  VAL n 
1 49  SER n 
1 50  SER n 
1 51  GLY n 
1 52  SER n 
1 53  ALA n 
1 54  ARG n 
1 55  GLY n 
1 56  LYS n 
1 57  MET n 
1 58  LEU n 
1 59  SER n 
1 60  GLU n 
1 61  ILE n 
1 62  MET n 
1 63  GLU n 
1 64  LYS n 
1 65  GLY n 
1 66  GLN n 
1 67  LEU n 
1 68  VAL n 
1 69  PRO n 
1 70  LEU n 
1 71  GLU n 
1 72  THR n 
1 73  VAL n 
1 74  LEU n 
1 75  ASP n 
1 76  MET n 
1 77  LEU n 
1 78  ARG n 
1 79  ASP n 
1 80  ALA n 
1 81  MET n 
1 82  VAL n 
1 83  ALA n 
1 84  LYS n 
1 85  VAL n 
1 86  ASP n 
1 87  THR n 
1 88  SER n 
1 89  LYS n 
1 90  GLY n 
1 91  PHE n 
1 92  LEU n 
1 93  ILE n 
1 94  ASP n 
1 95  GLY n 
1 96  TYR n 
1 97  PRO n 
1 98  ARG n 
1 99  GLU n 
1 100 VAL n 
1 101 LYS n 
1 102 GLN n 
1 103 GLY n 
1 104 GLU n 
1 105 GLU n 
1 106 PHE n 
1 107 GLU n 
1 108 ARG n 
1 109 LYS n 
1 110 ILE n 
1 111 GLY n 
1 112 GLN n 
1 113 PRO n 
1 114 THR n 
1 115 LEU n 
1 116 LEU n 
1 117 LEU n 
1 118 TYR n 
1 119 VAL n 
1 120 ASP n 
1 121 ALA n 
1 122 GLY n 
1 123 PRO n 
1 124 GLU n 
1 125 THR n 
1 126 MET n 
1 127 THR n 
1 128 LYS n 
1 129 ARG n 
1 130 LEU n 
1 131 LEU n 
1 132 LYS n 
1 133 ARG n 
1 134 GLY n 
1 135 GLU n 
1 136 THR n 
1 137 SER n 
1 138 GLY n 
1 139 ARG n 
1 140 VAL n 
1 141 ASP n 
1 142 ASP n 
1 143 ASN n 
1 144 GLU n 
1 145 GLU n 
1 146 THR n 
1 147 ILE n 
1 148 LYS n 
1 149 LYS n 
1 150 ARG n 
1 151 LEU n 
1 152 GLU n 
1 153 THR n 
1 154 TYR n 
1 155 TYR n 
1 156 LYS n 
1 157 ALA n 
1 158 THR n 
1 159 GLU n 
1 160 PRO n 
1 161 VAL n 
1 162 ILE n 
1 163 ALA n 
1 164 PHE n 
1 165 TYR n 
1 166 GLU n 
1 167 LYS n 
1 168 ARG n 
1 169 GLY n 
1 170 ILE n 
1 171 VAL n 
1 172 ARG n 
1 173 LYS n 
1 174 VAL n 
1 175 ASN n 
1 176 ALA n 
1 177 GLU n 
1 178 GLY n 
1 179 SER n 
1 180 VAL n 
1 181 ASP n 
1 182 ASP n 
1 183 VAL n 
1 184 PHE n 
1 185 SER n 
1 186 GLN n 
1 187 VAL n 
1 188 CYS n 
1 189 THR n 
1 190 HIS n 
1 191 LEU n 
1 192 ASP n 
1 193 THR n 
1 194 LEU n 
1 195 LYS n 
# 
_entity_src_gen.entity_id                          1 
_entity_src_gen.pdbx_src_id                        1 
_entity_src_gen.pdbx_alt_source_flag               sample 
_entity_src_gen.pdbx_seq_type                      ? 
_entity_src_gen.pdbx_beg_seq_num                   ? 
_entity_src_gen.pdbx_end_seq_num                   ? 
_entity_src_gen.gene_src_common_name               pig 
_entity_src_gen.gene_src_genus                     Sus 
_entity_src_gen.pdbx_gene_src_gene                 ? 
_entity_src_gen.gene_src_species                   ? 
_entity_src_gen.gene_src_strain                    ? 
_entity_src_gen.gene_src_tissue                    ? 
_entity_src_gen.gene_src_tissue_fraction           ? 
_entity_src_gen.gene_src_details                   ? 
_entity_src_gen.pdbx_gene_src_fragment             ? 
_entity_src_gen.pdbx_gene_src_scientific_name      'Sus scrofa' 
_entity_src_gen.pdbx_gene_src_ncbi_taxonomy_id     9823 
_entity_src_gen.pdbx_gene_src_variant              ? 
_entity_src_gen.pdbx_gene_src_cell_line            ? 
_entity_src_gen.pdbx_gene_src_atcc                 ? 
_entity_src_gen.pdbx_gene_src_organ                ? 
_entity_src_gen.pdbx_gene_src_organelle            ? 
_entity_src_gen.pdbx_gene_src_cell                 ? 
_entity_src_gen.pdbx_gene_src_cellular_location    ? 
_entity_src_gen.host_org_common_name               ? 
_entity_src_gen.pdbx_host_org_scientific_name      ? 
_entity_src_gen.pdbx_host_org_ncbi_taxonomy_id     ? 
_entity_src_gen.host_org_genus                     ? 
_entity_src_gen.pdbx_host_org_gene                 ? 
_entity_src_gen.pdbx_host_org_organ                ? 
_entity_src_gen.host_org_species                   ? 
_entity_src_gen.pdbx_host_org_tissue               ? 
_entity_src_gen.pdbx_host_org_tissue_fraction      ? 
_entity_src_gen.pdbx_host_org_strain               ? 
_entity_src_gen.pdbx_host_org_variant              ? 
_entity_src_gen.pdbx_host_org_cell_line            ? 
_entity_src_gen.pdbx_host_org_atcc                 ? 
_entity_src_gen.pdbx_host_org_culture_collection   ? 
_entity_src_gen.pdbx_host_org_cell                 ? 
_entity_src_gen.pdbx_host_org_organelle            ? 
_entity_src_gen.pdbx_host_org_cellular_location    ? 
_entity_src_gen.pdbx_host_org_vector_type          ? 
_entity_src_gen.pdbx_host_org_vector               ? 
_entity_src_gen.host_org_details                   ? 
_entity_src_gen.expression_system_id               ? 
_entity_src_gen.plasmid_name                       ? 
_entity_src_gen.plasmid_details                    ? 
_entity_src_gen.pdbx_description                   ? 
# 
loop_
_chem_comp.id 
_chem_comp.type 
_chem_comp.mon_nstd_flag 
_chem_comp.name 
_chem_comp.pdbx_synonyms 
_chem_comp.formula 
_chem_comp.formula_weight 
ACE non-polymer         . 'ACETYL GROUP'  ? 'C2 H4 O'        44.053  
ALA 'L-peptide linking' y ALANINE         ? 'C3 H7 N O2'     89.093  
ARG 'L-peptide linking' y ARGININE        ? 'C6 H15 N4 O2 1' 175.209 
ASN 'L-peptide linking' y ASPARAGINE      ? 'C4 H8 N2 O3'    132.118 
ASP 'L-peptide linking' y 'ASPARTIC ACID' ? 'C4 H7 N O4'     133.103 
CYS 'L-peptide linking' y CYSTEINE        ? 'C3 H7 N O2 S'   121.158 
GLN 'L-peptide linking' y GLUTAMINE       ? 'C5 H10 N2 O3'   146.144 
GLU 'L-peptide linking' y 'GLUTAMIC ACID' ? 'C5 H9 N O4'     147.129 
GLY 'peptide linking'   y GLYCINE         ? 'C2 H5 N O2'     75.067  
HIS 'L-peptide linking' y HISTIDINE       ? 'C6 H10 N3 O2 1' 156.162 
ILE 'L-peptide linking' y ISOLEUCINE      ? 'C6 H13 N O2'    131.173 
LEU 'L-peptide linking' y LEUCINE         ? 'C6 H13 N O2'    131.173 
LYS 'L-peptide linking' y LYSINE          ? 'C6 H15 N2 O2 1' 147.195 
MET 'L-peptide linking' y METHIONINE      ? 'C5 H11 N O2 S'  149.211 
PHE 'L-peptide linking' y PHENYLALANINE   ? 'C9 H11 N O2'    165.189 
PRO 'L-peptide linking' y PROLINE         ? 'C5 H9 N O2'     115.130 
SER 'L-peptide linking' y SERINE          ? 'C3 H7 N O3'     105.093 
SO4 non-polymer         . 'SULFATE ION'   ? 'O4 S -2'        96.063  
THR 'L-peptide linking' y THREONINE       ? 'C4 H9 N O3'     119.119 
TYR 'L-peptide linking' y TYROSINE        ? 'C9 H11 N O3'    181.189 
VAL 'L-peptide linking' y VALINE          ? 'C5 H11 N O2'    117.146 
# 
loop_
_pdbx_poly_seq_scheme.asym_id 
_pdbx_poly_seq_scheme.entity_id 
_pdbx_poly_seq_scheme.seq_id 
_pdbx_poly_seq_scheme.mon_id 
_pdbx_poly_seq_scheme.ndb_seq_num 
_pdbx_poly_seq_scheme.pdb_seq_num 
_pdbx_poly_seq_scheme.auth_seq_num 
_pdbx_poly_seq_scheme.pdb_mon_id 
_pdbx_poly_seq_scheme.auth_mon_id 
_pdbx_poly_seq_scheme.pdb_strand_id 
_pdbx_poly_seq_scheme.pdb_ins_code 
_pdbx_poly_seq_scheme.hetero 
A 1 1   ACE 1   0   0   ACE ACE A . n 
A 1 2   MET 2   1   1   MET MET A . n 
A 1 3   GLU 3   2   2   GLU GLU A . n 
A 1 4   GLU 4   3   3   GLU GLU A . n 
A 1 5   LYS 5   4   4   LYS LYS A . n 
A 1 6   LEU 6   5   5   LEU LEU A . n 
A 1 7   LYS 7   6   6   LYS LYS A . n 
A 1 8   LYS 8   7   7   LYS LYS A . n 
A 1 9   SER 9   8   8   SER SER A . n 
A 1 10  LYS 10  9   9   LYS LYS A . n 
A 1 11  ILE 11  10  10  ILE ILE A . n 
A 1 12  ILE 12  11  11  ILE ILE A . n 
A 1 13  PHE 13  12  12  PHE PHE A . n 
A 1 14  VAL 14  13  13  VAL VAL A . n 
A 1 15  VAL 15  14  14  VAL VAL A . n 
A 1 16  GLY 16  15  15  GLY GLY A . n 
A 1 17  GLY 17  16  16  GLY GLY A . n 
A 1 18  PRO 18  17  17  PRO PRO A . n 
A 1 19  GLY 19  18  18  GLY GLY A . n 
A 1 20  SER 20  19  19  SER SER A . n 
A 1 21  GLY 21  20  20  GLY GLY A . n 
A 1 22  LYS 22  21  21  LYS LYS A . n 
A 1 23  GLY 23  22  22  GLY GLY A . n 
A 1 24  THR 24  23  23  THR THR A . n 
A 1 25  GLN 25  24  24  GLN GLN A . n 
A 1 26  CYS 26  25  25  CYS CYS A . n 
A 1 27  GLU 27  26  26  GLU GLU A . n 
A 1 28  LYS 28  27  27  LYS LYS A . n 
A 1 29  ILE 29  28  28  ILE ILE A . n 
A 1 30  VAL 30  29  29  VAL VAL A . n 
A 1 31  GLN 31  30  30  GLN GLN A . n 
A 1 32  LYS 32  31  31  LYS LYS A . n 
A 1 33  TYR 33  32  32  TYR TYR A . n 
A 1 34  GLY 34  33  33  GLY GLY A . n 
A 1 35  TYR 35  34  34  TYR TYR A . n 
A 1 36  THR 36  35  35  THR THR A . n 
A 1 37  HIS 37  36  36  HIS HIS A . n 
A 1 38  LEU 38  37  37  LEU LEU A . n 
A 1 39  SER 39  38  38  SER SER A . n 
A 1 40  THR 40  39  39  THR THR A . n 
A 1 41  GLY 41  40  40  GLY GLY A . n 
A 1 42  ASP 42  41  41  ASP ASP A . n 
A 1 43  LEU 43  42  42  LEU LEU A . n 
A 1 44  LEU 44  43  43  LEU LEU A . n 
A 1 45  ARG 45  44  44  ARG ARG A . n 
A 1 46  ALA 46  45  45  ALA ALA A . n 
A 1 47  GLU 47  46  46  GLU GLU A . n 
A 1 48  VAL 48  47  47  VAL VAL A . n 
A 1 49  SER 49  48  48  SER SER A . n 
A 1 50  SER 50  49  49  SER SER A . n 
A 1 51  GLY 51  50  50  GLY GLY A . n 
A 1 52  SER 52  51  51  SER SER A . n 
A 1 53  ALA 53  52  52  ALA ALA A . n 
A 1 54  ARG 54  53  53  ARG ARG A . n 
A 1 55  GLY 55  54  54  GLY GLY A . n 
A 1 56  LYS 56  55  55  LYS LYS A . n 
A 1 57  MET 57  56  56  MET MET A . n 
A 1 58  LEU 58  57  57  LEU LEU A . n 
A 1 59  SER 59  58  58  SER SER A . n 
A 1 60  GLU 60  59  59  GLU GLU A . n 
A 1 61  ILE 61  60  60  ILE ILE A . n 
A 1 62  MET 62  61  61  MET MET A . n 
A 1 63  GLU 63  62  62  GLU GLU A . n 
A 1 64  LYS 64  63  63  LYS LYS A . n 
A 1 65  GLY 65  64  64  GLY GLY A . n 
A 1 66  GLN 66  65  65  GLN GLN A . n 
A 1 67  LEU 67  66  66  LEU LEU A . n 
A 1 68  VAL 68  67  67  VAL VAL A . n 
A 1 69  PRO 69  68  68  PRO PRO A . n 
A 1 70  LEU 70  69  69  LEU LEU A . n 
A 1 71  GLU 71  70  70  GLU GLU A . n 
A 1 72  THR 72  71  71  THR THR A . n 
A 1 73  VAL 73  72  72  VAL VAL A . n 
A 1 74  LEU 74  73  73  LEU LEU A . n 
A 1 75  ASP 75  74  74  ASP ASP A . n 
A 1 76  MET 76  75  75  MET MET A . n 
A 1 77  LEU 77  76  76  LEU LEU A . n 
A 1 78  ARG 78  77  77  ARG ARG A . n 
A 1 79  ASP 79  78  78  ASP ASP A . n 
A 1 80  ALA 80  79  79  ALA ALA A . n 
A 1 81  MET 81  80  80  MET MET A . n 
A 1 82  VAL 82  81  81  VAL VAL A . n 
A 1 83  ALA 83  82  82  ALA ALA A . n 
A 1 84  LYS 84  83  83  LYS LYS A . n 
A 1 85  VAL 85  84  84  VAL VAL A . n 
A 1 86  ASP 86  85  85  ASP ASP A . n 
A 1 87  THR 87  86  86  THR THR A . n 
A 1 88  SER 88  87  87  SER SER A . n 
A 1 89  LYS 89  88  88  LYS LYS A . n 
A 1 90  GLY 90  89  89  GLY GLY A . n 
A 1 91  PHE 91  90  90  PHE PHE A . n 
A 1 92  LEU 92  91  91  LEU LEU A . n 
A 1 93  ILE 93  92  92  ILE ILE A . n 
A 1 94  ASP 94  93  93  ASP ASP A . n 
A 1 95  GLY 95  94  94  GLY GLY A . n 
A 1 96  TYR 96  95  95  TYR TYR A . n 
A 1 97  PRO 97  96  96  PRO PRO A . n 
A 1 98  ARG 98  97  97  ARG ARG A . n 
A 1 99  GLU 99  98  98  GLU GLU A . n 
A 1 100 VAL 100 99  99  VAL VAL A . n 
A 1 101 LYS 101 100 100 LYS LYS A . n 
A 1 102 GLN 102 101 101 GLN GLN A . n 
A 1 103 GLY 103 102 102 GLY GLY A . n 
A 1 104 GLU 104 103 103 GLU GLU A . n 
A 1 105 GLU 105 104 104 GLU GLU A . n 
A 1 106 PHE 106 105 105 PHE PHE A . n 
A 1 107 GLU 107 106 106 GLU GLU A . n 
A 1 108 ARG 108 107 107 ARG ARG A . n 
A 1 109 LYS 109 108 108 LYS LYS A . n 
A 1 110 ILE 110 109 109 ILE ILE A . n 
A 1 111 GLY 111 110 110 GLY GLY A . n 
A 1 112 GLN 112 111 111 GLN GLN A . n 
A 1 113 PRO 113 112 112 PRO PRO A . n 
A 1 114 THR 114 113 113 THR THR A . n 
A 1 115 LEU 115 114 114 LEU LEU A . n 
A 1 116 LEU 116 115 115 LEU LEU A . n 
A 1 117 LEU 117 116 116 LEU LEU A . n 
A 1 118 TYR 118 117 117 TYR TYR A . n 
A 1 119 VAL 119 118 118 VAL VAL A . n 
A 1 120 ASP 120 119 119 ASP ASP A . n 
A 1 121 ALA 121 120 120 ALA ALA A . n 
A 1 122 GLY 122 121 121 GLY GLY A . n 
A 1 123 PRO 123 122 122 PRO PRO A . n 
A 1 124 GLU 124 123 123 GLU GLU A . n 
A 1 125 THR 125 124 124 THR THR A . n 
A 1 126 MET 126 125 125 MET MET A . n 
A 1 127 THR 127 126 126 THR THR A . n 
A 1 128 LYS 128 127 127 LYS LYS A . n 
A 1 129 ARG 129 128 128 ARG ARG A . n 
A 1 130 LEU 130 129 129 LEU LEU A . n 
A 1 131 LEU 131 130 130 LEU LEU A . n 
A 1 132 LYS 132 131 131 LYS LYS A . n 
A 1 133 ARG 133 132 132 ARG ARG A . n 
A 1 134 GLY 134 133 133 GLY GLY A . n 
A 1 135 GLU 135 134 134 GLU GLU A . n 
A 1 136 THR 136 135 135 THR THR A . n 
A 1 137 SER 137 136 136 SER SER A . n 
A 1 138 GLY 138 137 137 GLY GLY A . n 
A 1 139 ARG 139 138 138 ARG ARG A . n 
A 1 140 VAL 140 139 139 VAL VAL A . n 
A 1 141 ASP 141 140 140 ASP ASP A . n 
A 1 142 ASP 142 141 141 ASP ASP A . n 
A 1 143 ASN 143 142 142 ASN ASN A . n 
A 1 144 GLU 144 143 143 GLU GLU A . n 
A 1 145 GLU 145 144 144 GLU GLU A . n 
A 1 146 THR 146 145 145 THR THR A . n 
A 1 147 ILE 147 146 146 ILE ILE A . n 
A 1 148 LYS 148 147 147 LYS LYS A . n 
A 1 149 LYS 149 148 148 LYS LYS A . n 
A 1 150 ARG 150 149 149 ARG ARG A . n 
A 1 151 LEU 151 150 150 LEU LEU A . n 
A 1 152 GLU 152 151 151 GLU GLU A . n 
A 1 153 THR 153 152 152 THR THR A . n 
A 1 154 TYR 154 153 153 TYR TYR A . n 
A 1 155 TYR 155 154 154 TYR TYR A . n 
A 1 156 LYS 156 155 155 LYS LYS A . n 
A 1 157 ALA 157 156 156 ALA ALA A . n 
A 1 158 THR 158 157 157 THR THR A . n 
A 1 159 GLU 159 158 158 GLU GLU A . n 
A 1 160 PRO 160 159 159 PRO PRO A . n 
A 1 161 VAL 161 160 160 VAL VAL A . n 
A 1 162 ILE 162 161 161 ILE ILE A . n 
A 1 163 ALA 163 162 162 ALA ALA A . n 
A 1 164 PHE 164 163 163 PHE PHE A . n 
A 1 165 TYR 165 164 164 TYR TYR A . n 
A 1 166 GLU 166 165 165 GLU GLU A . n 
A 1 167 LYS 167 166 166 LYS LYS A . n 
A 1 168 ARG 168 167 167 ARG ARG A . n 
A 1 169 GLY 169 168 168 GLY GLY A . n 
A 1 170 ILE 170 169 169 ILE ILE A . n 
A 1 171 VAL 171 170 170 VAL VAL A . n 
A 1 172 ARG 172 171 171 ARG ARG A . n 
A 1 173 LYS 173 172 172 LYS LYS A . n 
A 1 174 VAL 174 173 173 VAL VAL A . n 
A 1 175 ASN 175 174 174 ASN ASN A . n 
A 1 176 ALA 176 175 175 ALA ALA A . n 
A 1 177 GLU 177 176 176 GLU GLU A . n 
A 1 178 GLY 178 177 177 GLY GLY A . n 
A 1 179 SER 179 178 178 SER SER A . n 
A 1 180 VAL 180 179 179 VAL VAL A . n 
A 1 181 ASP 181 180 180 ASP ASP A . n 
A 1 182 ASP 182 181 181 ASP ASP A . n 
A 1 183 VAL 183 182 182 VAL VAL A . n 
A 1 184 PHE 184 183 183 PHE PHE A . n 
A 1 185 SER 185 184 184 SER SER A . n 
A 1 186 GLN 186 185 185 GLN GLN A . n 
A 1 187 VAL 187 186 186 VAL VAL A . n 
A 1 188 CYS 188 187 187 CYS CYS A . n 
A 1 189 THR 189 188 188 THR THR A . n 
A 1 190 HIS 190 189 189 HIS HIS A . n 
A 1 191 LEU 191 190 190 LEU LEU A . n 
A 1 192 ASP 192 191 191 ASP ASP A . n 
A 1 193 THR 193 192 192 THR THR A . n 
A 1 194 LEU 194 193 193 LEU LEU A . n 
A 1 195 LYS 195 194 194 LYS LYS A . n 
# 
loop_
_pdbx_nonpoly_scheme.asym_id 
_pdbx_nonpoly_scheme.entity_id 
_pdbx_nonpoly_scheme.mon_id 
_pdbx_nonpoly_scheme.ndb_seq_num 
_pdbx_nonpoly_scheme.pdb_seq_num 
_pdbx_nonpoly_scheme.auth_seq_num 
_pdbx_nonpoly_scheme.pdb_mon_id 
_pdbx_nonpoly_scheme.auth_mon_id 
_pdbx_nonpoly_scheme.pdb_strand_id 
_pdbx_nonpoly_scheme.pdb_ins_code 
B 2 SO4 1 195 1 SO4 SO4 A . 
C 2 SO4 1 196 2 SO4 SO4 A . 
# 
_software.name             PROLSQ 
_software.classification   refinement 
_software.version          . 
_software.citation_id      ? 
_software.pdbx_ordinal     1 
# 
_cell.entry_id           3ADK 
_cell.length_a           48.500 
_cell.length_b           48.500 
_cell.length_c           141.000 
_cell.angle_alpha        90.00 
_cell.angle_beta         90.00 
_cell.angle_gamma        120.00 
_cell.Z_PDB              6 
_cell.pdbx_unique_axis   ? 
# 
_symmetry.entry_id                         3ADK 
_symmetry.space_group_name_H-M             'P 31 2 1' 
_symmetry.pdbx_full_space_group_name_H-M   ? 
_symmetry.cell_setting                     ? 
_symmetry.Int_Tables_number                152 
# 
_exptl.entry_id          3ADK 
_exptl.method            'X-RAY DIFFRACTION' 
_exptl.crystals_number   ? 
# 
_exptl_crystal.id                    1 
_exptl_crystal.density_meas          ? 
_exptl_crystal.density_Matthews      2.21 
_exptl_crystal.density_percent_sol   44.23 
_exptl_crystal.description           ? 
# 
_refine.entry_id                                 3ADK 
_refine.ls_number_reflns_obs                     ? 
_refine.ls_number_reflns_all                     ? 
_refine.pdbx_ls_sigma_I                          ? 
_refine.pdbx_ls_sigma_F                          ? 
_refine.pdbx_data_cutoff_high_absF               ? 
_refine.pdbx_data_cutoff_low_absF                ? 
_refine.pdbx_data_cutoff_high_rms_absF           ? 
_refine.ls_d_res_low                             10.0 
_refine.ls_d_res_high                            2.1 
_refine.ls_percent_reflns_obs                    ? 
_refine.ls_R_factor_obs                          ? 
_refine.ls_R_factor_all                          ? 
_refine.ls_R_factor_R_work                       0.1930000 
_refine.ls_R_factor_R_free                       ? 
_refine.ls_R_factor_R_free_error                 ? 
_refine.ls_R_factor_R_free_error_details         ? 
_refine.ls_percent_reflns_R_free                 ? 
_refine.ls_number_reflns_R_free                  ? 
_refine.ls_number_parameters                     ? 
_refine.ls_number_restraints                     ? 
_refine.occupancy_min                            ? 
_refine.occupancy_max                            ? 
_refine.B_iso_mean                               ? 
_refine.aniso_B[1][1]                            ? 
_refine.aniso_B[2][2]                            ? 
_refine.aniso_B[3][3]                            ? 
_refine.aniso_B[1][2]                            ? 
_refine.aniso_B[1][3]                            ? 
_refine.aniso_B[2][3]                            ? 
_refine.solvent_model_details                    ? 
_refine.solvent_model_param_ksol                 ? 
_refine.solvent_model_param_bsol                 ? 
_refine.pdbx_ls_cross_valid_method               ? 
_refine.details                                  ? 
_refine.pdbx_starting_model                      ? 
_refine.pdbx_method_to_determine_struct          ? 
_refine.pdbx_isotropic_thermal_model             ? 
_refine.pdbx_stereochemistry_target_values       ? 
_refine.pdbx_stereochem_target_val_spec_case     ? 
_refine.pdbx_R_Free_selection_details            ? 
_refine.pdbx_overall_ESU_R                       ? 
_refine.pdbx_overall_ESU_R_Free                  ? 
_refine.overall_SU_ML                            ? 
_refine.overall_SU_B                             ? 
_refine.pdbx_refine_id                           'X-RAY DIFFRACTION' 
_refine.pdbx_diffrn_id                           1 
_refine.pdbx_TLS_residual_ADP_flag               ? 
_refine.correlation_coeff_Fo_to_Fc               ? 
_refine.correlation_coeff_Fo_to_Fc_free          ? 
_refine.pdbx_solvent_vdw_probe_radii             ? 
_refine.pdbx_solvent_ion_probe_radii             ? 
_refine.pdbx_solvent_shrinkage_radii             ? 
_refine.pdbx_overall_phase_error                 ? 
_refine.overall_SU_R_Cruickshank_DPI             ? 
_refine.pdbx_overall_SU_R_free_Cruickshank_DPI   ? 
_refine.pdbx_overall_SU_R_Blow_DPI               ? 
_refine.pdbx_overall_SU_R_free_Blow_DPI          ? 
# 
_refine_hist.pdbx_refine_id                   'X-RAY DIFFRACTION' 
_refine_hist.cycle_id                         LAST 
_refine_hist.pdbx_number_atoms_protein        1519 
_refine_hist.pdbx_number_atoms_nucleic_acid   0 
_refine_hist.pdbx_number_atoms_ligand         10 
_refine_hist.number_atoms_solvent             0 
_refine_hist.number_atoms_total               1529 
_refine_hist.d_res_high                       2.1 
_refine_hist.d_res_low                        10.0 
# 
_struct.entry_id                  3ADK 
_struct.title                     'REFINED STRUCTURE OF PORCINE CYTOSOLIC ADENYLATE KINASE AT 2.1 ANGSTROMS RESOLUTION' 
_struct.pdbx_model_details        ? 
_struct.pdbx_CASP_flag            ? 
_struct.pdbx_model_type_details   ? 
# 
_struct_keywords.entry_id        3ADK 
_struct_keywords.pdbx_keywords   'TRANSFERASE(PHOSPHOTRANSFERASE)' 
_struct_keywords.text            'TRANSFERASE(PHOSPHOTRANSFERASE)' 
# 
loop_
_struct_asym.id 
_struct_asym.pdbx_blank_PDB_chainid_flag 
_struct_asym.pdbx_modified 
_struct_asym.entity_id 
_struct_asym.details 
A N N 1 ? 
B N N 2 ? 
C N N 2 ? 
# 
_struct_ref.id                         1 
_struct_ref.db_name                    UNP 
_struct_ref.db_code                    KAD1_PIG 
_struct_ref.entity_id                  1 
_struct_ref.pdbx_db_accession          P00571 
_struct_ref.pdbx_align_begin           1 
_struct_ref.pdbx_seq_one_letter_code   
;MEEKLKKSKIIFVVGGPGSGKGTQCEKIVQKYGYTHLSTGDLLRAEVSSGSARGKMLSEIMEKGQLVPLETVLDMLRDAM
VAKVDTSKGFLIDGYPREVKQGEEFERKIGQPTLLLYVDAGPETMTKRLLKRGETSGRVDDNEETIKKRLETYYKATEPV
IAFYEKRGIVRKVNAEGSVDDVFSQVCTHLDTLK
;
_struct_ref.pdbx_db_isoform            ? 
# 
_struct_ref_seq.align_id                      1 
_struct_ref_seq.ref_id                        1 
_struct_ref_seq.pdbx_PDB_id_code              3ADK 
_struct_ref_seq.pdbx_strand_id                A 
_struct_ref_seq.seq_align_beg                 2 
_struct_ref_seq.pdbx_seq_align_beg_ins_code   ? 
_struct_ref_seq.seq_align_end                 195 
_struct_ref_seq.pdbx_seq_align_end_ins_code   ? 
_struct_ref_seq.pdbx_db_accession             P00571 
_struct_ref_seq.db_align_beg                  1 
_struct_ref_seq.pdbx_db_align_beg_ins_code    ? 
_struct_ref_seq.db_align_end                  194 
_struct_ref_seq.pdbx_db_align_end_ins_code    ? 
_struct_ref_seq.pdbx_auth_seq_align_beg       1 
_struct_ref_seq.pdbx_auth_seq_align_end       194 
# 
_pdbx_struct_assembly.id                   1 
_pdbx_struct_assembly.details              author_defined_assembly 
_pdbx_struct_assembly.method_details       ? 
_pdbx_struct_assembly.oligomeric_details   monomeric 
_pdbx_struct_assembly.oligomeric_count     1 
# 
_pdbx_struct_assembly_gen.assembly_id       1 
_pdbx_struct_assembly_gen.oper_expression   1 
_pdbx_struct_assembly_gen.asym_id_list      A,B,C 
# 
_pdbx_struct_oper_list.id                   1 
_pdbx_struct_oper_list.type                 'identity operation' 
_pdbx_struct_oper_list.name                 1_555 
_pdbx_struct_oper_list.symmetry_operation   x,y,z 
_pdbx_struct_oper_list.matrix[1][1]         1.0000000000 
_pdbx_struct_oper_list.matrix[1][2]         0.0000000000 
_pdbx_struct_oper_list.matrix[1][3]         0.0000000000 
_pdbx_struct_oper_list.vector[1]            0.0000000000 
_pdbx_struct_oper_list.matrix[2][1]         0.0000000000 
_pdbx_struct_oper_list.matrix[2][2]         1.0000000000 
_pdbx_struct_oper_list.matrix[2][3]         0.0000000000 
_pdbx_struct_oper_list.vector[2]            0.0000000000 
_pdbx_struct_oper_list.matrix[3][1]         0.0000000000 
_pdbx_struct_oper_list.matrix[3][2]         0.0000000000 
_pdbx_struct_oper_list.matrix[3][3]         1.0000000000 
_pdbx_struct_oper_list.vector[3]            0.0000000000 
# 
_struct_biol.id   1 
# 
loop_
_struct_conf.conf_type_id 
_struct_conf.id 
_struct_conf.pdbx_PDB_helix_id 
_struct_conf.beg_label_comp_id 
_struct_conf.beg_label_asym_id 
_struct_conf.beg_label_seq_id 
_struct_conf.pdbx_beg_PDB_ins_code 
_struct_conf.end_label_comp_id 
_struct_conf.end_label_asym_id 
_struct_conf.end_label_seq_id 
_struct_conf.pdbx_end_PDB_ins_code 
_struct_conf.beg_auth_comp_id 
_struct_conf.beg_auth_asym_id 
_struct_conf.beg_auth_seq_id 
_struct_conf.end_auth_comp_id 
_struct_conf.end_auth_asym_id 
_struct_conf.end_auth_seq_id 
_struct_conf.pdbx_PDB_helix_class 
_struct_conf.details 
_struct_conf.pdbx_PDB_helix_length 
HELX_P HELX_P1  1  MET A 2   ? LYS A 8   ? MET A 1   LYS A 7   1 ? 7  
HELX_P HELX_P2  2  GLY A 21  ? TYR A 33  ? GLY A 20  TYR A 32  1 ? 13 
HELX_P HELX_P3  3  THR A 40  ? GLY A 51  ? THR A 39  GLY A 50  1 ? 12 
HELX_P HELX_P4  4  SER A 52  ? GLU A 63  ? SER A 51  GLU A 62  1 ? 12 
HELX_P HELX_P5  5  PRO A 69  ? ALA A 83  ? PRO A 68  ALA A 82  1 ? 15 
HELX_P HELX_P6  6  GLU A 99  ? ILE A 110 ? GLU A 98  ILE A 109 1 ? 12 
HELX_P HELX_P7  7  GLY A 122 ? GLY A 138 ? GLY A 121 GLY A 137 1 ? 17 
HELX_P HELX_P8  8  THR A 146 ? THR A 158 ? THR A 145 THR A 157 1 ? 13 
HELX_P HELX_P9  9  THR A 158 ? GLU A 166 ? THR A 157 GLU A 165 1 ? 9  
HELX_P HELX_P10 10 SER A 179 ? THR A 193 ? SER A 178 THR A 192 1 ? 15 
# 
_struct_conf_type.id          HELX_P 
_struct_conf_type.criteria    ? 
_struct_conf_type.reference   ? 
# 
_struct_conn.id                            covale1 
_struct_conn.conn_type_id                  covale 
_struct_conn.pdbx_leaving_atom_flag        both 
_struct_conn.pdbx_PDB_id                   ? 
_struct_conn.ptnr1_label_asym_id           A 
_struct_conn.ptnr1_label_comp_id           ACE 
_struct_conn.ptnr1_label_seq_id            1 
_struct_conn.ptnr1_label_atom_id           C 
_struct_conn.pdbx_ptnr1_label_alt_id       ? 
_struct_conn.pdbx_ptnr1_PDB_ins_code       ? 
_struct_conn.pdbx_ptnr1_standard_comp_id   ? 
_struct_conn.ptnr1_symmetry                1_555 
_struct_conn.ptnr2_label_asym_id           A 
_struct_conn.ptnr2_label_comp_id           MET 
_struct_conn.ptnr2_label_seq_id            2 
_struct_conn.ptnr2_label_atom_id           N 
_struct_conn.pdbx_ptnr2_label_alt_id       ? 
_struct_conn.pdbx_ptnr2_PDB_ins_code       ? 
_struct_conn.ptnr1_auth_asym_id            A 
_struct_conn.ptnr1_auth_comp_id            ACE 
_struct_conn.ptnr1_auth_seq_id             0 
_struct_conn.ptnr2_auth_asym_id            A 
_struct_conn.ptnr2_auth_comp_id            MET 
_struct_conn.ptnr2_auth_seq_id             1 
_struct_conn.ptnr2_symmetry                1_555 
_struct_conn.pdbx_ptnr3_label_atom_id      ? 
_struct_conn.pdbx_ptnr3_label_seq_id       ? 
_struct_conn.pdbx_ptnr3_label_comp_id      ? 
_struct_conn.pdbx_ptnr3_label_asym_id      ? 
_struct_conn.pdbx_ptnr3_label_alt_id       ? 
_struct_conn.pdbx_ptnr3_PDB_ins_code       ? 
_struct_conn.details                       ? 
_struct_conn.pdbx_dist_value               1.298 
_struct_conn.pdbx_value_order              ? 
_struct_conn.pdbx_role                     ? 
# 
_struct_conn_type.id          covale 
_struct_conn_type.criteria    ? 
_struct_conn_type.reference   ? 
# 
_pdbx_modification_feature.ordinal                            1 
_pdbx_modification_feature.label_comp_id                      ACE 
_pdbx_modification_feature.label_asym_id                      A 
_pdbx_modification_feature.label_seq_id                       1 
_pdbx_modification_feature.label_alt_id                       ? 
_pdbx_modification_feature.modified_residue_label_comp_id     MET 
_pdbx_modification_feature.modified_residue_label_asym_id     A 
_pdbx_modification_feature.modified_residue_label_seq_id      2 
_pdbx_modification_feature.modified_residue_label_alt_id      ? 
_pdbx_modification_feature.auth_comp_id                       ACE 
_pdbx_modification_feature.auth_asym_id                       A 
_pdbx_modification_feature.auth_seq_id                        0 
_pdbx_modification_feature.PDB_ins_code                       ? 
_pdbx_modification_feature.symmetry                           1_555 
_pdbx_modification_feature.modified_residue_auth_comp_id      MET 
_pdbx_modification_feature.modified_residue_auth_asym_id      A 
_pdbx_modification_feature.modified_residue_auth_seq_id       1 
_pdbx_modification_feature.modified_residue_PDB_ins_code      ? 
_pdbx_modification_feature.modified_residue_symmetry          1_555 
_pdbx_modification_feature.comp_id_linking_atom               . 
_pdbx_modification_feature.modified_residue_id_linking_atom   . 
_pdbx_modification_feature.modified_residue_id                MET 
_pdbx_modification_feature.ref_pcm_id                         4 
_pdbx_modification_feature.ref_comp_id                        ACE 
_pdbx_modification_feature.type                               None 
_pdbx_modification_feature.category                           'Terminal acetylation' 
# 
_struct_mon_prot_cis.pdbx_id                1 
_struct_mon_prot_cis.label_comp_id          TYR 
_struct_mon_prot_cis.label_seq_id           96 
_struct_mon_prot_cis.label_asym_id          A 
_struct_mon_prot_cis.label_alt_id           . 
_struct_mon_prot_cis.pdbx_PDB_ins_code      ? 
_struct_mon_prot_cis.auth_comp_id           TYR 
_struct_mon_prot_cis.auth_seq_id            95 
_struct_mon_prot_cis.auth_asym_id           A 
_struct_mon_prot_cis.pdbx_label_comp_id_2   PRO 
_struct_mon_prot_cis.pdbx_label_seq_id_2    97 
_struct_mon_prot_cis.pdbx_label_asym_id_2   A 
_struct_mon_prot_cis.pdbx_PDB_ins_code_2    ? 
_struct_mon_prot_cis.pdbx_auth_comp_id_2    PRO 
_struct_mon_prot_cis.pdbx_auth_seq_id_2     96 
_struct_mon_prot_cis.pdbx_auth_asym_id_2    A 
_struct_mon_prot_cis.pdbx_PDB_model_num     1 
_struct_mon_prot_cis.pdbx_omega_angle       4.11 
# 
_struct_sheet.id               A 
_struct_sheet.type             ? 
_struct_sheet.number_strands   5 
_struct_sheet.details          ? 
# 
loop_
_struct_sheet_order.sheet_id 
_struct_sheet_order.range_id_1 
_struct_sheet_order.range_id_2 
_struct_sheet_order.offset 
_struct_sheet_order.sense 
A 1 2 ? parallel 
A 2 3 ? parallel 
A 3 4 ? parallel 
A 4 5 ? parallel 
# 
loop_
_struct_sheet_range.sheet_id 
_struct_sheet_range.id 
_struct_sheet_range.beg_label_comp_id 
_struct_sheet_range.beg_label_asym_id 
_struct_sheet_range.beg_label_seq_id 
_struct_sheet_range.pdbx_beg_PDB_ins_code 
_struct_sheet_range.end_label_comp_id 
_struct_sheet_range.end_label_asym_id 
_struct_sheet_range.end_label_seq_id 
_struct_sheet_range.pdbx_end_PDB_ins_code 
_struct_sheet_range.beg_auth_comp_id 
_struct_sheet_range.beg_auth_asym_id 
_struct_sheet_range.beg_auth_seq_id 
_struct_sheet_range.end_auth_comp_id 
_struct_sheet_range.end_auth_asym_id 
_struct_sheet_range.end_auth_seq_id 
A 1 THR A 36  ? SER A 39  ? THR A 35  SER A 38  
A 2 PHE A 91  ? ASP A 94  ? PHE A 90  ASP A 93  
A 3 ILE A 11  ? GLY A 16  ? ILE A 10  GLY A 15  
A 4 LEU A 115 ? ASP A 120 ? LEU A 114 ASP A 119 
A 5 VAL A 171 ? ASN A 175 ? VAL A 170 ASN A 174 
# 
loop_
_pdbx_struct_sheet_hbond.sheet_id 
_pdbx_struct_sheet_hbond.range_id_1 
_pdbx_struct_sheet_hbond.range_id_2 
_pdbx_struct_sheet_hbond.range_1_label_atom_id 
_pdbx_struct_sheet_hbond.range_1_label_comp_id 
_pdbx_struct_sheet_hbond.range_1_label_asym_id 
_pdbx_struct_sheet_hbond.range_1_label_seq_id 
_pdbx_struct_sheet_hbond.range_1_PDB_ins_code 
_pdbx_struct_sheet_hbond.range_1_auth_atom_id 
_pdbx_struct_sheet_hbond.range_1_auth_comp_id 
_pdbx_struct_sheet_hbond.range_1_auth_asym_id 
_pdbx_struct_sheet_hbond.range_1_auth_seq_id 
_pdbx_struct_sheet_hbond.range_2_label_atom_id 
_pdbx_struct_sheet_hbond.range_2_label_comp_id 
_pdbx_struct_sheet_hbond.range_2_label_asym_id 
_pdbx_struct_sheet_hbond.range_2_label_seq_id 
_pdbx_struct_sheet_hbond.range_2_PDB_ins_code 
_pdbx_struct_sheet_hbond.range_2_auth_atom_id 
_pdbx_struct_sheet_hbond.range_2_auth_comp_id 
_pdbx_struct_sheet_hbond.range_2_auth_asym_id 
_pdbx_struct_sheet_hbond.range_2_auth_seq_id 
A 1 2 O THR A 36  ? O THR A 35  N LEU A 92  ? N LEU A 91  
A 2 3 N ILE A 93  ? N ILE A 92  O ILE A 12  ? O ILE A 11  
A 3 4 N PHE A 13  ? N PHE A 12  O LEU A 115 ? O LEU A 114 
A 4 5 O LEU A 116 ? O LEU A 115 N ARG A 172 ? N ARG A 171 
# 
loop_
_struct_site.id 
_struct_site.pdbx_evidence_code 
_struct_site.pdbx_auth_asym_id 
_struct_site.pdbx_auth_comp_id 
_struct_site.pdbx_auth_seq_id 
_struct_site.pdbx_auth_ins_code 
_struct_site.pdbx_num_residues 
_struct_site.details 
AC1 Software A SO4 195 ? 7 'BINDING SITE FOR RESIDUE SO4 A 195' 
AC2 Software A SO4 196 ? 6 'BINDING SITE FOR RESIDUE SO4 A 196' 
# 
loop_
_struct_site_gen.id 
_struct_site_gen.site_id 
_struct_site_gen.pdbx_num_res 
_struct_site_gen.label_comp_id 
_struct_site_gen.label_asym_id 
_struct_site_gen.label_seq_id 
_struct_site_gen.pdbx_auth_ins_code 
_struct_site_gen.auth_comp_id 
_struct_site_gen.auth_asym_id 
_struct_site_gen.auth_seq_id 
_struct_site_gen.label_atom_id 
_struct_site_gen.label_alt_id 
_struct_site_gen.symmetry 
_struct_site_gen.details 
1  AC1 7 GLY A 17  ? GLY A 16  . ? 1_555 ? 
2  AC1 7 GLY A 19  ? GLY A 18  . ? 1_555 ? 
3  AC1 7 SER A 20  ? SER A 19  . ? 1_555 ? 
4  AC1 7 GLY A 21  ? GLY A 20  . ? 1_555 ? 
5  AC1 7 LYS A 22  ? LYS A 21  . ? 1_555 ? 
6  AC1 7 GLY A 23  ? GLY A 22  . ? 1_555 ? 
7  AC1 7 ARG A 133 ? ARG A 132 . ? 1_555 ? 
8  AC2 6 LYS A 64  ? LYS A 63  . ? 6_555 ? 
9  AC2 6 GLN A 66  ? GLN A 65  . ? 6_555 ? 
10 AC2 6 LEU A 130 ? LEU A 129 . ? 1_555 ? 
11 AC2 6 ARG A 133 ? ARG A 132 . ? 1_555 ? 
12 AC2 6 ARG A 139 ? ARG A 138 . ? 1_555 ? 
13 AC2 6 ARG A 150 ? ARG A 149 . ? 1_555 ? 
# 
_pdbx_entry_details.entry_id                   3ADK 
_pdbx_entry_details.compound_details           ? 
_pdbx_entry_details.source_details             ? 
_pdbx_entry_details.nonpolymer_details         ? 
_pdbx_entry_details.sequence_details           ? 
_pdbx_entry_details.has_ligand_of_interest     ? 
_pdbx_entry_details.has_protein_modification   Y 
# 
loop_
_pdbx_validate_rmsd_bond.id 
_pdbx_validate_rmsd_bond.PDB_model_num 
_pdbx_validate_rmsd_bond.auth_atom_id_1 
_pdbx_validate_rmsd_bond.auth_asym_id_1 
_pdbx_validate_rmsd_bond.auth_comp_id_1 
_pdbx_validate_rmsd_bond.auth_seq_id_1 
_pdbx_validate_rmsd_bond.PDB_ins_code_1 
_pdbx_validate_rmsd_bond.label_alt_id_1 
_pdbx_validate_rmsd_bond.auth_atom_id_2 
_pdbx_validate_rmsd_bond.auth_asym_id_2 
_pdbx_validate_rmsd_bond.auth_comp_id_2 
_pdbx_validate_rmsd_bond.auth_seq_id_2 
_pdbx_validate_rmsd_bond.PDB_ins_code_2 
_pdbx_validate_rmsd_bond.label_alt_id_2 
_pdbx_validate_rmsd_bond.bond_value 
_pdbx_validate_rmsd_bond.bond_target_value 
_pdbx_validate_rmsd_bond.bond_deviation 
_pdbx_validate_rmsd_bond.bond_standard_deviation 
_pdbx_validate_rmsd_bond.linker_flag 
1  1 CD A GLU 2   ? ? OE1 A GLU 2   ? ? 1.184 1.252 -0.068 0.011 N 
2  1 CD A GLU 2   ? ? OE2 A GLU 2   ? ? 1.329 1.252 0.077  0.011 N 
3  1 CD A GLU 3   ? ? OE2 A GLU 3   ? ? 1.343 1.252 0.091  0.011 N 
4  1 CD A GLU 26  ? ? OE2 A GLU 26  ? ? 1.334 1.252 0.082  0.011 N 
5  1 CD A GLU 98  ? ? OE2 A GLU 98  ? ? 1.323 1.252 0.071  0.011 N 
6  1 CD A GLU 104 ? ? OE2 A GLU 104 ? ? 1.330 1.252 0.078  0.011 N 
7  1 CD A GLU 123 ? ? OE2 A GLU 123 ? ? 1.320 1.252 0.068  0.011 N 
8  1 CD A GLU 144 ? ? OE2 A GLU 144 ? ? 1.337 1.252 0.085  0.011 N 
9  1 CD A GLU 151 ? ? OE2 A GLU 151 ? ? 1.347 1.252 0.095  0.011 N 
10 1 CD A GLU 158 ? ? OE2 A GLU 158 ? ? 1.346 1.252 0.094  0.011 N 
11 1 CD A GLU 165 ? ? OE2 A GLU 165 ? ? 1.329 1.252 0.077  0.011 N 
# 
loop_
_pdbx_validate_rmsd_angle.id 
_pdbx_validate_rmsd_angle.PDB_model_num 
_pdbx_validate_rmsd_angle.auth_atom_id_1 
_pdbx_validate_rmsd_angle.auth_asym_id_1 
_pdbx_validate_rmsd_angle.auth_comp_id_1 
_pdbx_validate_rmsd_angle.auth_seq_id_1 
_pdbx_validate_rmsd_angle.PDB_ins_code_1 
_pdbx_validate_rmsd_angle.label_alt_id_1 
_pdbx_validate_rmsd_angle.auth_atom_id_2 
_pdbx_validate_rmsd_angle.auth_asym_id_2 
_pdbx_validate_rmsd_angle.auth_comp_id_2 
_pdbx_validate_rmsd_angle.auth_seq_id_2 
_pdbx_validate_rmsd_angle.PDB_ins_code_2 
_pdbx_validate_rmsd_angle.label_alt_id_2 
_pdbx_validate_rmsd_angle.auth_atom_id_3 
_pdbx_validate_rmsd_angle.auth_asym_id_3 
_pdbx_validate_rmsd_angle.auth_comp_id_3 
_pdbx_validate_rmsd_angle.auth_seq_id_3 
_pdbx_validate_rmsd_angle.PDB_ins_code_3 
_pdbx_validate_rmsd_angle.label_alt_id_3 
_pdbx_validate_rmsd_angle.angle_value 
_pdbx_validate_rmsd_angle.angle_target_value 
_pdbx_validate_rmsd_angle.angle_deviation 
_pdbx_validate_rmsd_angle.angle_standard_deviation 
_pdbx_validate_rmsd_angle.linker_flag 
1  1 N  A SER 38  ? ? CA A SER 38  ? ? CB  A SER 38  ? ? 119.92 110.50 9.42   1.50 N 
2  1 NE A ARG 44  ? ? CZ A ARG 44  ? ? NH1 A ARG 44  ? ? 124.43 120.30 4.13   0.50 N 
3  1 NE A ARG 53  ? ? CZ A ARG 53  ? ? NH1 A ARG 53  ? ? 124.04 120.30 3.74   0.50 N 
4  1 CB A ASP 74  ? ? CG A ASP 74  ? ? OD1 A ASP 74  ? ? 124.40 118.30 6.10   0.90 N 
5  1 CB A ASP 74  ? ? CG A ASP 74  ? ? OD2 A ASP 74  ? ? 109.74 118.30 -8.56  0.90 N 
6  1 CD A ARG 132 ? ? NE A ARG 132 ? ? CZ  A ARG 132 ? ? 132.05 123.60 8.45   1.40 N 
7  1 NE A ARG 132 ? ? CZ A ARG 132 ? ? NH1 A ARG 132 ? ? 126.43 120.30 6.13   0.50 N 
8  1 NE A ARG 132 ? ? CZ A ARG 132 ? ? NH2 A ARG 132 ? ? 115.10 120.30 -5.20  0.50 N 
9  1 N  A VAL 139 ? ? CA A VAL 139 ? ? CB  A VAL 139 ? ? 95.53  111.50 -15.97 2.20 N 
10 1 NE A ARG 167 ? ? CZ A ARG 167 ? ? NH2 A ARG 167 ? ? 117.01 120.30 -3.29  0.50 N 
11 1 NE A ARG 171 ? ? CZ A ARG 171 ? ? NH2 A ARG 171 ? ? 116.94 120.30 -3.36  0.50 N 
12 1 CA A VAL 186 ? ? CB A VAL 186 ? ? CG2 A VAL 186 ? ? 120.45 110.90 9.55   1.50 N 
13 1 CB A ASP 191 ? ? CG A ASP 191 ? ? OD1 A ASP 191 ? ? 124.75 118.30 6.45   0.90 N 
14 1 CB A ASP 191 ? ? CG A ASP 191 ? ? OD2 A ASP 191 ? ? 108.32 118.30 -9.98  0.90 N 
# 
loop_
_pdbx_validate_torsion.id 
_pdbx_validate_torsion.PDB_model_num 
_pdbx_validate_torsion.auth_comp_id 
_pdbx_validate_torsion.auth_asym_id 
_pdbx_validate_torsion.auth_seq_id 
_pdbx_validate_torsion.PDB_ins_code 
_pdbx_validate_torsion.label_alt_id 
_pdbx_validate_torsion.phi 
_pdbx_validate_torsion.psi 
1 1 LYS A 31  ? ? -78.27  -70.71 
2 1 TYR A 95  ? ? -179.46 125.41 
3 1 ILE A 109 ? ? -124.29 -84.51 
4 1 ARG A 138 ? ? -41.77  94.37  
5 1 VAL A 139 ? ? -51.16  -8.05  
6 1 ASP A 140 ? ? -36.67  135.21 
7 1 GLU A 143 ? ? -96.52  41.76  
8 1 GLU A 158 ? ? -49.08  -8.50  
9 1 ALA A 175 ? ? -97.80  36.53  
# 
_pdbx_database_remark.id     700 
_pdbx_database_remark.text   
;SHEET
SPECIFICATION OF THE HELICES AND SHEET STRANDS IS PROVIDED
IN THE PUBLICATION CITED ON THE *JRNL* RECORDS ABOVE.
;
# 
loop_
_chem_comp_atom.comp_id 
_chem_comp_atom.atom_id 
_chem_comp_atom.type_symbol 
_chem_comp_atom.pdbx_aromatic_flag 
_chem_comp_atom.pdbx_stereo_config 
_chem_comp_atom.pdbx_ordinal 
ACE C    C N N 1   
ACE O    O N N 2   
ACE CH3  C N N 3   
ACE H    H N N 4   
ACE H1   H N N 5   
ACE H2   H N N 6   
ACE H3   H N N 7   
ALA N    N N N 8   
ALA CA   C N S 9   
ALA C    C N N 10  
ALA O    O N N 11  
ALA CB   C N N 12  
ALA OXT  O N N 13  
ALA H    H N N 14  
ALA H2   H N N 15  
ALA HA   H N N 16  
ALA HB1  H N N 17  
ALA HB2  H N N 18  
ALA HB3  H N N 19  
ALA HXT  H N N 20  
ARG N    N N N 21  
ARG CA   C N S 22  
ARG C    C N N 23  
ARG O    O N N 24  
ARG CB   C N N 25  
ARG CG   C N N 26  
ARG CD   C N N 27  
ARG NE   N N N 28  
ARG CZ   C N N 29  
ARG NH1  N N N 30  
ARG NH2  N N N 31  
ARG OXT  O N N 32  
ARG H    H N N 33  
ARG H2   H N N 34  
ARG HA   H N N 35  
ARG HB2  H N N 36  
ARG HB3  H N N 37  
ARG HG2  H N N 38  
ARG HG3  H N N 39  
ARG HD2  H N N 40  
ARG HD3  H N N 41  
ARG HE   H N N 42  
ARG HH11 H N N 43  
ARG HH12 H N N 44  
ARG HH21 H N N 45  
ARG HH22 H N N 46  
ARG HXT  H N N 47  
ASN N    N N N 48  
ASN CA   C N S 49  
ASN C    C N N 50  
ASN O    O N N 51  
ASN CB   C N N 52  
ASN CG   C N N 53  
ASN OD1  O N N 54  
ASN ND2  N N N 55  
ASN OXT  O N N 56  
ASN H    H N N 57  
ASN H2   H N N 58  
ASN HA   H N N 59  
ASN HB2  H N N 60  
ASN HB3  H N N 61  
ASN HD21 H N N 62  
ASN HD22 H N N 63  
ASN HXT  H N N 64  
ASP N    N N N 65  
ASP CA   C N S 66  
ASP C    C N N 67  
ASP O    O N N 68  
ASP CB   C N N 69  
ASP CG   C N N 70  
ASP OD1  O N N 71  
ASP OD2  O N N 72  
ASP OXT  O N N 73  
ASP H    H N N 74  
ASP H2   H N N 75  
ASP HA   H N N 76  
ASP HB2  H N N 77  
ASP HB3  H N N 78  
ASP HD2  H N N 79  
ASP HXT  H N N 80  
CYS N    N N N 81  
CYS CA   C N R 82  
CYS C    C N N 83  
CYS O    O N N 84  
CYS CB   C N N 85  
CYS SG   S N N 86  
CYS OXT  O N N 87  
CYS H    H N N 88  
CYS H2   H N N 89  
CYS HA   H N N 90  
CYS HB2  H N N 91  
CYS HB3  H N N 92  
CYS HG   H N N 93  
CYS HXT  H N N 94  
GLN N    N N N 95  
GLN CA   C N S 96  
GLN C    C N N 97  
GLN O    O N N 98  
GLN CB   C N N 99  
GLN CG   C N N 100 
GLN CD   C N N 101 
GLN OE1  O N N 102 
GLN NE2  N N N 103 
GLN OXT  O N N 104 
GLN H    H N N 105 
GLN H2   H N N 106 
GLN HA   H N N 107 
GLN HB2  H N N 108 
GLN HB3  H N N 109 
GLN HG2  H N N 110 
GLN HG3  H N N 111 
GLN HE21 H N N 112 
GLN HE22 H N N 113 
GLN HXT  H N N 114 
GLU N    N N N 115 
GLU CA   C N S 116 
GLU C    C N N 117 
GLU O    O N N 118 
GLU CB   C N N 119 
GLU CG   C N N 120 
GLU CD   C N N 121 
GLU OE1  O N N 122 
GLU OE2  O N N 123 
GLU OXT  O N N 124 
GLU H    H N N 125 
GLU H2   H N N 126 
GLU HA   H N N 127 
GLU HB2  H N N 128 
GLU HB3  H N N 129 
GLU HG2  H N N 130 
GLU HG3  H N N 131 
GLU HE2  H N N 132 
GLU HXT  H N N 133 
GLY N    N N N 134 
GLY CA   C N N 135 
GLY C    C N N 136 
GLY O    O N N 137 
GLY OXT  O N N 138 
GLY H    H N N 139 
GLY H2   H N N 140 
GLY HA2  H N N 141 
GLY HA3  H N N 142 
GLY HXT  H N N 143 
HIS N    N N N 144 
HIS CA   C N S 145 
HIS C    C N N 146 
HIS O    O N N 147 
HIS CB   C N N 148 
HIS CG   C Y N 149 
HIS ND1  N Y N 150 
HIS CD2  C Y N 151 
HIS CE1  C Y N 152 
HIS NE2  N Y N 153 
HIS OXT  O N N 154 
HIS H    H N N 155 
HIS H2   H N N 156 
HIS HA   H N N 157 
HIS HB2  H N N 158 
HIS HB3  H N N 159 
HIS HD1  H N N 160 
HIS HD2  H N N 161 
HIS HE1  H N N 162 
HIS HE2  H N N 163 
HIS HXT  H N N 164 
ILE N    N N N 165 
ILE CA   C N S 166 
ILE C    C N N 167 
ILE O    O N N 168 
ILE CB   C N S 169 
ILE CG1  C N N 170 
ILE CG2  C N N 171 
ILE CD1  C N N 172 
ILE OXT  O N N 173 
ILE H    H N N 174 
ILE H2   H N N 175 
ILE HA   H N N 176 
ILE HB   H N N 177 
ILE HG12 H N N 178 
ILE HG13 H N N 179 
ILE HG21 H N N 180 
ILE HG22 H N N 181 
ILE HG23 H N N 182 
ILE HD11 H N N 183 
ILE HD12 H N N 184 
ILE HD13 H N N 185 
ILE HXT  H N N 186 
LEU N    N N N 187 
LEU CA   C N S 188 
LEU C    C N N 189 
LEU O    O N N 190 
LEU CB   C N N 191 
LEU CG   C N N 192 
LEU CD1  C N N 193 
LEU CD2  C N N 194 
LEU OXT  O N N 195 
LEU H    H N N 196 
LEU H2   H N N 197 
LEU HA   H N N 198 
LEU HB2  H N N 199 
LEU HB3  H N N 200 
LEU HG   H N N 201 
LEU HD11 H N N 202 
LEU HD12 H N N 203 
LEU HD13 H N N 204 
LEU HD21 H N N 205 
LEU HD22 H N N 206 
LEU HD23 H N N 207 
LEU HXT  H N N 208 
LYS N    N N N 209 
LYS CA   C N S 210 
LYS C    C N N 211 
LYS O    O N N 212 
LYS CB   C N N 213 
LYS CG   C N N 214 
LYS CD   C N N 215 
LYS CE   C N N 216 
LYS NZ   N N N 217 
LYS OXT  O N N 218 
LYS H    H N N 219 
LYS H2   H N N 220 
LYS HA   H N N 221 
LYS HB2  H N N 222 
LYS HB3  H N N 223 
LYS HG2  H N N 224 
LYS HG3  H N N 225 
LYS HD2  H N N 226 
LYS HD3  H N N 227 
LYS HE2  H N N 228 
LYS HE3  H N N 229 
LYS HZ1  H N N 230 
LYS HZ2  H N N 231 
LYS HZ3  H N N 232 
LYS HXT  H N N 233 
MET N    N N N 234 
MET CA   C N S 235 
MET C    C N N 236 
MET O    O N N 237 
MET CB   C N N 238 
MET CG   C N N 239 
MET SD   S N N 240 
MET CE   C N N 241 
MET OXT  O N N 242 
MET H    H N N 243 
MET H2   H N N 244 
MET HA   H N N 245 
MET HB2  H N N 246 
MET HB3  H N N 247 
MET HG2  H N N 248 
MET HG3  H N N 249 
MET HE1  H N N 250 
MET HE2  H N N 251 
MET HE3  H N N 252 
MET HXT  H N N 253 
PHE N    N N N 254 
PHE CA   C N S 255 
PHE C    C N N 256 
PHE O    O N N 257 
PHE CB   C N N 258 
PHE CG   C Y N 259 
PHE CD1  C Y N 260 
PHE CD2  C Y N 261 
PHE CE1  C Y N 262 
PHE CE2  C Y N 263 
PHE CZ   C Y N 264 
PHE OXT  O N N 265 
PHE H    H N N 266 
PHE H2   H N N 267 
PHE HA   H N N 268 
PHE HB2  H N N 269 
PHE HB3  H N N 270 
PHE HD1  H N N 271 
PHE HD2  H N N 272 
PHE HE1  H N N 273 
PHE HE2  H N N 274 
PHE HZ   H N N 275 
PHE HXT  H N N 276 
PRO N    N N N 277 
PRO CA   C N S 278 
PRO C    C N N 279 
PRO O    O N N 280 
PRO CB   C N N 281 
PRO CG   C N N 282 
PRO CD   C N N 283 
PRO OXT  O N N 284 
PRO H    H N N 285 
PRO HA   H N N 286 
PRO HB2  H N N 287 
PRO HB3  H N N 288 
PRO HG2  H N N 289 
PRO HG3  H N N 290 
PRO HD2  H N N 291 
PRO HD3  H N N 292 
PRO HXT  H N N 293 
SER N    N N N 294 
SER CA   C N S 295 
SER C    C N N 296 
SER O    O N N 297 
SER CB   C N N 298 
SER OG   O N N 299 
SER OXT  O N N 300 
SER H    H N N 301 
SER H2   H N N 302 
SER HA   H N N 303 
SER HB2  H N N 304 
SER HB3  H N N 305 
SER HG   H N N 306 
SER HXT  H N N 307 
SO4 S    S N N 308 
SO4 O1   O N N 309 
SO4 O2   O N N 310 
SO4 O3   O N N 311 
SO4 O4   O N N 312 
THR N    N N N 313 
THR CA   C N S 314 
THR C    C N N 315 
THR O    O N N 316 
THR CB   C N R 317 
THR OG1  O N N 318 
THR CG2  C N N 319 
THR OXT  O N N 320 
THR H    H N N 321 
THR H2   H N N 322 
THR HA   H N N 323 
THR HB   H N N 324 
THR HG1  H N N 325 
THR HG21 H N N 326 
THR HG22 H N N 327 
THR HG23 H N N 328 
THR HXT  H N N 329 
TYR N    N N N 330 
TYR CA   C N S 331 
TYR C    C N N 332 
TYR O    O N N 333 
TYR CB   C N N 334 
TYR CG   C Y N 335 
TYR CD1  C Y N 336 
TYR CD2  C Y N 337 
TYR CE1  C Y N 338 
TYR CE2  C Y N 339 
TYR CZ   C Y N 340 
TYR OH   O N N 341 
TYR OXT  O N N 342 
TYR H    H N N 343 
TYR H2   H N N 344 
TYR HA   H N N 345 
TYR HB2  H N N 346 
TYR HB3  H N N 347 
TYR HD1  H N N 348 
TYR HD2  H N N 349 
TYR HE1  H N N 350 
TYR HE2  H N N 351 
TYR HH   H N N 352 
TYR HXT  H N N 353 
VAL N    N N N 354 
VAL CA   C N S 355 
VAL C    C N N 356 
VAL O    O N N 357 
VAL CB   C N N 358 
VAL CG1  C N N 359 
VAL CG2  C N N 360 
VAL OXT  O N N 361 
VAL H    H N N 362 
VAL H2   H N N 363 
VAL HA   H N N 364 
VAL HB   H N N 365 
VAL HG11 H N N 366 
VAL HG12 H N N 367 
VAL HG13 H N N 368 
VAL HG21 H N N 369 
VAL HG22 H N N 370 
VAL HG23 H N N 371 
VAL HXT  H N N 372 
# 
loop_
_chem_comp_bond.comp_id 
_chem_comp_bond.atom_id_1 
_chem_comp_bond.atom_id_2 
_chem_comp_bond.value_order 
_chem_comp_bond.pdbx_aromatic_flag 
_chem_comp_bond.pdbx_stereo_config 
_chem_comp_bond.pdbx_ordinal 
ACE C   O    doub N N 1   
ACE C   CH3  sing N N 2   
ACE C   H    sing N N 3   
ACE CH3 H1   sing N N 4   
ACE CH3 H2   sing N N 5   
ACE CH3 H3   sing N N 6   
ALA N   CA   sing N N 7   
ALA N   H    sing N N 8   
ALA N   H2   sing N N 9   
ALA CA  C    sing N N 10  
ALA CA  CB   sing N N 11  
ALA CA  HA   sing N N 12  
ALA C   O    doub N N 13  
ALA C   OXT  sing N N 14  
ALA CB  HB1  sing N N 15  
ALA CB  HB2  sing N N 16  
ALA CB  HB3  sing N N 17  
ALA OXT HXT  sing N N 18  
ARG N   CA   sing N N 19  
ARG N   H    sing N N 20  
ARG N   H2   sing N N 21  
ARG CA  C    sing N N 22  
ARG CA  CB   sing N N 23  
ARG CA  HA   sing N N 24  
ARG C   O    doub N N 25  
ARG C   OXT  sing N N 26  
ARG CB  CG   sing N N 27  
ARG CB  HB2  sing N N 28  
ARG CB  HB3  sing N N 29  
ARG CG  CD   sing N N 30  
ARG CG  HG2  sing N N 31  
ARG CG  HG3  sing N N 32  
ARG CD  NE   sing N N 33  
ARG CD  HD2  sing N N 34  
ARG CD  HD3  sing N N 35  
ARG NE  CZ   sing N N 36  
ARG NE  HE   sing N N 37  
ARG CZ  NH1  sing N N 38  
ARG CZ  NH2  doub N N 39  
ARG NH1 HH11 sing N N 40  
ARG NH1 HH12 sing N N 41  
ARG NH2 HH21 sing N N 42  
ARG NH2 HH22 sing N N 43  
ARG OXT HXT  sing N N 44  
ASN N   CA   sing N N 45  
ASN N   H    sing N N 46  
ASN N   H2   sing N N 47  
ASN CA  C    sing N N 48  
ASN CA  CB   sing N N 49  
ASN CA  HA   sing N N 50  
ASN C   O    doub N N 51  
ASN C   OXT  sing N N 52  
ASN CB  CG   sing N N 53  
ASN CB  HB2  sing N N 54  
ASN CB  HB3  sing N N 55  
ASN CG  OD1  doub N N 56  
ASN CG  ND2  sing N N 57  
ASN ND2 HD21 sing N N 58  
ASN ND2 HD22 sing N N 59  
ASN OXT HXT  sing N N 60  
ASP N   CA   sing N N 61  
ASP N   H    sing N N 62  
ASP N   H2   sing N N 63  
ASP CA  C    sing N N 64  
ASP CA  CB   sing N N 65  
ASP CA  HA   sing N N 66  
ASP C   O    doub N N 67  
ASP C   OXT  sing N N 68  
ASP CB  CG   sing N N 69  
ASP CB  HB2  sing N N 70  
ASP CB  HB3  sing N N 71  
ASP CG  OD1  doub N N 72  
ASP CG  OD2  sing N N 73  
ASP OD2 HD2  sing N N 74  
ASP OXT HXT  sing N N 75  
CYS N   CA   sing N N 76  
CYS N   H    sing N N 77  
CYS N   H2   sing N N 78  
CYS CA  C    sing N N 79  
CYS CA  CB   sing N N 80  
CYS CA  HA   sing N N 81  
CYS C   O    doub N N 82  
CYS C   OXT  sing N N 83  
CYS CB  SG   sing N N 84  
CYS CB  HB2  sing N N 85  
CYS CB  HB3  sing N N 86  
CYS SG  HG   sing N N 87  
CYS OXT HXT  sing N N 88  
GLN N   CA   sing N N 89  
GLN N   H    sing N N 90  
GLN N   H2   sing N N 91  
GLN CA  C    sing N N 92  
GLN CA  CB   sing N N 93  
GLN CA  HA   sing N N 94  
GLN C   O    doub N N 95  
GLN C   OXT  sing N N 96  
GLN CB  CG   sing N N 97  
GLN CB  HB2  sing N N 98  
GLN CB  HB3  sing N N 99  
GLN CG  CD   sing N N 100 
GLN CG  HG2  sing N N 101 
GLN CG  HG3  sing N N 102 
GLN CD  OE1  doub N N 103 
GLN CD  NE2  sing N N 104 
GLN NE2 HE21 sing N N 105 
GLN NE2 HE22 sing N N 106 
GLN OXT HXT  sing N N 107 
GLU N   CA   sing N N 108 
GLU N   H    sing N N 109 
GLU N   H2   sing N N 110 
GLU CA  C    sing N N 111 
GLU CA  CB   sing N N 112 
GLU CA  HA   sing N N 113 
GLU C   O    doub N N 114 
GLU C   OXT  sing N N 115 
GLU CB  CG   sing N N 116 
GLU CB  HB2  sing N N 117 
GLU CB  HB3  sing N N 118 
GLU CG  CD   sing N N 119 
GLU CG  HG2  sing N N 120 
GLU CG  HG3  sing N N 121 
GLU CD  OE1  doub N N 122 
GLU CD  OE2  sing N N 123 
GLU OE2 HE2  sing N N 124 
GLU OXT HXT  sing N N 125 
GLY N   CA   sing N N 126 
GLY N   H    sing N N 127 
GLY N   H2   sing N N 128 
GLY CA  C    sing N N 129 
GLY CA  HA2  sing N N 130 
GLY CA  HA3  sing N N 131 
GLY C   O    doub N N 132 
GLY C   OXT  sing N N 133 
GLY OXT HXT  sing N N 134 
HIS N   CA   sing N N 135 
HIS N   H    sing N N 136 
HIS N   H2   sing N N 137 
HIS CA  C    sing N N 138 
HIS CA  CB   sing N N 139 
HIS CA  HA   sing N N 140 
HIS C   O    doub N N 141 
HIS C   OXT  sing N N 142 
HIS CB  CG   sing N N 143 
HIS CB  HB2  sing N N 144 
HIS CB  HB3  sing N N 145 
HIS CG  ND1  sing Y N 146 
HIS CG  CD2  doub Y N 147 
HIS ND1 CE1  doub Y N 148 
HIS ND1 HD1  sing N N 149 
HIS CD2 NE2  sing Y N 150 
HIS CD2 HD2  sing N N 151 
HIS CE1 NE2  sing Y N 152 
HIS CE1 HE1  sing N N 153 
HIS NE2 HE2  sing N N 154 
HIS OXT HXT  sing N N 155 
ILE N   CA   sing N N 156 
ILE N   H    sing N N 157 
ILE N   H2   sing N N 158 
ILE CA  C    sing N N 159 
ILE CA  CB   sing N N 160 
ILE CA  HA   sing N N 161 
ILE C   O    doub N N 162 
ILE C   OXT  sing N N 163 
ILE CB  CG1  sing N N 164 
ILE CB  CG2  sing N N 165 
ILE CB  HB   sing N N 166 
ILE CG1 CD1  sing N N 167 
ILE CG1 HG12 sing N N 168 
ILE CG1 HG13 sing N N 169 
ILE CG2 HG21 sing N N 170 
ILE CG2 HG22 sing N N 171 
ILE CG2 HG23 sing N N 172 
ILE CD1 HD11 sing N N 173 
ILE CD1 HD12 sing N N 174 
ILE CD1 HD13 sing N N 175 
ILE OXT HXT  sing N N 176 
LEU N   CA   sing N N 177 
LEU N   H    sing N N 178 
LEU N   H2   sing N N 179 
LEU CA  C    sing N N 180 
LEU CA  CB   sing N N 181 
LEU CA  HA   sing N N 182 
LEU C   O    doub N N 183 
LEU C   OXT  sing N N 184 
LEU CB  CG   sing N N 185 
LEU CB  HB2  sing N N 186 
LEU CB  HB3  sing N N 187 
LEU CG  CD1  sing N N 188 
LEU CG  CD2  sing N N 189 
LEU CG  HG   sing N N 190 
LEU CD1 HD11 sing N N 191 
LEU CD1 HD12 sing N N 192 
LEU CD1 HD13 sing N N 193 
LEU CD2 HD21 sing N N 194 
LEU CD2 HD22 sing N N 195 
LEU CD2 HD23 sing N N 196 
LEU OXT HXT  sing N N 197 
LYS N   CA   sing N N 198 
LYS N   H    sing N N 199 
LYS N   H2   sing N N 200 
LYS CA  C    sing N N 201 
LYS CA  CB   sing N N 202 
LYS CA  HA   sing N N 203 
LYS C   O    doub N N 204 
LYS C   OXT  sing N N 205 
LYS CB  CG   sing N N 206 
LYS CB  HB2  sing N N 207 
LYS CB  HB3  sing N N 208 
LYS CG  CD   sing N N 209 
LYS CG  HG2  sing N N 210 
LYS CG  HG3  sing N N 211 
LYS CD  CE   sing N N 212 
LYS CD  HD2  sing N N 213 
LYS CD  HD3  sing N N 214 
LYS CE  NZ   sing N N 215 
LYS CE  HE2  sing N N 216 
LYS CE  HE3  sing N N 217 
LYS NZ  HZ1  sing N N 218 
LYS NZ  HZ2  sing N N 219 
LYS NZ  HZ3  sing N N 220 
LYS OXT HXT  sing N N 221 
MET N   CA   sing N N 222 
MET N   H    sing N N 223 
MET N   H2   sing N N 224 
MET CA  C    sing N N 225 
MET CA  CB   sing N N 226 
MET CA  HA   sing N N 227 
MET C   O    doub N N 228 
MET C   OXT  sing N N 229 
MET CB  CG   sing N N 230 
MET CB  HB2  sing N N 231 
MET CB  HB3  sing N N 232 
MET CG  SD   sing N N 233 
MET CG  HG2  sing N N 234 
MET CG  HG3  sing N N 235 
MET SD  CE   sing N N 236 
MET CE  HE1  sing N N 237 
MET CE  HE2  sing N N 238 
MET CE  HE3  sing N N 239 
MET OXT HXT  sing N N 240 
PHE N   CA   sing N N 241 
PHE N   H    sing N N 242 
PHE N   H2   sing N N 243 
PHE CA  C    sing N N 244 
PHE CA  CB   sing N N 245 
PHE CA  HA   sing N N 246 
PHE C   O    doub N N 247 
PHE C   OXT  sing N N 248 
PHE CB  CG   sing N N 249 
PHE CB  HB2  sing N N 250 
PHE CB  HB3  sing N N 251 
PHE CG  CD1  doub Y N 252 
PHE CG  CD2  sing Y N 253 
PHE CD1 CE1  sing Y N 254 
PHE CD1 HD1  sing N N 255 
PHE CD2 CE2  doub Y N 256 
PHE CD2 HD2  sing N N 257 
PHE CE1 CZ   doub Y N 258 
PHE CE1 HE1  sing N N 259 
PHE CE2 CZ   sing Y N 260 
PHE CE2 HE2  sing N N 261 
PHE CZ  HZ   sing N N 262 
PHE OXT HXT  sing N N 263 
PRO N   CA   sing N N 264 
PRO N   CD   sing N N 265 
PRO N   H    sing N N 266 
PRO CA  C    sing N N 267 
PRO CA  CB   sing N N 268 
PRO CA  HA   sing N N 269 
PRO C   O    doub N N 270 
PRO C   OXT  sing N N 271 
PRO CB  CG   sing N N 272 
PRO CB  HB2  sing N N 273 
PRO CB  HB3  sing N N 274 
PRO CG  CD   sing N N 275 
PRO CG  HG2  sing N N 276 
PRO CG  HG3  sing N N 277 
PRO CD  HD2  sing N N 278 
PRO CD  HD3  sing N N 279 
PRO OXT HXT  sing N N 280 
SER N   CA   sing N N 281 
SER N   H    sing N N 282 
SER N   H2   sing N N 283 
SER CA  C    sing N N 284 
SER CA  CB   sing N N 285 
SER CA  HA   sing N N 286 
SER C   O    doub N N 287 
SER C   OXT  sing N N 288 
SER CB  OG   sing N N 289 
SER CB  HB2  sing N N 290 
SER CB  HB3  sing N N 291 
SER OG  HG   sing N N 292 
SER OXT HXT  sing N N 293 
SO4 S   O1   doub N N 294 
SO4 S   O2   doub N N 295 
SO4 S   O3   sing N N 296 
SO4 S   O4   sing N N 297 
THR N   CA   sing N N 298 
THR N   H    sing N N 299 
THR N   H2   sing N N 300 
THR CA  C    sing N N 301 
THR CA  CB   sing N N 302 
THR CA  HA   sing N N 303 
THR C   O    doub N N 304 
THR C   OXT  sing N N 305 
THR CB  OG1  sing N N 306 
THR CB  CG2  sing N N 307 
THR CB  HB   sing N N 308 
THR OG1 HG1  sing N N 309 
THR CG2 HG21 sing N N 310 
THR CG2 HG22 sing N N 311 
THR CG2 HG23 sing N N 312 
THR OXT HXT  sing N N 313 
TYR N   CA   sing N N 314 
TYR N   H    sing N N 315 
TYR N   H2   sing N N 316 
TYR CA  C    sing N N 317 
TYR CA  CB   sing N N 318 
TYR CA  HA   sing N N 319 
TYR C   O    doub N N 320 
TYR C   OXT  sing N N 321 
TYR CB  CG   sing N N 322 
TYR CB  HB2  sing N N 323 
TYR CB  HB3  sing N N 324 
TYR CG  CD1  doub Y N 325 
TYR CG  CD2  sing Y N 326 
TYR CD1 CE1  sing Y N 327 
TYR CD1 HD1  sing N N 328 
TYR CD2 CE2  doub Y N 329 
TYR CD2 HD2  sing N N 330 
TYR CE1 CZ   doub Y N 331 
TYR CE1 HE1  sing N N 332 
TYR CE2 CZ   sing Y N 333 
TYR CE2 HE2  sing N N 334 
TYR CZ  OH   sing N N 335 
TYR OH  HH   sing N N 336 
TYR OXT HXT  sing N N 337 
VAL N   CA   sing N N 338 
VAL N   H    sing N N 339 
VAL N   H2   sing N N 340 
VAL CA  C    sing N N 341 
VAL CA  CB   sing N N 342 
VAL CA  HA   sing N N 343 
VAL C   O    doub N N 344 
VAL C   OXT  sing N N 345 
VAL CB  CG1  sing N N 346 
VAL CB  CG2  sing N N 347 
VAL CB  HB   sing N N 348 
VAL CG1 HG11 sing N N 349 
VAL CG1 HG12 sing N N 350 
VAL CG1 HG13 sing N N 351 
VAL CG2 HG21 sing N N 352 
VAL CG2 HG22 sing N N 353 
VAL CG2 HG23 sing N N 354 
VAL OXT HXT  sing N N 355 
# 
_atom_sites.entry_id                    3ADK 
_atom_sites.fract_transf_matrix[1][1]   -0.01577072 
_atom_sites.fract_transf_matrix[1][2]   -0.01741302 
_atom_sites.fract_transf_matrix[1][3]   -0.00386260 
_atom_sites.fract_transf_matrix[2][1]   0.00233739 
_atom_sites.fract_transf_matrix[2][2]   -0.01418271 
_atom_sites.fract_transf_matrix[2][3]   -0.01897915 
_atom_sites.fract_transf_matrix[3][1]   0.00398307 
_atom_sites.fract_transf_matrix[3][2]   -0.00445464 
_atom_sites.fract_transf_matrix[3][3]   0.00381940 
_atom_sites.fract_transf_vector[1]      -0.340036 
_atom_sites.fract_transf_vector[2]      -0.043258 
_atom_sites.fract_transf_vector[3]      0.112111 
# 
_atom_sites_footnote.id     1 
_atom_sites_footnote.text   'RESIDUE 96 IS A CIS PROLINE.' 
# 
loop_
_atom_type.symbol 
C 
N 
O 
S 
# 
loop_
_atom_site.group_PDB 
_atom_site.id 
_atom_site.type_symbol 
_atom_site.label_atom_id 
_atom_site.label_alt_id 
_atom_site.label_comp_id 
_atom_site.label_asym_id 
_atom_site.label_entity_id 
_atom_site.label_seq_id 
_atom_site.pdbx_PDB_ins_code 
_atom_site.Cartn_x 
_atom_site.Cartn_y 
_atom_site.Cartn_z 
_atom_site.occupancy 
_atom_site.B_iso_or_equiv 
_atom_site.pdbx_formal_charge 
_atom_site.auth_seq_id 
_atom_site.auth_comp_id 
_atom_site.auth_asym_id 
_atom_site.auth_atom_id 
_atom_site.pdbx_PDB_model_num 
HETATM 1    C C   . ACE A 1 1   ? -18.169 14.790  -8.781  1.00 10.65 ? 0   ACE A C   1 
HETATM 2    O O   . ACE A 1 1   ? -17.037 15.224  -8.861  1.00 14.48 ? 0   ACE A O   1 
HETATM 3    C CH3 . ACE A 1 1   ? -19.369 15.527  -9.367  1.00 5.88  ? 0   ACE A CH3 1 
ATOM   4    N N   . MET A 1 2   ? -18.449 13.663  -8.200  1.00 17.42 ? 1   MET A N   1 
ATOM   5    C CA  . MET A 1 2   ? -17.514 12.864  -7.447  1.00 19.10 ? 1   MET A CA  1 
ATOM   6    C C   . MET A 1 2   ? -16.584 11.963  -8.310  1.00 28.46 ? 1   MET A C   1 
ATOM   7    O O   . MET A 1 2   ? -15.544 11.439  -7.839  1.00 28.58 ? 1   MET A O   1 
ATOM   8    C CB  . MET A 1 2   ? -18.351 12.061  -6.428  1.00 13.57 ? 1   MET A CB  1 
ATOM   9    C CG  . MET A 1 2   ? -17.451 11.463  -5.366  1.00 12.10 ? 1   MET A CG  1 
ATOM   10   S SD  . MET A 1 2   ? -17.022 12.645  -4.129  1.00 20.80 ? 1   MET A SD  1 
ATOM   11   C CE  . MET A 1 2   ? -15.660 13.341  -4.996  1.00 25.50 ? 1   MET A CE  1 
ATOM   12   N N   . GLU A 1 3   ? -17.028 11.676  -9.566  1.00 32.57 ? 2   GLU A N   1 
ATOM   13   C CA  . GLU A 1 3   ? -16.177 10.917  -10.483 1.00 26.73 ? 2   GLU A CA  1 
ATOM   14   C C   . GLU A 1 3   ? -14.910 11.695  -10.720 1.00 22.22 ? 2   GLU A C   1 
ATOM   15   O O   . GLU A 1 3   ? -13.825 11.158  -10.493 1.00 27.78 ? 2   GLU A O   1 
ATOM   16   C CB  . GLU A 1 3   ? -16.802 10.392  -11.825 1.00 23.27 ? 2   GLU A CB  1 
ATOM   17   C CG  . GLU A 1 3   ? -18.306 10.013  -11.772 1.00 29.20 ? 2   GLU A CG  1 
ATOM   18   C CD  . GLU A 1 3   ? -18.716 8.573   -12.181 1.00 27.48 ? 2   GLU A CD  1 
ATOM   19   O OE1 . GLU A 1 3   ? -19.242 8.333   -13.215 1.00 19.17 ? 2   GLU A OE1 1 
ATOM   20   O OE2 . GLU A 1 3   ? -18.591 7.633   -11.249 1.00 33.27 ? 2   GLU A OE2 1 
ATOM   21   N N   . GLU A 1 4   ? -15.106 12.990  -11.098 1.00 16.85 ? 3   GLU A N   1 
ATOM   22   C CA  . GLU A 1 4   ? -14.078 13.948  -11.462 1.00 23.29 ? 3   GLU A CA  1 
ATOM   23   C C   . GLU A 1 4   ? -13.329 14.522  -10.277 1.00 23.47 ? 3   GLU A C   1 
ATOM   24   O O   . GLU A 1 4   ? -12.118 14.757  -10.352 1.00 24.13 ? 3   GLU A O   1 
ATOM   25   C CB  . GLU A 1 4   ? -14.527 15.098  -12.416 1.00 31.60 ? 3   GLU A CB  1 
ATOM   26   C CG  . GLU A 1 4   ? -15.270 14.724  -13.715 1.00 33.73 ? 3   GLU A CG  1 
ATOM   27   C CD  . GLU A 1 4   ? -14.560 13.774  -14.632 1.00 31.47 ? 3   GLU A CD  1 
ATOM   28   O OE1 . GLU A 1 4   ? -13.640 14.156  -15.362 1.00 41.30 ? 3   GLU A OE1 1 
ATOM   29   O OE2 . GLU A 1 4   ? -15.140 12.563  -14.667 1.00 24.58 ? 3   GLU A OE2 1 
ATOM   30   N N   . LYS A 1 5   ? -14.022 14.776  -9.197  1.00 11.17 ? 4   LYS A N   1 
ATOM   31   C CA  . LYS A 1 5   ? -13.342 15.238  -8.094  1.00 6.63  ? 4   LYS A CA  1 
ATOM   32   C C   . LYS A 1 5   ? -12.302 14.231  -7.660  1.00 13.20 ? 4   LYS A C   1 
ATOM   33   O O   . LYS A 1 5   ? -11.314 14.615  -7.042  1.00 16.79 ? 4   LYS A O   1 
ATOM   34   C CB  . LYS A 1 5   ? -14.359 15.278  -6.995  1.00 19.14 ? 4   LYS A CB  1 
ATOM   35   C CG  . LYS A 1 5   ? -14.118 16.356  -5.968  1.00 24.06 ? 4   LYS A CG  1 
ATOM   36   C CD  . LYS A 1 5   ? -15.326 16.592  -5.104  1.00 21.17 ? 4   LYS A CD  1 
ATOM   37   C CE  . LYS A 1 5   ? -16.465 17.280  -5.839  1.00 31.02 ? 4   LYS A CE  1 
ATOM   38   N NZ  . LYS A 1 5   ? -17.801 16.914  -5.297  1.00 39.26 ? 4   LYS A NZ  1 
ATOM   39   N N   . LEU A 1 6   ? -12.605 12.930  -7.853  1.00 9.82  ? 5   LEU A N   1 
ATOM   40   C CA  . LEU A 1 6   ? -11.641 11.848  -7.515  1.00 20.10 ? 5   LEU A CA  1 
ATOM   41   C C   . LEU A 1 6   ? -10.465 11.739  -8.523  1.00 23.73 ? 5   LEU A C   1 
ATOM   42   O O   . LEU A 1 6   ? -9.281  11.656  -8.140  1.00 20.07 ? 5   LEU A O   1 
ATOM   43   C CB  . LEU A 1 6   ? -12.298 10.446  -7.298  1.00 14.79 ? 5   LEU A CB  1 
ATOM   44   C CG  . LEU A 1 6   ? -13.226 10.312  -6.091  1.00 5.00  ? 5   LEU A CG  1 
ATOM   45   C CD1 . LEU A 1 6   ? -14.117 9.072   -6.241  1.00 5.00  ? 5   LEU A CD1 1 
ATOM   46   C CD2 . LEU A 1 6   ? -12.407 10.309  -4.747  1.00 5.00  ? 5   LEU A CD2 1 
ATOM   47   N N   . LYS A 1 7   ? -10.825 11.834  -9.825  1.00 21.90 ? 6   LYS A N   1 
ATOM   48   C CA  . LYS A 1 7   ? -9.914  11.648  -10.900 1.00 13.87 ? 6   LYS A CA  1 
ATOM   49   C C   . LYS A 1 7   ? -8.894  12.720  -10.810 1.00 27.14 ? 6   LYS A C   1 
ATOM   50   O O   . LYS A 1 7   ? -7.775  12.553  -11.254 1.00 39.04 ? 6   LYS A O   1 
ATOM   51   C CB  . LYS A 1 7   ? -10.558 11.768  -12.253 1.00 21.54 ? 6   LYS A CB  1 
ATOM   52   C CG  . LYS A 1 7   ? -11.403 10.642  -12.816 1.00 29.80 ? 6   LYS A CG  1 
ATOM   53   C CD  . LYS A 1 7   ? -11.629 10.894  -14.317 1.00 44.39 ? 6   LYS A CD  1 
ATOM   54   C CE  . LYS A 1 7   ? -12.384 9.797   -15.084 1.00 53.05 ? 6   LYS A CE  1 
ATOM   55   N NZ  . LYS A 1 7   ? -11.789 8.435   -14.986 1.00 55.96 ? 6   LYS A NZ  1 
ATOM   56   N N   . LYS A 1 8   ? -9.238  13.839  -10.202 1.00 31.72 ? 7   LYS A N   1 
ATOM   57   C CA  . LYS A 1 8   ? -8.246  14.903  -10.137 1.00 30.00 ? 7   LYS A CA  1 
ATOM   58   C C   . LYS A 1 8   ? -7.496  14.962  -8.827  1.00 22.50 ? 7   LYS A C   1 
ATOM   59   O O   . LYS A 1 8   ? -6.734  15.890  -8.503  1.00 27.70 ? 7   LYS A O   1 
ATOM   60   C CB  . LYS A 1 8   ? -8.833  16.218  -10.522 1.00 31.29 ? 7   LYS A CB  1 
ATOM   61   C CG  . LYS A 1 8   ? -9.253  17.088  -9.369  1.00 39.18 ? 7   LYS A CG  1 
ATOM   62   C CD  . LYS A 1 8   ? -9.628  18.454  -9.942  1.00 47.36 ? 7   LYS A CD  1 
ATOM   63   C CE  . LYS A 1 8   ? -9.754  19.530  -8.873  1.00 53.83 ? 7   LYS A CE  1 
ATOM   64   N NZ  . LYS A 1 8   ? -8.665  20.534  -8.895  1.00 55.79 ? 7   LYS A NZ  1 
ATOM   65   N N   . SER A 1 9   ? -7.730  13.971  -8.075  1.00 17.44 ? 8   SER A N   1 
ATOM   66   C CA  . SER A 1 9   ? -7.167  13.911  -6.772  1.00 22.13 ? 8   SER A CA  1 
ATOM   67   C C   . SER A 1 9   ? -5.792  13.386  -6.941  1.00 26.39 ? 8   SER A C   1 
ATOM   68   O O   . SER A 1 9   ? -5.454  12.585  -7.846  1.00 28.65 ? 8   SER A O   1 
ATOM   69   C CB  . SER A 1 9   ? -7.981  13.016  -5.834  1.00 22.03 ? 8   SER A CB  1 
ATOM   70   O OG  . SER A 1 9   ? -8.701  13.792  -4.891  1.00 30.69 ? 8   SER A OG  1 
ATOM   71   N N   . LYS A 1 10  ? -4.998  13.760  -6.050  1.00 23.66 ? 9   LYS A N   1 
ATOM   72   C CA  . LYS A 1 10  ? -3.682  13.319  -6.146  1.00 23.82 ? 9   LYS A CA  1 
ATOM   73   C C   . LYS A 1 10  ? -3.547  12.017  -5.394  1.00 23.41 ? 9   LYS A C   1 
ATOM   74   O O   . LYS A 1 10  ? -3.788  11.944  -4.134  1.00 16.43 ? 9   LYS A O   1 
ATOM   75   C CB  . LYS A 1 10  ? -2.815  14.454  -5.721  1.00 19.97 ? 9   LYS A CB  1 
ATOM   76   C CG  . LYS A 1 10  ? -1.836  14.132  -4.704  1.00 22.40 ? 9   LYS A CG  1 
ATOM   77   C CD  . LYS A 1 10  ? -0.601  14.881  -5.100  1.00 30.13 ? 9   LYS A CD  1 
ATOM   78   C CE  . LYS A 1 10  ? -0.798  16.378  -5.334  1.00 33.49 ? 9   LYS A CE  1 
ATOM   79   N NZ  . LYS A 1 10  ? 0.395   17.141  -4.858  1.00 36.32 ? 9   LYS A NZ  1 
ATOM   80   N N   . ILE A 1 11  ? -3.315  10.999  -6.272  1.00 25.88 ? 10  ILE A N   1 
ATOM   81   C CA  . ILE A 1 11  ? -3.127  9.569   -5.938  1.00 26.45 ? 10  ILE A CA  1 
ATOM   82   C C   . ILE A 1 11  ? -1.712  9.006   -6.227  1.00 18.40 ? 10  ILE A C   1 
ATOM   83   O O   . ILE A 1 11  ? -1.202  9.120   -7.277  1.00 18.92 ? 10  ILE A O   1 
ATOM   84   C CB  . ILE A 1 11  ? -4.239  8.656   -6.490  1.00 24.79 ? 10  ILE A CB  1 
ATOM   85   C CG1 . ILE A 1 11  ? -5.590  9.326   -6.387  1.00 20.32 ? 10  ILE A CG1 1 
ATOM   86   C CG2 . ILE A 1 11  ? -4.302  7.319   -5.782  1.00 21.86 ? 10  ILE A CG2 1 
ATOM   87   C CD1 . ILE A 1 11  ? -6.498  8.896   -7.540  1.00 25.42 ? 10  ILE A CD1 1 
ATOM   88   N N   . ILE A 1 12  ? -1.100  8.437   -5.192  1.00 17.82 ? 11  ILE A N   1 
ATOM   89   C CA  . ILE A 1 12  ? 0.265   7.911   -5.120  1.00 16.85 ? 11  ILE A CA  1 
ATOM   90   C C   . ILE A 1 12  ? 0.208   6.497   -4.637  1.00 18.47 ? 11  ILE A C   1 
ATOM   91   O O   . ILE A 1 12  ? -0.132  6.223   -3.470  1.00 17.85 ? 11  ILE A O   1 
ATOM   92   C CB  . ILE A 1 12  ? 1.125   8.667   -4.053  1.00 14.64 ? 11  ILE A CB  1 
ATOM   93   C CG1 . ILE A 1 12  ? 1.060   10.173  -4.149  1.00 12.03 ? 11  ILE A CG1 1 
ATOM   94   C CG2 . ILE A 1 12  ? 2.562   8.108   -3.783  1.00 9.71  ? 11  ILE A CG2 1 
ATOM   95   C CD1 . ILE A 1 12  ? 1.612   10.691  -2.836  1.00 17.39 ? 11  ILE A CD1 1 
ATOM   96   N N   . PHE A 1 13  ? 0.663   5.602   -5.458  1.00 20.56 ? 12  PHE A N   1 
ATOM   97   C CA  . PHE A 1 13  ? 0.742   4.277   -4.990  1.00 15.68 ? 12  PHE A CA  1 
ATOM   98   C C   . PHE A 1 13  ? 2.151   4.060   -4.450  1.00 21.28 ? 12  PHE A C   1 
ATOM   99   O O   . PHE A 1 13  ? 3.126   4.620   -4.973  1.00 26.99 ? 12  PHE A O   1 
ATOM   100  C CB  . PHE A 1 13  ? 0.427   3.213   -6.062  1.00 19.13 ? 12  PHE A CB  1 
ATOM   101  C CG  . PHE A 1 13  ? -0.993  3.099   -6.606  1.00 17.28 ? 12  PHE A CG  1 
ATOM   102  C CD1 . PHE A 1 13  ? -2.143  3.385   -5.879  1.00 14.18 ? 12  PHE A CD1 1 
ATOM   103  C CD2 . PHE A 1 13  ? -1.175  2.647   -7.907  1.00 11.99 ? 12  PHE A CD2 1 
ATOM   104  C CE1 . PHE A 1 13  ? -3.404  3.320   -6.495  1.00 20.31 ? 12  PHE A CE1 1 
ATOM   105  C CE2 . PHE A 1 13  ? -2.441  2.488   -8.490  1.00 15.39 ? 12  PHE A CE2 1 
ATOM   106  C CZ  . PHE A 1 13  ? -3.583  2.881   -7.812  1.00 12.49 ? 12  PHE A CZ  1 
ATOM   107  N N   . VAL A 1 14  ? 2.214   3.384   -3.290  1.00 22.27 ? 13  VAL A N   1 
ATOM   108  C CA  . VAL A 1 14  ? 3.432   3.115   -2.596  1.00 15.25 ? 13  VAL A CA  1 
ATOM   109  C C   . VAL A 1 14  ? 3.589   1.701   -2.617  1.00 18.22 ? 13  VAL A C   1 
ATOM   110  O O   . VAL A 1 14  ? 2.843   1.126   -1.855  1.00 22.88 ? 13  VAL A O   1 
ATOM   111  C CB  . VAL A 1 14  ? 3.327   3.391   -1.123  1.00 5.00  ? 13  VAL A CB  1 
ATOM   112  C CG1 . VAL A 1 14  ? 4.729   3.182   -0.511  1.00 7.18  ? 13  VAL A CG1 1 
ATOM   113  C CG2 . VAL A 1 14  ? 2.954   4.848   -0.943  1.00 10.61 ? 13  VAL A CG2 1 
ATOM   114  N N   . VAL A 1 15  ? 4.424   1.162   -3.521  1.00 20.25 ? 14  VAL A N   1 
ATOM   115  C CA  . VAL A 1 15  ? 4.575   -0.233  -3.611  1.00 22.59 ? 14  VAL A CA  1 
ATOM   116  C C   . VAL A 1 15  ? 6.007   -0.711  -3.311  1.00 20.47 ? 14  VAL A C   1 
ATOM   117  O O   . VAL A 1 15  ? 6.952   -0.150  -3.795  1.00 22.05 ? 14  VAL A O   1 
ATOM   118  C CB  . VAL A 1 15  ? 4.083   -0.745  -4.952  1.00 27.93 ? 14  VAL A CB  1 
ATOM   119  C CG1 . VAL A 1 15  ? 3.023   0.204   -5.594  1.00 19.99 ? 14  VAL A CG1 1 
ATOM   120  C CG2 . VAL A 1 15  ? 5.313   -0.848  -5.831  1.00 36.74 ? 14  VAL A CG2 1 
ATOM   121  N N   . GLY A 1 16  ? 6.140   -1.828  -2.577  1.00 14.11 ? 15  GLY A N   1 
ATOM   122  C CA  . GLY A 1 16  ? 7.449   -2.367  -2.231  1.00 16.43 ? 15  GLY A CA  1 
ATOM   123  C C   . GLY A 1 16  ? 7.281   -3.613  -1.409  1.00 13.26 ? 15  GLY A C   1 
ATOM   124  O O   . GLY A 1 16  ? 6.221   -3.887  -0.905  1.00 22.16 ? 15  GLY A O   1 
ATOM   125  N N   . GLY A 1 17  ? 8.315   -4.392  -1.254  1.00 10.96 ? 16  GLY A N   1 
ATOM   126  C CA  . GLY A 1 17  ? 8.187   -5.681  -0.582  1.00 6.57  ? 16  GLY A CA  1 
ATOM   127  C C   . GLY A 1 17  ? 7.823   -5.626  0.887   1.00 17.83 ? 16  GLY A C   1 
ATOM   128  O O   . GLY A 1 17  ? 8.010   -4.633  1.527   1.00 30.36 ? 16  GLY A O   1 
ATOM   129  N N   . PRO A 1 18  ? 7.302   -6.725  1.435   1.00 17.98 ? 17  PRO A N   1 
ATOM   130  C CA  . PRO A 1 18  ? 6.991   -6.754  2.849   1.00 15.05 ? 17  PRO A CA  1 
ATOM   131  C C   . PRO A 1 18  ? 8.262   -6.610  3.632   1.00 17.61 ? 17  PRO A C   1 
ATOM   132  O O   . PRO A 1 18  ? 9.242   -7.278  3.315   1.00 25.87 ? 17  PRO A O   1 
ATOM   133  C CB  . PRO A 1 18  ? 6.411   -8.138  3.086   1.00 18.31 ? 17  PRO A CB  1 
ATOM   134  C CG  . PRO A 1 18  ? 6.803   -8.999  1.904   1.00 21.51 ? 17  PRO A CG  1 
ATOM   135  C CD  . PRO A 1 18  ? 7.157   -8.064  0.765   1.00 15.99 ? 17  PRO A CD  1 
ATOM   136  N N   . GLY A 1 19  ? 8.319   -5.694  4.589   1.00 16.97 ? 18  GLY A N   1 
ATOM   137  C CA  . GLY A 1 19  ? 9.621   -5.401  5.284   1.00 20.02 ? 18  GLY A CA  1 
ATOM   138  C C   . GLY A 1 19  ? 10.557  -4.341  4.548   1.00 21.16 ? 18  GLY A C   1 
ATOM   139  O O   . GLY A 1 19  ? 11.640  -4.005  5.006   1.00 19.07 ? 18  GLY A O   1 
ATOM   140  N N   . SER A 1 20  ? 10.140  -3.769  3.392   1.00 18.23 ? 19  SER A N   1 
ATOM   141  C CA  . SER A 1 20  ? 10.934  -2.724  2.797   1.00 13.50 ? 19  SER A CA  1 
ATOM   142  C C   . SER A 1 20  ? 10.839  -1.354  3.537   1.00 15.91 ? 19  SER A C   1 
ATOM   143  O O   . SER A 1 20  ? 11.575  -0.369  3.254   1.00 15.73 ? 19  SER A O   1 
ATOM   144  C CB  . SER A 1 20  ? 10.673  -2.603  1.339   1.00 21.27 ? 19  SER A CB  1 
ATOM   145  O OG  . SER A 1 20  ? 9.377   -2.169  1.126   1.00 22.65 ? 19  SER A OG  1 
ATOM   146  N N   . GLY A 1 21  ? 9.872   -1.203  4.434   1.00 15.11 ? 20  GLY A N   1 
ATOM   147  C CA  . GLY A 1 21  ? 9.841   0.017   5.220   1.00 16.07 ? 20  GLY A CA  1 
ATOM   148  C C   . GLY A 1 21  ? 8.941   1.078   4.675   1.00 18.42 ? 20  GLY A C   1 
ATOM   149  O O   . GLY A 1 21  ? 9.088   2.195   5.037   1.00 18.70 ? 20  GLY A O   1 
ATOM   150  N N   . LYS A 1 22  ? 7.918   0.628   3.991   1.00 17.82 ? 21  LYS A N   1 
ATOM   151  C CA  . LYS A 1 22  ? 6.971   1.382   3.310   1.00 12.31 ? 21  LYS A CA  1 
ATOM   152  C C   . LYS A 1 22  ? 5.915   2.070   4.202   1.00 14.86 ? 21  LYS A C   1 
ATOM   153  O O   . LYS A 1 22  ? 5.574   3.227   3.988   1.00 11.78 ? 21  LYS A O   1 
ATOM   154  C CB  . LYS A 1 22  ? 6.578   0.521   2.108   1.00 11.83 ? 21  LYS A CB  1 
ATOM   155  C CG  . LYS A 1 22  ? 5.141   0.181   1.860   1.00 15.68 ? 21  LYS A CG  1 
ATOM   156  C CD  . LYS A 1 22  ? 5.000   -0.805  0.702   1.00 17.27 ? 21  LYS A CD  1 
ATOM   157  C CE  . LYS A 1 22  ? 4.249   -2.040  1.159   1.00 22.37 ? 21  LYS A CE  1 
ATOM   158  N NZ  . LYS A 1 22  ? 5.041   -3.193  1.582   1.00 15.39 ? 21  LYS A NZ  1 
ATOM   159  N N   . GLY A 1 23  ? 5.578   1.457   5.321   1.00 16.99 ? 22  GLY A N   1 
ATOM   160  C CA  . GLY A 1 23  ? 4.691   2.099   6.276   1.00 24.38 ? 22  GLY A CA  1 
ATOM   161  C C   . GLY A 1 23  ? 5.344   3.362   6.921   1.00 30.86 ? 22  GLY A C   1 
ATOM   162  O O   . GLY A 1 23  ? 4.764   4.454   7.018   1.00 32.48 ? 22  GLY A O   1 
ATOM   163  N N   . THR A 1 24  ? 6.562   3.199   7.459   1.00 29.65 ? 23  THR A N   1 
ATOM   164  C CA  . THR A 1 24  ? 7.196   4.302   8.141   1.00 26.08 ? 23  THR A CA  1 
ATOM   165  C C   . THR A 1 24  ? 7.354   5.483   7.229   1.00 20.45 ? 23  THR A C   1 
ATOM   166  O O   . THR A 1 24  ? 7.141   6.631   7.640   1.00 16.56 ? 23  THR A O   1 
ATOM   167  C CB  . THR A 1 24  ? 8.461   3.957   9.000   1.00 26.89 ? 23  THR A CB  1 
ATOM   168  O OG1 . THR A 1 24  ? 9.635   4.286   8.311   1.00 31.24 ? 23  THR A OG1 1 
ATOM   169  C CG2 . THR A 1 24  ? 8.514   2.519   9.356   1.00 14.48 ? 23  THR A CG2 1 
ATOM   170  N N   . GLN A 1 25  ? 7.584   5.164   5.950   1.00 17.06 ? 24  GLN A N   1 
ATOM   171  C CA  . GLN A 1 25  ? 7.748   6.204   4.982   1.00 22.50 ? 24  GLN A CA  1 
ATOM   172  C C   . GLN A 1 25  ? 6.432   6.942   4.901   1.00 23.15 ? 24  GLN A C   1 
ATOM   173  O O   . GLN A 1 25  ? 6.329   8.143   4.930   1.00 19.72 ? 24  GLN A O   1 
ATOM   174  C CB  . GLN A 1 25  ? 8.171   5.683   3.587   1.00 22.45 ? 24  GLN A CB  1 
ATOM   175  C CG  . GLN A 1 25  ? 9.693   5.519   3.381   1.00 20.70 ? 24  GLN A CG  1 
ATOM   176  C CD  . GLN A 1 25  ? 10.453  6.472   4.250   1.00 21.56 ? 24  GLN A CD  1 
ATOM   177  O OE1 . GLN A 1 25  ? 11.059  6.107   5.262   1.00 26.92 ? 24  GLN A OE1 1 
ATOM   178  N NE2 . GLN A 1 25  ? 10.199  7.715   4.014   1.00 19.48 ? 24  GLN A NE2 1 
ATOM   179  N N   . CYS A 1 26  ? 5.383   6.181   4.849   1.00 23.16 ? 25  CYS A N   1 
ATOM   180  C CA  . CYS A 1 26  ? 4.099   6.755   4.686   1.00 5.00  ? 25  CYS A CA  1 
ATOM   181  C C   . CYS A 1 26  ? 3.717   7.613   5.801   1.00 10.04 ? 25  CYS A C   1 
ATOM   182  O O   . CYS A 1 26  ? 3.124   8.640   5.538   1.00 16.55 ? 25  CYS A O   1 
ATOM   183  C CB  . CYS A 1 26  ? 3.017   5.668   4.476   1.00 8.91  ? 25  CYS A CB  1 
ATOM   184  S SG  . CYS A 1 26  ? 2.774   5.288   2.701   1.00 20.28 ? 25  CYS A SG  1 
ATOM   185  N N   . GLU A 1 27  ? 4.136   7.247   7.019   1.00 12.83 ? 26  GLU A N   1 
ATOM   186  C CA  . GLU A 1 27  ? 3.852   8.026   8.213   1.00 16.18 ? 26  GLU A CA  1 
ATOM   187  C C   . GLU A 1 27  ? 4.595   9.357   8.287   1.00 19.13 ? 26  GLU A C   1 
ATOM   188  O O   . GLU A 1 27  ? 4.038   10.279  8.847   1.00 25.73 ? 26  GLU A O   1 
ATOM   189  C CB  . GLU A 1 27  ? 4.128   7.267   9.513   1.00 26.11 ? 26  GLU A CB  1 
ATOM   190  C CG  . GLU A 1 27  ? 2.934   6.499   10.162  1.00 31.77 ? 26  GLU A CG  1 
ATOM   191  C CD  . GLU A 1 27  ? 3.180   5.958   11.592  1.00 35.67 ? 26  GLU A CD  1 
ATOM   192  O OE1 . GLU A 1 27  ? 4.078   6.343   12.305  1.00 41.05 ? 26  GLU A OE1 1 
ATOM   193  O OE2 . GLU A 1 27  ? 2.240   5.128   12.049  1.00 40.17 ? 26  GLU A OE2 1 
ATOM   194  N N   . LYS A 1 28  ? 5.758   9.469   7.628   1.00 16.67 ? 27  LYS A N   1 
ATOM   195  C CA  . LYS A 1 28  ? 6.592   10.713  7.463   1.00 16.87 ? 27  LYS A CA  1 
ATOM   196  C C   . LYS A 1 28  ? 6.074   11.640  6.344   1.00 21.37 ? 27  LYS A C   1 
ATOM   197  O O   . LYS A 1 28  ? 6.117   12.887  6.420   1.00 20.13 ? 27  LYS A O   1 
ATOM   198  C CB  . LYS A 1 28  ? 8.033   10.318  7.144   1.00 19.82 ? 27  LYS A CB  1 
ATOM   199  C CG  . LYS A 1 28  ? 8.659   9.340   8.162   1.00 11.55 ? 27  LYS A CG  1 
ATOM   200  C CD  . LYS A 1 28  ? 10.112  9.169   7.870   1.00 13.87 ? 27  LYS A CD  1 
ATOM   201  C CE  . LYS A 1 28  ? 10.992  9.411   9.024   1.00 18.21 ? 27  LYS A CE  1 
ATOM   202  N NZ  . LYS A 1 28  ? 11.237  10.849  9.151   1.00 22.70 ? 27  LYS A NZ  1 
ATOM   203  N N   . ILE A 1 29  ? 5.513   11.002  5.307   1.00 18.28 ? 28  ILE A N   1 
ATOM   204  C CA  . ILE A 1 29  ? 4.821   11.727  4.264   1.00 18.09 ? 28  ILE A CA  1 
ATOM   205  C C   . ILE A 1 29  ? 3.643   12.487  4.878   1.00 23.39 ? 28  ILE A C   1 
ATOM   206  O O   . ILE A 1 29  ? 3.392   13.627  4.510   1.00 24.34 ? 28  ILE A O   1 
ATOM   207  C CB  . ILE A 1 29  ? 4.366   10.838  3.095   1.00 10.40 ? 28  ILE A CB  1 
ATOM   208  C CG1 . ILE A 1 29  ? 5.567   10.243  2.425   1.00 8.18  ? 28  ILE A CG1 1 
ATOM   209  C CG2 . ILE A 1 29  ? 3.485   11.580  2.057   1.00 5.00  ? 28  ILE A CG2 1 
ATOM   210  C CD1 . ILE A 1 29  ? 5.207   9.412   1.232   1.00 6.94  ? 28  ILE A CD1 1 
ATOM   211  N N   . VAL A 1 30  ? 2.857   11.790  5.721   1.00 20.07 ? 29  VAL A N   1 
ATOM   212  C CA  . VAL A 1 30  ? 1.675   12.391  6.275   1.00 16.82 ? 29  VAL A CA  1 
ATOM   213  C C   . VAL A 1 30  ? 1.989   13.468  7.274   1.00 21.27 ? 29  VAL A C   1 
ATOM   214  O O   . VAL A 1 30  ? 1.222   14.390  7.471   1.00 31.41 ? 29  VAL A O   1 
ATOM   215  C CB  . VAL A 1 30  ? 0.583   11.476  6.845   1.00 20.06 ? 29  VAL A CB  1 
ATOM   216  C CG1 . VAL A 1 30  ? 0.734   9.979   6.688   1.00 16.90 ? 29  VAL A CG1 1 
ATOM   217  C CG2 . VAL A 1 30  ? 0.197   11.912  8.269   1.00 20.98 ? 29  VAL A CG2 1 
ATOM   218  N N   . GLN A 1 31  ? 3.076   13.317  7.957   1.00 24.82 ? 30  GLN A N   1 
ATOM   219  C CA  . GLN A 1 31  ? 3.535   14.326  8.875   1.00 27.32 ? 30  GLN A CA  1 
ATOM   220  C C   . GLN A 1 31  ? 4.064   15.566  8.069   1.00 26.33 ? 30  GLN A C   1 
ATOM   221  O O   . GLN A 1 31  ? 3.807   16.699  8.374   1.00 26.58 ? 30  GLN A O   1 
ATOM   222  C CB  . GLN A 1 31  ? 4.669   13.657  9.734   1.00 25.33 ? 30  GLN A CB  1 
ATOM   223  C CG  . GLN A 1 31  ? 4.314   13.189  11.207  1.00 36.02 ? 30  GLN A CG  1 
ATOM   224  C CD  . GLN A 1 31  ? 4.212   14.292  12.347  1.00 37.09 ? 30  GLN A CD  1 
ATOM   225  O OE1 . GLN A 1 31  ? 3.138   14.884  12.654  1.00 43.70 ? 30  GLN A OE1 1 
ATOM   226  N NE2 . GLN A 1 31  ? 5.307   14.522  13.053  1.00 37.99 ? 30  GLN A NE2 1 
ATOM   227  N N   . LYS A 1 32  ? 4.734   15.316  6.970   1.00 22.16 ? 31  LYS A N   1 
ATOM   228  C CA  . LYS A 1 32  ? 5.326   16.376  6.190   1.00 24.85 ? 31  LYS A CA  1 
ATOM   229  C C   . LYS A 1 32  ? 4.334   17.075  5.364   1.00 21.35 ? 31  LYS A C   1 
ATOM   230  O O   . LYS A 1 32  ? 4.107   18.267  5.529   1.00 20.66 ? 31  LYS A O   1 
ATOM   231  C CB  . LYS A 1 32  ? 6.522   15.924  5.329   1.00 29.04 ? 31  LYS A CB  1 
ATOM   232  C CG  . LYS A 1 32  ? 7.678   16.938  5.181   1.00 29.28 ? 31  LYS A CG  1 
ATOM   233  C CD  . LYS A 1 32  ? 7.786   17.612  3.812   1.00 30.76 ? 31  LYS A CD  1 
ATOM   234  C CE  . LYS A 1 32  ? 9.061   18.446  3.686   1.00 32.80 ? 31  LYS A CE  1 
ATOM   235  N NZ  . LYS A 1 32  ? 9.218   19.059  2.351   1.00 29.03 ? 31  LYS A NZ  1 
ATOM   236  N N   . TYR A 1 33  ? 3.923   16.313  4.382   1.00 21.45 ? 32  TYR A N   1 
ATOM   237  C CA  . TYR A 1 33  ? 2.967   16.604  3.336   1.00 21.09 ? 32  TYR A CA  1 
ATOM   238  C C   . TYR A 1 33  ? 1.477   16.676  3.659   1.00 18.19 ? 32  TYR A C   1 
ATOM   239  O O   . TYR A 1 33  ? 0.717   17.386  2.976   1.00 26.26 ? 32  TYR A O   1 
ATOM   240  C CB  . TYR A 1 33  ? 3.214   15.742  2.071   1.00 27.03 ? 32  TYR A CB  1 
ATOM   241  C CG  . TYR A 1 33  ? 4.627   15.934  1.537   1.00 28.41 ? 32  TYR A CG  1 
ATOM   242  C CD1 . TYR A 1 33  ? 5.670   15.223  2.136   1.00 29.08 ? 32  TYR A CD1 1 
ATOM   243  C CD2 . TYR A 1 33  ? 4.921   16.842  0.502   1.00 26.82 ? 32  TYR A CD2 1 
ATOM   244  C CE1 . TYR A 1 33  ? 6.986   15.389  1.738   1.00 25.88 ? 32  TYR A CE1 1 
ATOM   245  C CE2 . TYR A 1 33  ? 6.240   17.077  0.122   1.00 25.62 ? 32  TYR A CE2 1 
ATOM   246  C CZ  . TYR A 1 33  ? 7.247   16.299  0.712   1.00 27.68 ? 32  TYR A CZ  1 
ATOM   247  O OH  . TYR A 1 33  ? 8.501   16.433  0.309   1.00 28.80 ? 32  TYR A OH  1 
ATOM   248  N N   . GLY A 1 34  ? 1.018   16.033  4.692   1.00 20.08 ? 33  GLY A N   1 
ATOM   249  C CA  . GLY A 1 34  ? -0.399  16.113  5.096   1.00 15.25 ? 33  GLY A CA  1 
ATOM   250  C C   . GLY A 1 34  ? -1.354  15.339  4.188   1.00 21.54 ? 33  GLY A C   1 
ATOM   251  O O   . GLY A 1 34  ? -2.566  15.648  4.161   1.00 25.90 ? 33  GLY A O   1 
ATOM   252  N N   . TYR A 1 35  ? -0.801  14.357  3.399   1.00 22.14 ? 34  TYR A N   1 
ATOM   253  C CA  . TYR A 1 35  ? -1.607  13.476  2.504   1.00 20.95 ? 34  TYR A CA  1 
ATOM   254  C C   . TYR A 1 35  ? -2.442  12.573  3.324   1.00 23.88 ? 34  TYR A C   1 
ATOM   255  O O   . TYR A 1 35  ? -2.099  12.361  4.445   1.00 26.66 ? 34  TYR A O   1 
ATOM   256  C CB  . TYR A 1 35  ? -0.696  12.490  1.828   1.00 12.93 ? 34  TYR A CB  1 
ATOM   257  C CG  . TYR A 1 35  ? -0.130  13.120  0.624   1.00 18.69 ? 34  TYR A CG  1 
ATOM   258  C CD1 . TYR A 1 35  ? -0.171  12.499  -0.624  1.00 23.56 ? 34  TYR A CD1 1 
ATOM   259  C CD2 . TYR A 1 35  ? 0.326   14.425  0.677   1.00 20.61 ? 34  TYR A CD2 1 
ATOM   260  C CE1 . TYR A 1 35  ? 0.278   13.128  -1.789  1.00 26.69 ? 34  TYR A CE1 1 
ATOM   261  C CE2 . TYR A 1 35  ? 0.890   15.024  -0.453  1.00 30.45 ? 34  TYR A CE2 1 
ATOM   262  C CZ  . TYR A 1 35  ? 0.899   14.364  -1.684  1.00 33.41 ? 34  TYR A CZ  1 
ATOM   263  O OH  . TYR A 1 35  ? 1.393   14.985  -2.809  1.00 41.95 ? 34  TYR A OH  1 
ATOM   264  N N   . THR A 1 36  ? -3.493  11.957  2.767   1.00 30.35 ? 35  THR A N   1 
ATOM   265  C CA  . THR A 1 36  ? -4.304  10.942  3.509   1.00 22.15 ? 35  THR A CA  1 
ATOM   266  C C   . THR A 1 36  ? -3.771  9.511   3.293   1.00 19.31 ? 35  THR A C   1 
ATOM   267  O O   . THR A 1 36  ? -3.844  8.982   2.155   1.00 22.54 ? 35  THR A O   1 
ATOM   268  C CB  . THR A 1 36  ? -5.837  11.018  3.244   1.00 16.59 ? 35  THR A CB  1 
ATOM   269  O OG1 . THR A 1 36  ? -6.420  12.327  3.486   1.00 19.14 ? 35  THR A OG1 1 
ATOM   270  C CG2 . THR A 1 36  ? -6.491  9.901   4.020   1.00 8.63  ? 35  THR A CG2 1 
ATOM   271  N N   . HIS A 1 37  ? -3.331  8.847   4.364   1.00 14.75 ? 36  HIS A N   1 
ATOM   272  C CA  . HIS A 1 37  ? -2.588  7.604   4.255   1.00 12.89 ? 36  HIS A CA  1 
ATOM   273  C C   . HIS A 1 37  ? -3.529  6.420   4.405   1.00 12.02 ? 36  HIS A C   1 
ATOM   274  O O   . HIS A 1 37  ? -4.007  6.049   5.468   1.00 16.45 ? 36  HIS A O   1 
ATOM   275  C CB  . HIS A 1 37  ? -1.385  7.542   5.228   1.00 20.68 ? 36  HIS A CB  1 
ATOM   276  C CG  . HIS A 1 37  ? -0.826  6.168   5.352   1.00 25.49 ? 36  HIS A CG  1 
ATOM   277  N ND1 . HIS A 1 37  ? -0.630  5.585   6.597   1.00 25.03 ? 36  HIS A ND1 1 
ATOM   278  C CD2 . HIS A 1 37  ? -0.421  5.304   4.391   1.00 26.83 ? 36  HIS A CD2 1 
ATOM   279  C CE1 . HIS A 1 37  ? -0.115  4.380   6.385   1.00 23.77 ? 36  HIS A CE1 1 
ATOM   280  N NE2 . HIS A 1 37  ? 0.012   4.184   5.069   1.00 22.70 ? 36  HIS A NE2 1 
ATOM   281  N N   . LEU A 1 38  ? -3.756  5.614   3.390   1.00 14.51 ? 37  LEU A N   1 
ATOM   282  C CA  . LEU A 1 38  ? -4.739  4.565   3.501   1.00 9.22  ? 37  LEU A CA  1 
ATOM   283  C C   . LEU A 1 38  ? -4.089  3.211   3.332   1.00 18.04 ? 37  LEU A C   1 
ATOM   284  O O   . LEU A 1 38  ? -3.595  3.049   2.232   1.00 25.67 ? 37  LEU A O   1 
ATOM   285  C CB  . LEU A 1 38  ? -5.752  4.698   2.316   1.00 12.10 ? 37  LEU A CB  1 
ATOM   286  C CG  . LEU A 1 38  ? -6.955  5.698   2.393   1.00 21.74 ? 37  LEU A CG  1 
ATOM   287  C CD1 . LEU A 1 38  ? -6.794  6.722   3.476   1.00 27.30 ? 37  LEU A CD1 1 
ATOM   288  C CD2 . LEU A 1 38  ? -7.055  6.495   1.103   1.00 19.15 ? 37  LEU A CD2 1 
ATOM   289  N N   . SER A 1 39  ? -4.150  2.218   4.351   1.00 15.65 ? 38  SER A N   1 
ATOM   290  C CA  . SER A 1 39  ? -3.627  0.820   4.134   1.00 20.26 ? 38  SER A CA  1 
ATOM   291  C C   . SER A 1 39  ? -4.753  -0.098  3.977   1.00 25.03 ? 38  SER A C   1 
ATOM   292  O O   . SER A 1 39  ? -5.702  0.004   4.706   1.00 30.28 ? 38  SER A O   1 
ATOM   293  C CB  . SER A 1 39  ? -2.904  0.106   5.250   1.00 19.54 ? 38  SER A CB  1 
ATOM   294  O OG  . SER A 1 39  ? -2.453  0.972   6.236   1.00 32.27 ? 38  SER A OG  1 
ATOM   295  N N   . THR A 1 40  ? -4.641  -1.098  3.136   1.00 27.06 ? 39  THR A N   1 
ATOM   296  C CA  . THR A 1 40  ? -5.824  -1.957  2.942   1.00 29.19 ? 39  THR A CA  1 
ATOM   297  C C   . THR A 1 40  ? -6.244  -2.744  4.162   1.00 27.25 ? 39  THR A C   1 
ATOM   298  O O   . THR A 1 40  ? -7.407  -2.808  4.478   1.00 34.28 ? 39  THR A O   1 
ATOM   299  C CB  . THR A 1 40  ? -5.847  -2.788  1.659   1.00 28.83 ? 39  THR A CB  1 
ATOM   300  O OG1 . THR A 1 40  ? -4.832  -3.804  1.663   1.00 26.33 ? 39  THR A OG1 1 
ATOM   301  C CG2 . THR A 1 40  ? -5.901  -1.858  0.432   1.00 23.98 ? 39  THR A CG2 1 
ATOM   302  N N   . GLY A 1 41  ? -5.248  -3.203  4.895   1.00 28.22 ? 40  GLY A N   1 
ATOM   303  C CA  . GLY A 1 41  ? -5.380  -4.017  6.095   1.00 23.16 ? 40  GLY A CA  1 
ATOM   304  C C   . GLY A 1 41  ? -5.761  -3.208  7.282   1.00 20.75 ? 40  GLY A C   1 
ATOM   305  O O   . GLY A 1 41  ? -6.280  -3.782  8.285   1.00 10.62 ? 40  GLY A O   1 
ATOM   306  N N   . ASP A 1 42  ? -5.544  -1.864  7.128   1.00 16.82 ? 41  ASP A N   1 
ATOM   307  C CA  . ASP A 1 42  ? -6.022  -0.890  8.100   1.00 17.32 ? 41  ASP A CA  1 
ATOM   308  C C   . ASP A 1 42  ? -7.555  -0.667  7.901   1.00 16.17 ? 41  ASP A C   1 
ATOM   309  O O   . ASP A 1 42  ? -8.321  -0.545  8.850   1.00 15.86 ? 41  ASP A O   1 
ATOM   310  C CB  . ASP A 1 42  ? -5.277  0.440   7.973   1.00 36.20 ? 41  ASP A CB  1 
ATOM   311  C CG  . ASP A 1 42  ? -4.876  1.076   9.297   1.00 55.30 ? 41  ASP A CG  1 
ATOM   312  O OD1 . ASP A 1 42  ? -5.278  0.663   10.390  1.00 59.38 ? 41  ASP A OD1 1 
ATOM   313  O OD2 . ASP A 1 42  ? -3.996  2.085   9.151   1.00 61.19 ? 41  ASP A OD2 1 
ATOM   314  N N   . LEU A 1 43  ? -7.999  -0.532  6.650   1.00 13.75 ? 42  LEU A N   1 
ATOM   315  C CA  . LEU A 1 43  ? -9.465  -0.486  6.336   1.00 17.57 ? 42  LEU A CA  1 
ATOM   316  C C   . LEU A 1 43  ? -10.128 -1.808  6.808   1.00 10.38 ? 42  LEU A C   1 
ATOM   317  O O   . LEU A 1 43  ? -11.187 -1.826  7.310   1.00 8.26  ? 42  LEU A O   1 
ATOM   318  C CB  . LEU A 1 43  ? -9.757  -0.469  4.823   1.00 12.41 ? 42  LEU A CB  1 
ATOM   319  C CG  . LEU A 1 43  ? -9.963  0.909   4.293   1.00 13.27 ? 42  LEU A CG  1 
ATOM   320  C CD1 . LEU A 1 43  ? -9.226  1.860   5.205   1.00 12.58 ? 42  LEU A CD1 1 
ATOM   321  C CD2 . LEU A 1 43  ? -9.372  0.935   2.892   1.00 15.02 ? 42  LEU A CD2 1 
ATOM   322  N N   . LEU A 1 44  ? -9.565  -2.910  6.403   1.00 7.07  ? 43  LEU A N   1 
ATOM   323  C CA  . LEU A 1 44  ? -10.043 -4.252  6.710   1.00 8.63  ? 43  LEU A CA  1 
ATOM   324  C C   . LEU A 1 44  ? -10.300 -4.482  8.215   1.00 13.98 ? 43  LEU A C   1 
ATOM   325  O O   . LEU A 1 44  ? -11.294 -5.096  8.691   1.00 17.81 ? 43  LEU A O   1 
ATOM   326  C CB  . LEU A 1 44  ? -8.927  -5.164  6.209   1.00 16.11 ? 43  LEU A CB  1 
ATOM   327  C CG  . LEU A 1 44  ? -9.295  -5.879  4.927   1.00 20.24 ? 43  LEU A CG  1 
ATOM   328  C CD1 . LEU A 1 44  ? -8.068  -6.656  4.412   1.00 13.03 ? 43  LEU A CD1 1 
ATOM   329  C CD2 . LEU A 1 44  ? -10.496 -6.802  5.200   1.00 21.15 ? 43  LEU A CD2 1 
ATOM   330  N N   . ARG A 1 45  ? -9.340  -4.033  8.952   1.00 12.15 ? 44  ARG A N   1 
ATOM   331  C CA  . ARG A 1 45  ? -9.399  -4.057  10.363  1.00 5.00  ? 44  ARG A CA  1 
ATOM   332  C C   . ARG A 1 45  ? -10.520 -3.261  10.926  1.00 8.42  ? 44  ARG A C   1 
ATOM   333  O O   . ARG A 1 45  ? -11.073 -3.653  11.926  1.00 19.32 ? 44  ARG A O   1 
ATOM   334  C CB  . ARG A 1 45  ? -8.098  -3.580  10.992  1.00 16.03 ? 44  ARG A CB  1 
ATOM   335  C CG  . ARG A 1 45  ? -8.381  -2.744  12.229  1.00 23.59 ? 44  ARG A CG  1 
ATOM   336  C CD  . ARG A 1 45  ? -7.184  -2.173  12.930  1.00 28.22 ? 44  ARG A CD  1 
ATOM   337  N NE  . ARG A 1 45  ? -6.604  -3.260  13.682  1.00 36.86 ? 44  ARG A NE  1 
ATOM   338  C CZ  . ARG A 1 45  ? -6.101  -4.444  13.186  1.00 47.64 ? 44  ARG A CZ  1 
ATOM   339  N NH1 . ARG A 1 45  ? -5.930  -4.703  11.900  1.00 49.62 ? 44  ARG A NH1 1 
ATOM   340  N NH2 . ARG A 1 45  ? -5.637  -5.385  14.039  1.00 53.78 ? 44  ARG A NH2 1 
ATOM   341  N N   . ALA A 1 46  ? -10.755 -2.082  10.385  1.00 14.77 ? 45  ALA A N   1 
ATOM   342  C CA  . ALA A 1 46  ? -11.744 -1.141  10.898  1.00 17.45 ? 45  ALA A CA  1 
ATOM   343  C C   . ALA A 1 46  ? -13.113 -1.496  10.458  1.00 24.30 ? 45  ALA A C   1 
ATOM   344  O O   . ALA A 1 46  ? -14.076 -0.961  10.975  1.00 27.08 ? 45  ALA A O   1 
ATOM   345  C CB  . ALA A 1 46  ? -11.493 0.236   10.308  1.00 15.81 ? 45  ALA A CB  1 
ATOM   346  N N   . GLU A 1 47  ? -13.158 -2.218  9.331   1.00 26.96 ? 46  GLU A N   1 
ATOM   347  C CA  . GLU A 1 47  ? -14.386 -2.671  8.792   1.00 23.21 ? 46  GLU A CA  1 
ATOM   348  C C   . GLU A 1 47  ? -14.914 -3.701  9.733   1.00 23.77 ? 46  GLU A C   1 
ATOM   349  O O   . GLU A 1 47  ? -16.024 -3.549  10.289  1.00 19.25 ? 46  GLU A O   1 
ATOM   350  C CB  . GLU A 1 47  ? -14.292 -3.112  7.307   1.00 11.58 ? 46  GLU A CB  1 
ATOM   351  C CG  . GLU A 1 47  ? -15.667 -3.153  6.655   1.00 18.49 ? 46  GLU A CG  1 
ATOM   352  C CD  . GLU A 1 47  ? -16.333 -1.814  6.438   1.00 20.34 ? 46  GLU A CD  1 
ATOM   353  O OE1 . GLU A 1 47  ? -17.505 -1.569  6.719   1.00 27.95 ? 46  GLU A OE1 1 
ATOM   354  O OE2 . GLU A 1 47  ? -15.497 -0.940  6.052   1.00 22.13 ? 46  GLU A OE2 1 
ATOM   355  N N   . VAL A 1 48  ? -14.035 -4.699  9.981   1.00 24.91 ? 47  VAL A N   1 
ATOM   356  C CA  . VAL A 1 48  ? -14.324 -5.723  10.935  1.00 20.38 ? 47  VAL A CA  1 
ATOM   357  C C   . VAL A 1 48  ? -14.839 -5.216  12.336  1.00 17.79 ? 47  VAL A C   1 
ATOM   358  O O   . VAL A 1 48  ? -15.931 -5.625  12.783  1.00 25.66 ? 47  VAL A O   1 
ATOM   359  C CB  . VAL A 1 48  ? -13.409 -6.958  10.960  1.00 19.80 ? 47  VAL A CB  1 
ATOM   360  C CG1 . VAL A 1 48  ? -14.229 -8.083  11.512  1.00 26.48 ? 47  VAL A CG1 1 
ATOM   361  C CG2 . VAL A 1 48  ? -12.803 -7.388  9.628   1.00 5.00  ? 47  VAL A CG2 1 
ATOM   362  N N   . SER A 1 49  ? -14.108 -4.312  12.987  1.00 10.88 ? 48  SER A N   1 
ATOM   363  C CA  . SER A 1 49  ? -14.490 -3.722  14.257  1.00 15.49 ? 48  SER A CA  1 
ATOM   364  C C   . SER A 1 49  ? -15.853 -3.174  14.249  1.00 24.23 ? 48  SER A C   1 
ATOM   365  O O   . SER A 1 49  ? -16.473 -3.136  15.303  1.00 29.31 ? 48  SER A O   1 
ATOM   366  C CB  . SER A 1 49  ? -13.623 -2.529  14.584  1.00 23.49 ? 48  SER A CB  1 
ATOM   367  O OG  . SER A 1 49  ? -12.289 -2.903  14.438  1.00 31.64 ? 48  SER A OG  1 
ATOM   368  N N   . SER A 1 50  ? -16.223 -2.617  13.080  1.00 26.69 ? 49  SER A N   1 
ATOM   369  C CA  . SER A 1 50  ? -17.461 -1.858  12.812  1.00 16.26 ? 49  SER A CA  1 
ATOM   370  C C   . SER A 1 50  ? -18.613 -2.653  13.213  1.00 19.06 ? 49  SER A C   1 
ATOM   371  O O   . SER A 1 50  ? -19.379 -2.276  14.056  1.00 22.69 ? 49  SER A O   1 
ATOM   372  C CB  . SER A 1 50  ? -17.717 -1.562  11.304  1.00 15.24 ? 49  SER A CB  1 
ATOM   373  O OG  . SER A 1 50  ? -17.719 -0.151  11.031  1.00 21.08 ? 49  SER A OG  1 
ATOM   374  N N   . GLY A 1 51  ? -18.823 -3.733  12.528  1.00 24.33 ? 50  GLY A N   1 
ATOM   375  C CA  . GLY A 1 51  ? -20.019 -4.403  12.821  1.00 29.34 ? 50  GLY A CA  1 
ATOM   376  C C   . GLY A 1 51  ? -20.911 -4.145  11.662  1.00 27.24 ? 50  GLY A C   1 
ATOM   377  O O   . GLY A 1 51  ? -22.081 -4.428  11.724  1.00 34.71 ? 50  GLY A O   1 
ATOM   378  N N   . SER A 1 52  ? -20.321 -3.661  10.565  1.00 16.85 ? 51  SER A N   1 
ATOM   379  C CA  . SER A 1 52  ? -21.092 -3.419  9.388   1.00 13.76 ? 51  SER A CA  1 
ATOM   380  C C   . SER A 1 52  ? -21.512 -4.735  8.776   1.00 17.28 ? 51  SER A C   1 
ATOM   381  O O   . SER A 1 52  ? -20.952 -5.775  9.122   1.00 19.94 ? 51  SER A O   1 
ATOM   382  C CB  . SER A 1 52  ? -20.324 -2.565  8.404   1.00 15.19 ? 51  SER A CB  1 
ATOM   383  O OG  . SER A 1 52  ? -18.932 -2.646  8.567   1.00 22.58 ? 51  SER A OG  1 
ATOM   384  N N   . ALA A 1 53  ? -22.424 -4.739  7.822   1.00 17.97 ? 52  ALA A N   1 
ATOM   385  C CA  . ALA A 1 53  ? -22.768 -6.004  7.189   1.00 19.86 ? 52  ALA A CA  1 
ATOM   386  C C   . ALA A 1 53  ? -21.643 -6.466  6.374   1.00 18.33 ? 52  ALA A C   1 
ATOM   387  O O   . ALA A 1 53  ? -21.505 -7.646  6.208   1.00 26.18 ? 52  ALA A O   1 
ATOM   388  C CB  . ALA A 1 53  ? -23.972 -5.844  6.309   1.00 32.62 ? 52  ALA A CB  1 
ATOM   389  N N   . ARG A 1 54  ? -20.866 -5.476  5.863   1.00 22.10 ? 53  ARG A N   1 
ATOM   390  C CA  . ARG A 1 54  ? -19.610 -5.636  5.117   1.00 26.76 ? 53  ARG A CA  1 
ATOM   391  C C   . ARG A 1 54  ? -18.479 -6.288  5.999   1.00 26.13 ? 53  ARG A C   1 
ATOM   392  O O   . ARG A 1 54  ? -17.880 -7.280  5.552   1.00 27.76 ? 53  ARG A O   1 
ATOM   393  C CB  . ARG A 1 54  ? -19.181 -4.328  4.408   1.00 29.10 ? 53  ARG A CB  1 
ATOM   394  C CG  . ARG A 1 54  ? -18.108 -4.381  3.279   1.00 28.29 ? 53  ARG A CG  1 
ATOM   395  C CD  . ARG A 1 54  ? -18.164 -3.219  2.240   1.00 28.87 ? 53  ARG A CD  1 
ATOM   396  N NE  . ARG A 1 54  ? -17.900 -1.813  2.699   1.00 27.90 ? 53  ARG A NE  1 
ATOM   397  C CZ  . ARG A 1 54  ? -18.077 -0.631  2.008   1.00 15.25 ? 53  ARG A CZ  1 
ATOM   398  N NH1 . ARG A 1 54  ? -18.683 -0.544  0.851   1.00 26.41 ? 53  ARG A NH1 1 
ATOM   399  N NH2 . ARG A 1 54  ? -17.787 0.529   2.579   1.00 9.30  ? 53  ARG A NH2 1 
ATOM   400  N N   . GLY A 1 55  ? -18.309 -5.720  7.245   1.00 18.29 ? 54  GLY A N   1 
ATOM   401  C CA  . GLY A 1 55  ? -17.363 -6.017  8.306   1.00 15.32 ? 54  GLY A CA  1 
ATOM   402  C C   . GLY A 1 55  ? -17.562 -7.420  8.710   1.00 15.07 ? 54  GLY A C   1 
ATOM   403  O O   . GLY A 1 55  ? -16.676 -8.105  9.063   1.00 19.40 ? 54  GLY A O   1 
ATOM   404  N N   . LYS A 1 56  ? -18.718 -7.924  8.455   1.00 25.40 ? 55  LYS A N   1 
ATOM   405  C CA  . LYS A 1 56  ? -18.996 -9.306  8.797   1.00 26.06 ? 55  LYS A CA  1 
ATOM   406  C C   . LYS A 1 56  ? -18.898 -10.278 7.676   1.00 27.90 ? 55  LYS A C   1 
ATOM   407  O O   . LYS A 1 56  ? -18.472 -11.384 7.923   1.00 32.25 ? 55  LYS A O   1 
ATOM   408  C CB  . LYS A 1 56  ? -20.264 -9.509  9.551   1.00 23.41 ? 55  LYS A CB  1 
ATOM   409  C CG  . LYS A 1 56  ? -20.150 -9.115  10.967  1.00 18.37 ? 55  LYS A CG  1 
ATOM   410  C CD  . LYS A 1 56  ? -21.506 -8.801  11.398  1.00 16.33 ? 55  LYS A CD  1 
ATOM   411  C CE  . LYS A 1 56  ? -22.312 -8.582  10.160  1.00 22.69 ? 55  LYS A CE  1 
ATOM   412  N NZ  . LYS A 1 56  ? -23.564 -7.837  10.404  1.00 28.54 ? 55  LYS A NZ  1 
ATOM   413  N N   . MET A 1 57  ? -19.254 -9.911  6.445   1.00 29.41 ? 56  MET A N   1 
ATOM   414  C CA  . MET A 1 57  ? -18.979 -10.874 5.383   1.00 29.50 ? 56  MET A CA  1 
ATOM   415  C C   . MET A 1 57  ? -17.466 -11.130 5.348   1.00 21.94 ? 56  MET A C   1 
ATOM   416  O O   . MET A 1 57  ? -16.996 -12.213 5.026   1.00 20.82 ? 56  MET A O   1 
ATOM   417  C CB  . MET A 1 57  ? -19.532 -10.518 3.942   1.00 33.12 ? 56  MET A CB  1 
ATOM   418  C CG  . MET A 1 57  ? -18.395 -10.399 2.878   1.00 38.57 ? 56  MET A CG  1 
ATOM   419  S SD  . MET A 1 57  ? -18.795 -9.775  1.182   1.00 41.23 ? 56  MET A SD  1 
ATOM   420  C CE  . MET A 1 57  ? -17.144 -9.752  0.446   1.00 33.37 ? 56  MET A CE  1 
ATOM   421  N N   . LEU A 1 58  ? -16.678 -10.087 5.596   1.00 21.49 ? 57  LEU A N   1 
ATOM   422  C CA  . LEU A 1 58  ? -15.250 -10.247 5.468   1.00 18.73 ? 57  LEU A CA  1 
ATOM   423  C C   . LEU A 1 58  ? -14.740 -11.125 6.526   1.00 21.78 ? 57  LEU A C   1 
ATOM   424  O O   . LEU A 1 58  ? -13.894 -11.946 6.285   1.00 30.49 ? 57  LEU A O   1 
ATOM   425  C CB  . LEU A 1 58  ? -14.451 -8.982  5.641   1.00 22.06 ? 57  LEU A CB  1 
ATOM   426  C CG  . LEU A 1 58  ? -14.776 -7.814  4.738   1.00 26.25 ? 57  LEU A CG  1 
ATOM   427  C CD1 . LEU A 1 58  ? -14.074 -6.611  5.366   1.00 21.77 ? 57  LEU A CD1 1 
ATOM   428  C CD2 . LEU A 1 58  ? -14.243 -8.076  3.317   1.00 20.19 ? 57  LEU A CD2 1 
ATOM   429  N N   . SER A 1 59  ? -15.180 -10.877 7.730   1.00 23.74 ? 58  SER A N   1 
ATOM   430  C CA  . SER A 1 59  ? -14.686 -11.620 8.885   1.00 26.68 ? 58  SER A CA  1 
ATOM   431  C C   . SER A 1 59  ? -14.879 -13.116 8.656   1.00 21.46 ? 58  SER A C   1 
ATOM   432  O O   . SER A 1 59  ? -14.067 -13.981 8.927   1.00 32.73 ? 58  SER A O   1 
ATOM   433  C CB  . SER A 1 59  ? -15.454 -11.146 10.131  1.00 33.77 ? 58  SER A CB  1 
ATOM   434  O OG  . SER A 1 59  ? -14.679 -11.333 11.311  1.00 39.13 ? 58  SER A OG  1 
ATOM   435  N N   . GLU A 1 60  ? -15.967 -13.431 8.121   1.00 20.50 ? 59  GLU A N   1 
ATOM   436  C CA  . GLU A 1 60  ? -16.282 -14.771 8.032   1.00 22.65 ? 59  GLU A CA  1 
ATOM   437  C C   . GLU A 1 60  ? -15.614 -15.496 6.914   1.00 23.99 ? 59  GLU A C   1 
ATOM   438  O O   . GLU A 1 60  ? -15.329 -16.635 7.118   1.00 19.35 ? 59  GLU A O   1 
ATOM   439  C CB  . GLU A 1 60  ? -17.764 -14.840 7.980   1.00 27.11 ? 59  GLU A CB  1 
ATOM   440  C CG  . GLU A 1 60  ? -18.263 -15.335 6.662   1.00 26.47 ? 59  GLU A CG  1 
ATOM   441  C CD  . GLU A 1 60  ? -19.661 -15.605 6.936   1.00 31.69 ? 59  GLU A CD  1 
ATOM   442  O OE1 . GLU A 1 60  ? -20.243 -15.013 7.856   1.00 31.89 ? 59  GLU A OE1 1 
ATOM   443  O OE2 . GLU A 1 60  ? -20.147 -16.556 6.193   1.00 35.96 ? 59  GLU A OE2 1 
ATOM   444  N N   . ILE A 1 61  ? -15.337 -14.816 5.756   1.00 25.90 ? 60  ILE A N   1 
ATOM   445  C CA  . ILE A 1 61  ? -14.631 -15.451 4.645   1.00 23.92 ? 60  ILE A CA  1 
ATOM   446  C C   . ILE A 1 61  ? -13.166 -15.711 4.956   1.00 38.77 ? 60  ILE A C   1 
ATOM   447  O O   . ILE A 1 61  ? -12.519 -16.628 4.372   1.00 43.29 ? 60  ILE A O   1 
ATOM   448  C CB  . ILE A 1 61  ? -14.726 -14.722 3.309   1.00 26.47 ? 60  ILE A CB  1 
ATOM   449  C CG1 . ILE A 1 61  ? -13.569 -13.869 2.860   1.00 28.11 ? 60  ILE A CG1 1 
ATOM   450  C CG2 . ILE A 1 61  ? -16.076 -14.234 2.820   1.00 26.37 ? 60  ILE A CG2 1 
ATOM   451  C CD1 . ILE A 1 61  ? -14.099 -12.878 1.837   1.00 35.03 ? 60  ILE A CD1 1 
ATOM   452  N N   . MET A 1 62  ? -12.634 -14.782 5.808   1.00 41.12 ? 61  MET A N   1 
ATOM   453  C CA  . MET A 1 62  ? -11.267 -14.737 6.410   1.00 32.67 ? 61  MET A CA  1 
ATOM   454  C C   . MET A 1 62  ? -11.063 -15.916 7.340   1.00 23.85 ? 61  MET A C   1 
ATOM   455  O O   . MET A 1 62  ? -10.050 -16.614 7.303   1.00 25.81 ? 61  MET A O   1 
ATOM   456  C CB  . MET A 1 62  ? -11.089 -13.474 7.268   1.00 33.64 ? 61  MET A CB  1 
ATOM   457  C CG  . MET A 1 62  ? -10.535 -12.221 6.607   1.00 23.77 ? 61  MET A CG  1 
ATOM   458  S SD  . MET A 1 62  ? -10.418 -10.844 7.787   1.00 24.70 ? 61  MET A SD  1 
ATOM   459  C CE  . MET A 1 62  ? -10.806 -9.380  6.792   1.00 18.17 ? 61  MET A CE  1 
ATOM   460  N N   . GLU A 1 63  ? -12.003 -16.070 8.262   1.00 15.48 ? 62  GLU A N   1 
ATOM   461  C CA  . GLU A 1 63  ? -11.921 -17.119 9.270   1.00 20.33 ? 62  GLU A CA  1 
ATOM   462  C C   . GLU A 1 63  ? -12.067 -18.518 8.676   1.00 37.29 ? 62  GLU A C   1 
ATOM   463  O O   . GLU A 1 63  ? -11.830 -19.519 9.354   1.00 55.52 ? 62  GLU A O   1 
ATOM   464  C CB  . GLU A 1 63  ? -12.878 -16.887 10.451  1.00 17.45 ? 62  GLU A CB  1 
ATOM   465  C CG  . GLU A 1 63  ? -12.921 -15.412 10.899  1.00 15.57 ? 62  GLU A CG  1 
ATOM   466  C CD  . GLU A 1 63  ? -13.793 -15.159 12.098  1.00 29.39 ? 62  GLU A CD  1 
ATOM   467  O OE1 . GLU A 1 63  ? -13.518 -14.339 12.950  1.00 33.51 ? 62  GLU A OE1 1 
ATOM   468  O OE2 . GLU A 1 63  ? -14.941 -15.787 12.052  1.00 37.18 ? 62  GLU A OE2 1 
ATOM   469  N N   . LYS A 1 64  ? -12.483 -18.594 7.409   1.00 36.60 ? 63  LYS A N   1 
ATOM   470  C CA  . LYS A 1 64  ? -12.556 -19.846 6.671   1.00 31.85 ? 63  LYS A CA  1 
ATOM   471  C C   . LYS A 1 64  ? -11.187 -20.013 6.063   1.00 29.96 ? 63  LYS A C   1 
ATOM   472  O O   . LYS A 1 64  ? -10.848 -21.033 5.467   1.00 37.53 ? 63  LYS A O   1 
ATOM   473  C CB  . LYS A 1 64  ? -13.500 -19.783 5.489   1.00 31.24 ? 63  LYS A CB  1 
ATOM   474  C CG  . LYS A 1 64  ? -14.951 -20.149 5.733   1.00 28.79 ? 63  LYS A CG  1 
ATOM   475  C CD  . LYS A 1 64  ? -15.758 -19.799 4.491   1.00 33.27 ? 63  LYS A CD  1 
ATOM   476  C CE  . LYS A 1 64  ? -17.235 -20.136 4.565   1.00 37.47 ? 63  LYS A CE  1 
ATOM   477  N NZ  . LYS A 1 64  ? -18.050 -19.019 5.063   1.00 43.18 ? 63  LYS A NZ  1 
ATOM   478  N N   . GLY A 1 65  ? -10.517 -18.869 6.124   1.00 29.31 ? 64  GLY A N   1 
ATOM   479  C CA  . GLY A 1 65  ? -9.197  -18.626 5.585   1.00 30.19 ? 64  GLY A CA  1 
ATOM   480  C C   . GLY A 1 65  ? -9.239  -18.511 4.106   1.00 27.93 ? 64  GLY A C   1 
ATOM   481  O O   . GLY A 1 65  ? -8.356  -19.081 3.443   1.00 27.52 ? 64  GLY A O   1 
ATOM   482  N N   . GLN A 1 66  ? -10.296 -17.763 3.623   1.00 26.78 ? 65  GLN A N   1 
ATOM   483  C CA  . GLN A 1 66  ? -10.470 -17.487 2.241   1.00 23.09 ? 65  GLN A CA  1 
ATOM   484  C C   . GLN A 1 66  ? -9.938  -16.125 1.950   1.00 23.66 ? 65  GLN A C   1 
ATOM   485  O O   . GLN A 1 66  ? -9.604  -15.372 2.843   1.00 24.80 ? 65  GLN A O   1 
ATOM   486  C CB  . GLN A 1 66  ? -11.906 -17.653 1.734   1.00 28.73 ? 65  GLN A CB  1 
ATOM   487  C CG  . GLN A 1 66  ? -12.246 -19.090 1.273   1.00 31.35 ? 65  GLN A CG  1 
ATOM   488  C CD  . GLN A 1 66  ? -13.748 -19.396 1.380   1.00 33.94 ? 65  GLN A CD  1 
ATOM   489  O OE1 . GLN A 1 66  ? -14.178 -20.544 1.369   1.00 35.12 ? 65  GLN A OE1 1 
ATOM   490  N NE2 . GLN A 1 66  ? -14.556 -18.358 1.420   1.00 33.93 ? 65  GLN A NE2 1 
ATOM   491  N N   . LEU A 1 67  ? -9.766  -15.845 0.676   1.00 30.73 ? 66  LEU A N   1 
ATOM   492  C CA  . LEU A 1 67  ? -9.185  -14.595 0.264   1.00 32.93 ? 66  LEU A CA  1 
ATOM   493  C C   . LEU A 1 67  ? -10.281 -13.570 0.033   1.00 37.51 ? 66  LEU A C   1 
ATOM   494  O O   . LEU A 1 67  ? -11.374 -13.899 -0.426  1.00 38.05 ? 66  LEU A O   1 
ATOM   495  C CB  . LEU A 1 67  ? -8.299  -14.807 -0.963  1.00 27.38 ? 66  LEU A CB  1 
ATOM   496  C CG  . LEU A 1 67  ? -8.290  -13.660 -1.936  1.00 37.70 ? 66  LEU A CG  1 
ATOM   497  C CD1 . LEU A 1 67  ? -7.006  -13.868 -2.702  1.00 47.56 ? 66  LEU A CD1 1 
ATOM   498  C CD2 . LEU A 1 67  ? -9.487  -13.682 -2.926  1.00 38.06 ? 66  LEU A CD2 1 
ATOM   499  N N   . VAL A 1 68  ? -10.036 -12.358 0.480   1.00 40.71 ? 67  VAL A N   1 
ATOM   500  C CA  . VAL A 1 68  ? -11.022 -11.350 0.351   1.00 32.40 ? 67  VAL A CA  1 
ATOM   501  C C   . VAL A 1 68  ? -11.106 -10.953 -1.082  1.00 30.48 ? 67  VAL A C   1 
ATOM   502  O O   . VAL A 1 68  ? -10.179 -11.157 -1.873  1.00 34.90 ? 67  VAL A O   1 
ATOM   503  C CB  . VAL A 1 68  ? -10.770 -10.251 1.309   1.00 28.53 ? 67  VAL A CB  1 
ATOM   504  C CG1 . VAL A 1 68  ? -11.282 -8.910  0.790   1.00 26.63 ? 67  VAL A CG1 1 
ATOM   505  C CG2 . VAL A 1 68  ? -11.378 -10.692 2.655   1.00 33.74 ? 67  VAL A CG2 1 
ATOM   506  N N   . PRO A 1 69  ? -12.309 -10.585 -1.450  1.00 33.85 ? 68  PRO A N   1 
ATOM   507  C CA  . PRO A 1 69  ? -12.660 -10.305 -2.849  1.00 29.26 ? 68  PRO A CA  1 
ATOM   508  C C   . PRO A 1 69  ? -12.297 -8.884  -3.162  1.00 24.27 ? 68  PRO A C   1 
ATOM   509  O O   . PRO A 1 69  ? -12.434 -8.044  -2.276  1.00 24.92 ? 68  PRO A O   1 
ATOM   510  C CB  . PRO A 1 69  ? -14.173 -10.549 -2.961  1.00 22.41 ? 68  PRO A CB  1 
ATOM   511  C CG  . PRO A 1 69  ? -14.686 -10.771 -1.522  1.00 24.91 ? 68  PRO A CG  1 
ATOM   512  C CD  . PRO A 1 69  ? -13.510 -10.642 -0.555  1.00 30.19 ? 68  PRO A CD  1 
ATOM   513  N N   . LEU A 1 70  ? -11.855 -8.650  -4.395  1.00 28.81 ? 69  LEU A N   1 
ATOM   514  C CA  . LEU A 1 70  ? -11.292 -7.400  -4.795  1.00 27.07 ? 69  LEU A CA  1 
ATOM   515  C C   . LEU A 1 70  ? -12.289 -6.268  -4.933  1.00 23.05 ? 69  LEU A C   1 
ATOM   516  O O   . LEU A 1 70  ? -11.917 -5.119  -4.828  1.00 25.89 ? 69  LEU A O   1 
ATOM   517  C CB  . LEU A 1 70  ? -10.472 -7.613  -6.053  1.00 29.20 ? 69  LEU A CB  1 
ATOM   518  C CG  . LEU A 1 70  ? -9.967  -6.357  -6.752  1.00 28.11 ? 69  LEU A CG  1 
ATOM   519  C CD1 . LEU A 1 70  ? -8.516  -6.642  -7.083  1.00 29.87 ? 69  LEU A CD1 1 
ATOM   520  C CD2 . LEU A 1 70  ? -10.681 -6.225  -8.085  1.00 30.65 ? 69  LEU A CD2 1 
ATOM   521  N N   . GLU A 1 71  ? -13.553 -6.556  -5.081  1.00 19.12 ? 70  GLU A N   1 
ATOM   522  C CA  . GLU A 1 71  ? -14.465 -5.478  -5.315  1.00 18.25 ? 70  GLU A CA  1 
ATOM   523  C C   . GLU A 1 71  ? -14.896 -4.767  -4.049  1.00 19.08 ? 70  GLU A C   1 
ATOM   524  O O   . GLU A 1 71  ? -14.953 -3.524  -4.039  1.00 22.16 ? 70  GLU A O   1 
ATOM   525  C CB  . GLU A 1 71  ? -15.638 -5.908  -6.164  1.00 27.60 ? 70  GLU A CB  1 
ATOM   526  C CG  . GLU A 1 71  ? -16.853 -6.249  -5.303  1.00 33.97 ? 70  GLU A CG  1 
ATOM   527  C CD  . GLU A 1 71  ? -18.021 -5.493  -5.784  1.00 48.31 ? 70  GLU A CD  1 
ATOM   528  O OE1 . GLU A 1 71  ? -19.157 -5.596  -5.309  1.00 57.31 ? 70  GLU A OE1 1 
ATOM   529  O OE2 . GLU A 1 71  ? -17.667 -4.678  -6.754  1.00 52.57 ? 70  GLU A OE2 1 
ATOM   530  N N   . THR A 1 72  ? -15.005 -5.541  -2.946  1.00 18.82 ? 71  THR A N   1 
ATOM   531  C CA  . THR A 1 72  ? -15.333 -5.061  -1.583  1.00 20.77 ? 71  THR A CA  1 
ATOM   532  C C   . THR A 1 72  ? -14.198 -4.271  -0.969  1.00 22.37 ? 71  THR A C   1 
ATOM   533  O O   . THR A 1 72  ? -14.397 -3.509  -0.068  1.00 28.29 ? 71  THR A O   1 
ATOM   534  C CB  . THR A 1 72  ? -15.529 -6.269  -0.686  1.00 23.22 ? 71  THR A CB  1 
ATOM   535  O OG1 . THR A 1 72  ? -16.665 -6.958  -1.110  1.00 33.32 ? 71  THR A OG1 1 
ATOM   536  C CG2 . THR A 1 72  ? -15.620 -5.874  0.766   1.00 17.80 ? 71  THR A CG2 1 
ATOM   537  N N   . VAL A 1 73  ? -12.982 -4.599  -1.376  1.00 17.02 ? 72  VAL A N   1 
ATOM   538  C CA  . VAL A 1 73  ? -11.801 -3.981  -0.873  1.00 16.04 ? 72  VAL A CA  1 
ATOM   539  C C   . VAL A 1 73  ? -11.749 -2.657  -1.483  1.00 14.69 ? 72  VAL A C   1 
ATOM   540  O O   . VAL A 1 73  ? -11.611 -1.695  -0.779  1.00 19.37 ? 72  VAL A O   1 
ATOM   541  C CB  . VAL A 1 73  ? -10.602 -4.775  -1.349  1.00 28.03 ? 72  VAL A CB  1 
ATOM   542  C CG1 . VAL A 1 73  ? -9.364  -3.884  -1.455  1.00 33.32 ? 72  VAL A CG1 1 
ATOM   543  C CG2 . VAL A 1 73  ? -10.368 -6.013  -0.471  1.00 26.12 ? 72  VAL A CG2 1 
ATOM   544  N N   . LEU A 1 74  ? -11.937 -2.658  -2.828  1.00 14.44 ? 73  LEU A N   1 
ATOM   545  C CA  . LEU A 1 74  ? -12.099 -1.457  -3.665  1.00 17.89 ? 73  LEU A CA  1 
ATOM   546  C C   . LEU A 1 74  ? -13.320 -0.583  -3.295  1.00 21.56 ? 73  LEU A C   1 
ATOM   547  O O   . LEU A 1 74  ? -13.362 0.611   -3.508  1.00 29.67 ? 73  LEU A O   1 
ATOM   548  C CB  . LEU A 1 74  ? -12.299 -1.778  -5.140  1.00 21.29 ? 73  LEU A CB  1 
ATOM   549  C CG  . LEU A 1 74  ? -11.084 -2.038  -5.986  1.00 22.32 ? 73  LEU A CG  1 
ATOM   550  C CD1 . LEU A 1 74  ? -11.541 -2.051  -7.456  1.00 14.17 ? 73  LEU A CD1 1 
ATOM   551  C CD2 . LEU A 1 74  ? -9.988  -1.028  -5.641  1.00 15.55 ? 73  LEU A CD2 1 
ATOM   552  N N   . ASP A 1 75  ? -14.369 -1.167  -2.835  1.00 19.00 ? 74  ASP A N   1 
ATOM   553  C CA  . ASP A 1 75  ? -15.488 -0.411  -2.385  1.00 19.47 ? 74  ASP A CA  1 
ATOM   554  C C   . ASP A 1 75  ? -15.153 0.356   -1.150  1.00 19.34 ? 74  ASP A C   1 
ATOM   555  O O   . ASP A 1 75  ? -15.632 1.491   -0.895  1.00 11.40 ? 74  ASP A O   1 
ATOM   556  C CB  . ASP A 1 75  ? -16.514 -1.432  -1.988  1.00 17.89 ? 74  ASP A CB  1 
ATOM   557  C CG  . ASP A 1 75  ? -17.483 -1.583  -3.061  1.00 19.08 ? 74  ASP A CG  1 
ATOM   558  O OD1 . ASP A 1 75  ? -17.426 -1.001  -4.124  1.00 22.38 ? 74  ASP A OD1 1 
ATOM   559  O OD2 . ASP A 1 75  ? -18.458 -2.285  -2.661  1.00 30.20 ? 74  ASP A OD2 1 
ATOM   560  N N   . MET A 1 76  ? -14.454 -0.386  -0.287  1.00 15.83 ? 75  MET A N   1 
ATOM   561  C CA  . MET A 1 76  ? -14.138 0.103   0.983   1.00 15.88 ? 75  MET A CA  1 
ATOM   562  C C   . MET A 1 76  ? -13.293 1.320   0.894   1.00 22.74 ? 75  MET A C   1 
ATOM   563  O O   . MET A 1 76  ? -13.480 2.254   1.700   1.00 25.54 ? 75  MET A O   1 
ATOM   564  C CB  . MET A 1 76  ? -13.495 -0.936  1.816   1.00 20.87 ? 75  MET A CB  1 
ATOM   565  C CG  . MET A 1 76  ? -14.414 -2.045  2.286   1.00 22.15 ? 75  MET A CG  1 
ATOM   566  S SD  . MET A 1 76  ? -13.529 -2.963  3.540   1.00 23.50 ? 75  MET A SD  1 
ATOM   567  C CE  . MET A 1 76  ? -12.879 -4.352  2.583   1.00 29.26 ? 75  MET A CE  1 
ATOM   568  N N   . LEU A 1 77  ? -12.313 1.214   -0.025  1.00 18.53 ? 76  LEU A N   1 
ATOM   569  C CA  . LEU A 1 77  ? -11.308 2.220   -0.396  1.00 18.15 ? 76  LEU A CA  1 
ATOM   570  C C   . LEU A 1 77  ? -11.970 3.497   -1.074  1.00 13.46 ? 76  LEU A C   1 
ATOM   571  O O   . LEU A 1 77  ? -11.702 4.625   -0.704  1.00 13.81 ? 76  LEU A O   1 
ATOM   572  C CB  . LEU A 1 77  ? -10.325 1.432   -1.341  1.00 12.38 ? 76  LEU A CB  1 
ATOM   573  C CG  . LEU A 1 77  ? -8.770  1.584   -1.285  1.00 19.64 ? 76  LEU A CG  1 
ATOM   574  C CD1 . LEU A 1 77  ? -8.210  2.334   -0.080  1.00 23.64 ? 76  LEU A CD1 1 
ATOM   575  C CD2 . LEU A 1 77  ? -8.095  0.214   -1.396  1.00 14.94 ? 76  LEU A CD2 1 
ATOM   576  N N   . ARG A 1 78  ? -12.914 3.282   -2.040  1.00 19.56 ? 77  ARG A N   1 
ATOM   577  C CA  . ARG A 1 78  ? -13.725 4.326   -2.625  1.00 16.02 ? 77  ARG A CA  1 
ATOM   578  C C   . ARG A 1 78  ? -14.354 5.184   -1.542  1.00 21.01 ? 77  ARG A C   1 
ATOM   579  O O   . ARG A 1 78  ? -13.954 6.322   -1.421  1.00 19.39 ? 77  ARG A O   1 
ATOM   580  C CB  . ARG A 1 78  ? -14.671 3.916   -3.768  1.00 12.34 ? 77  ARG A CB  1 
ATOM   581  C CG  . ARG A 1 78  ? -14.964 5.085   -4.766  1.00 7.52  ? 77  ARG A CG  1 
ATOM   582  C CD  . ARG A 1 78  ? -15.830 4.667   -5.959  1.00 5.00  ? 77  ARG A CD  1 
ATOM   583  N NE  . ARG A 1 78  ? -16.449 5.855   -6.569  1.00 17.11 ? 77  ARG A NE  1 
ATOM   584  C CZ  . ARG A 1 78  ? -17.453 6.674   -6.099  1.00 11.96 ? 77  ARG A CZ  1 
ATOM   585  N NH1 . ARG A 1 78  ? -17.879 7.725   -6.795  1.00 12.14 ? 77  ARG A NH1 1 
ATOM   586  N NH2 . ARG A 1 78  ? -18.015 6.448   -4.923  1.00 12.65 ? 77  ARG A NH2 1 
ATOM   587  N N   . ASP A 1 79  ? -15.204 4.573   -0.660  1.00 21.91 ? 78  ASP A N   1 
ATOM   588  C CA  . ASP A 1 79  ? -15.865 5.232   0.498   1.00 13.15 ? 78  ASP A CA  1 
ATOM   589  C C   . ASP A 1 79  ? -14.926 6.126   1.339   1.00 11.35 ? 78  ASP A C   1 
ATOM   590  O O   . ASP A 1 79  ? -15.241 7.233   1.796   1.00 10.93 ? 78  ASP A O   1 
ATOM   591  C CB  . ASP A 1 79  ? -16.541 4.187   1.422   1.00 8.25  ? 78  ASP A CB  1 
ATOM   592  C CG  . ASP A 1 79  ? -17.790 3.649   0.845   1.00 10.58 ? 78  ASP A CG  1 
ATOM   593  O OD1 . ASP A 1 79  ? -18.212 4.113   -0.181  1.00 10.93 ? 78  ASP A OD1 1 
ATOM   594  O OD2 . ASP A 1 79  ? -18.289 2.580   1.497   1.00 11.59 ? 78  ASP A OD2 1 
ATOM   595  N N   . ALA A 1 80  ? -13.769 5.572   1.628   1.00 13.52 ? 79  ALA A N   1 
ATOM   596  C CA  . ALA A 1 80  ? -12.816 6.249   2.458   1.00 9.33  ? 79  ALA A CA  1 
ATOM   597  C C   . ALA A 1 80  ? -12.171 7.320   1.685   1.00 13.98 ? 79  ALA A C   1 
ATOM   598  O O   . ALA A 1 80  ? -11.741 8.230   2.325   1.00 20.26 ? 79  ALA A O   1 
ATOM   599  C CB  . ALA A 1 80  ? -11.793 5.286   3.113   1.00 5.00  ? 79  ALA A CB  1 
ATOM   600  N N   . MET A 1 81  ? -12.021 7.203   0.326   1.00 9.19  ? 80  MET A N   1 
ATOM   601  C CA  . MET A 1 81  ? -11.475 8.341   -0.346  1.00 8.01  ? 80  MET A CA  1 
ATOM   602  C C   . MET A 1 81  ? -12.482 9.433   -0.532  1.00 9.36  ? 80  MET A C   1 
ATOM   603  O O   . MET A 1 81  ? -12.187 10.561  -0.411  1.00 17.80 ? 80  MET A O   1 
ATOM   604  C CB  . MET A 1 81  ? -10.621 8.144   -1.602  1.00 12.15 ? 80  MET A CB  1 
ATOM   605  C CG  . MET A 1 81  ? -9.498  7.169   -1.488  1.00 10.14 ? 80  MET A CG  1 
ATOM   606  S SD  . MET A 1 81  ? -9.252  6.288   -3.059  1.00 20.86 ? 80  MET A SD  1 
ATOM   607  C CE  . MET A 1 81  ? -8.816  7.530   -4.288  1.00 9.04  ? 80  MET A CE  1 
ATOM   608  N N   . VAL A 1 82  ? -13.705 9.108   -0.710  1.00 5.91  ? 81  VAL A N   1 
ATOM   609  C CA  . VAL A 1 82  ? -14.725 10.120  -0.901  1.00 5.00  ? 81  VAL A CA  1 
ATOM   610  C C   . VAL A 1 82  ? -14.903 10.966  0.350   1.00 9.30  ? 81  VAL A C   1 
ATOM   611  O O   . VAL A 1 82  ? -15.084 12.211  0.275   1.00 14.19 ? 81  VAL A O   1 
ATOM   612  C CB  . VAL A 1 82  ? -16.024 9.395   -1.340  1.00 10.46 ? 81  VAL A CB  1 
ATOM   613  C CG1 . VAL A 1 82  ? -17.265 10.211  -1.004  1.00 16.59 ? 81  VAL A CG1 1 
ATOM   614  C CG2 . VAL A 1 82  ? -16.024 9.040   -2.839  1.00 9.52  ? 81  VAL A CG2 1 
ATOM   615  N N   . ALA A 1 83  ? -14.809 10.249  1.526   1.00 12.81 ? 82  ALA A N   1 
ATOM   616  C CA  . ALA A 1 83  ? -15.081 10.764  2.818   1.00 9.53  ? 82  ALA A CA  1 
ATOM   617  C C   . ALA A 1 83  ? -14.109 11.810  3.256   1.00 18.07 ? 82  ALA A C   1 
ATOM   618  O O   . ALA A 1 83  ? -14.474 12.596  4.116   1.00 26.33 ? 82  ALA A O   1 
ATOM   619  C CB  . ALA A 1 83  ? -15.207 9.646   3.821   1.00 9.05  ? 82  ALA A CB  1 
ATOM   620  N N   . LYS A 1 84  ? -12.964 11.911  2.524   1.00 18.88 ? 83  LYS A N   1 
ATOM   621  C CA  . LYS A 1 84  ? -11.883 12.869  2.753   1.00 16.79 ? 83  LYS A CA  1 
ATOM   622  C C   . LYS A 1 84  ? -11.542 13.777  1.617   1.00 9.55  ? 83  LYS A C   1 
ATOM   623  O O   . LYS A 1 84  ? -10.564 14.421  1.735   1.00 15.55 ? 83  LYS A O   1 
ATOM   624  C CB  . LYS A 1 84  ? -10.598 12.098  2.982   1.00 19.62 ? 83  LYS A CB  1 
ATOM   625  C CG  . LYS A 1 84  ? -10.738 11.051  4.058   1.00 20.49 ? 83  LYS A CG  1 
ATOM   626  C CD  . LYS A 1 84  ? -10.240 11.537  5.402   1.00 23.97 ? 83  LYS A CD  1 
ATOM   627  C CE  . LYS A 1 84  ? -10.511 10.475  6.439   1.00 25.41 ? 83  LYS A CE  1 
ATOM   628  N NZ  . LYS A 1 84  ? -11.808 10.693  7.100   1.00 29.97 ? 83  LYS A NZ  1 
ATOM   629  N N   . VAL A 1 85  ? -12.196 13.628  0.486   1.00 11.56 ? 84  VAL A N   1 
ATOM   630  C CA  . VAL A 1 85  ? -11.962 14.318  -0.812  1.00 17.53 ? 84  VAL A CA  1 
ATOM   631  C C   . VAL A 1 85  ? -12.197 15.808  -0.883  1.00 17.87 ? 84  VAL A C   1 
ATOM   632  O O   . VAL A 1 85  ? -11.528 16.480  -1.697  1.00 17.66 ? 84  VAL A O   1 
ATOM   633  C CB  . VAL A 1 85  ? -12.769 13.651  -1.922  1.00 19.54 ? 84  VAL A CB  1 
ATOM   634  C CG1 . VAL A 1 85  ? -14.171 14.247  -1.900  1.00 22.18 ? 84  VAL A CG1 1 
ATOM   635  C CG2 . VAL A 1 85  ? -12.111 13.768  -3.295  1.00 12.81 ? 84  VAL A CG2 1 
ATOM   636  N N   . ASP A 1 86  ? -13.138 16.315  -0.090  1.00 16.35 ? 85  ASP A N   1 
ATOM   637  C CA  . ASP A 1 86  ? -13.355 17.775  -0.027  1.00 30.47 ? 85  ASP A CA  1 
ATOM   638  C C   . ASP A 1 86  ? -12.317 18.555  0.861   1.00 35.77 ? 85  ASP A C   1 
ATOM   639  O O   . ASP A 1 86  ? -12.222 19.762  0.822   1.00 38.37 ? 85  ASP A O   1 
ATOM   640  C CB  . ASP A 1 86  ? -14.771 18.222  0.478   1.00 29.36 ? 85  ASP A CB  1 
ATOM   641  C CG  . ASP A 1 86  ? -16.086 17.890  -0.230  1.00 30.05 ? 85  ASP A CG  1 
ATOM   642  O OD1 . ASP A 1 86  ? -17.128 17.683  0.411   1.00 28.87 ? 85  ASP A OD1 1 
ATOM   643  O OD2 . ASP A 1 86  ? -16.043 17.908  -1.538  1.00 25.13 ? 85  ASP A OD2 1 
ATOM   644  N N   . THR A 1 87  ? -11.650 17.841  1.733   1.00 39.95 ? 86  THR A N   1 
ATOM   645  C CA  . THR A 1 87  ? -10.758 18.299  2.767   1.00 40.44 ? 86  THR A CA  1 
ATOM   646  C C   . THR A 1 87  ? -9.216  17.935  2.554   1.00 44.20 ? 86  THR A C   1 
ATOM   647  O O   . THR A 1 87  ? -8.331  18.692  2.950   1.00 43.38 ? 86  THR A O   1 
ATOM   648  C CB  . THR A 1 87  ? -11.385 17.732  4.083   1.00 33.96 ? 86  THR A CB  1 
ATOM   649  O OG1 . THR A 1 87  ? -12.397 16.795  3.792   1.00 34.70 ? 86  THR A OG1 1 
ATOM   650  C CG2 . THR A 1 87  ? -12.163 18.820  4.784   1.00 31.98 ? 86  THR A CG2 1 
ATOM   651  N N   . SER A 1 88  ? -8.932  16.790  1.893   1.00 38.36 ? 87  SER A N   1 
ATOM   652  C CA  . SER A 1 88  ? -7.615  16.194  1.715   1.00 31.91 ? 87  SER A CA  1 
ATOM   653  C C   . SER A 1 88  ? -6.596  16.897  0.801   1.00 40.87 ? 87  SER A C   1 
ATOM   654  O O   . SER A 1 88  ? -6.950  17.595  -0.133  1.00 47.99 ? 87  SER A O   1 
ATOM   655  C CB  . SER A 1 88  ? -7.803  14.819  1.183   1.00 29.76 ? 87  SER A CB  1 
ATOM   656  O OG  . SER A 1 88  ? -6.820  14.090  1.854   1.00 41.44 ? 87  SER A OG  1 
ATOM   657  N N   . LYS A 1 89  ? -5.291  16.615  1.004   1.00 38.59 ? 88  LYS A N   1 
ATOM   658  C CA  . LYS A 1 89  ? -4.244  17.131  0.071   1.00 39.74 ? 88  LYS A CA  1 
ATOM   659  C C   . LYS A 1 89  ? -3.939  16.065  -0.971  1.00 29.80 ? 88  LYS A C   1 
ATOM   660  O O   . LYS A 1 89  ? -3.423  16.289  -2.067  1.00 26.61 ? 88  LYS A O   1 
ATOM   661  C CB  . LYS A 1 89  ? -2.902  17.636  0.700   1.00 39.88 ? 88  LYS A CB  1 
ATOM   662  C CG  . LYS A 1 89  ? -3.004  18.654  1.844   1.00 46.72 ? 88  LYS A CG  1 
ATOM   663  C CD  . LYS A 1 89  ? -3.685  19.957  1.421   1.00 49.86 ? 88  LYS A CD  1 
ATOM   664  C CE  . LYS A 1 89  ? -2.935  21.228  1.750   1.00 46.08 ? 88  LYS A CE  1 
ATOM   665  N NZ  . LYS A 1 89  ? -3.853  22.377  1.711   1.00 47.81 ? 88  LYS A NZ  1 
ATOM   666  N N   . GLY A 1 90  ? -4.239  14.868  -0.619  1.00 20.58 ? 89  GLY A N   1 
ATOM   667  C CA  . GLY A 1 90  ? -3.869  13.850  -1.516  1.00 19.02 ? 89  GLY A CA  1 
ATOM   668  C C   . GLY A 1 90  ? -4.021  12.513  -0.852  1.00 19.06 ? 89  GLY A C   1 
ATOM   669  O O   . GLY A 1 90  ? -4.129  12.417  0.376   1.00 17.87 ? 89  GLY A O   1 
ATOM   670  N N   . PHE A 1 91  ? -4.002  11.465  -1.642  1.00 20.80 ? 90  PHE A N   1 
ATOM   671  C CA  . PHE A 1 91  ? -4.176  10.171  -1.055  1.00 21.38 ? 90  PHE A CA  1 
ATOM   672  C C   . PHE A 1 91  ? -2.930  9.308   -1.132  1.00 19.98 ? 90  PHE A C   1 
ATOM   673  O O   . PHE A 1 91  ? -2.287  9.187   -2.202  1.00 17.57 ? 90  PHE A O   1 
ATOM   674  C CB  . PHE A 1 91  ? -5.374  9.518   -1.762  1.00 21.64 ? 90  PHE A CB  1 
ATOM   675  C CG  . PHE A 1 91  ? -6.647  10.247  -1.349  1.00 18.58 ? 90  PHE A CG  1 
ATOM   676  C CD1 . PHE A 1 91  ? -7.238  11.234  -2.150  1.00 14.94 ? 90  PHE A CD1 1 
ATOM   677  C CD2 . PHE A 1 91  ? -7.242  9.989   -0.120  1.00 15.36 ? 90  PHE A CD2 1 
ATOM   678  C CE1 . PHE A 1 91  ? -8.467  11.825  -1.821  1.00 11.15 ? 90  PHE A CE1 1 
ATOM   679  C CE2 . PHE A 1 91  ? -8.416  10.657  0.268   1.00 15.73 ? 90  PHE A CE2 1 
ATOM   680  C CZ  . PHE A 1 91  ? -9.022  11.597  -0.568  1.00 11.11 ? 90  PHE A CZ  1 
ATOM   681  N N   . LEU A 1 92  ? -2.631  8.677   -0.015  1.00 12.19 ? 91  LEU A N   1 
ATOM   682  C CA  . LEU A 1 92  ? -1.475  7.821   0.074   1.00 8.18  ? 91  LEU A CA  1 
ATOM   683  C C   . LEU A 1 92  ? -1.966  6.354   0.244   1.00 6.33  ? 91  LEU A C   1 
ATOM   684  O O   . LEU A 1 92  ? -2.544  6.031   1.224   1.00 18.62 ? 91  LEU A O   1 
ATOM   685  C CB  . LEU A 1 92  ? -0.682  8.374   1.311   1.00 9.11  ? 91  LEU A CB  1 
ATOM   686  C CG  . LEU A 1 92  ? 0.809   8.352   1.277   1.00 10.02 ? 91  LEU A CG  1 
ATOM   687  C CD1 . LEU A 1 92  ? 1.236   9.287   0.195   1.00 18.24 ? 91  LEU A CD1 1 
ATOM   688  C CD2 . LEU A 1 92  ? 1.346   8.853   2.584   1.00 10.21 ? 91  LEU A CD2 1 
ATOM   689  N N   . ILE A 1 93  ? -1.698  5.465   -0.719  1.00 15.49 ? 92  ILE A N   1 
ATOM   690  C CA  . ILE A 1 93  ? -2.213  4.074   -0.813  1.00 17.33 ? 92  ILE A CA  1 
ATOM   691  C C   . ILE A 1 93  ? -1.175  2.937   -0.678  1.00 18.85 ? 92  ILE A C   1 
ATOM   692  O O   . ILE A 1 93  ? -0.603  2.484   -1.631  1.00 22.32 ? 92  ILE A O   1 
ATOM   693  C CB  . ILE A 1 93  ? -3.112  3.892   -2.029  1.00 13.93 ? 92  ILE A CB  1 
ATOM   694  C CG1 . ILE A 1 93  ? -4.242  4.844   -1.756  1.00 22.96 ? 92  ILE A CG1 1 
ATOM   695  C CG2 . ILE A 1 93  ? -3.721  2.491   -2.042  1.00 12.94 ? 92  ILE A CG2 1 
ATOM   696  C CD1 . ILE A 1 93  ? -4.906  5.430   -2.972  1.00 22.89 ? 92  ILE A CD1 1 
ATOM   697  N N   . ASP A 1 94  ? -1.027  2.486   0.551   1.00 18.89 ? 93  ASP A N   1 
ATOM   698  C CA  . ASP A 1 94  ? -0.064  1.504   1.071   1.00 22.24 ? 93  ASP A CA  1 
ATOM   699  C C   . ASP A 1 94  ? -0.201  0.068   0.692   1.00 28.79 ? 93  ASP A C   1 
ATOM   700  O O   . ASP A 1 94  ? -1.190  -0.525  1.168   1.00 31.48 ? 93  ASP A O   1 
ATOM   701  C CB  . ASP A 1 94  ? -0.272  1.395   2.549   1.00 18.84 ? 93  ASP A CB  1 
ATOM   702  C CG  . ASP A 1 94  ? 0.883   1.965   3.092   1.00 21.29 ? 93  ASP A CG  1 
ATOM   703  O OD1 . ASP A 1 94  ? 1.261   2.999   2.614   1.00 28.94 ? 93  ASP A OD1 1 
ATOM   704  O OD2 . ASP A 1 94  ? 1.553   1.147   3.845   1.00 22.58 ? 93  ASP A OD2 1 
ATOM   705  N N   . GLY A 1 95  ? 0.866   -0.498  0.021   1.00 29.15 ? 94  GLY A N   1 
ATOM   706  C CA  . GLY A 1 95  ? 0.860   -1.835  -0.518  1.00 29.25 ? 94  GLY A CA  1 
ATOM   707  C C   . GLY A 1 95  ? -0.344  -2.011  -1.472  1.00 39.29 ? 94  GLY A C   1 
ATOM   708  O O   . GLY A 1 95  ? -1.367  -2.615  -1.105  1.00 48.10 ? 94  GLY A O   1 
ATOM   709  N N   . TYR A 1 96  ? -0.330  -1.339  -2.640  1.00 36.31 ? 95  TYR A N   1 
ATOM   710  C CA  . TYR A 1 96  ? -1.479  -1.438  -3.523  1.00 28.27 ? 95  TYR A CA  1 
ATOM   711  C C   . TYR A 1 96  ? -1.270  -0.664  -4.721  1.00 25.32 ? 95  TYR A C   1 
ATOM   712  O O   . TYR A 1 96  ? -0.874  0.463   -4.619  1.00 36.48 ? 95  TYR A O   1 
ATOM   713  C CB  . TYR A 1 96  ? -2.762  -0.976  -2.892  1.00 22.93 ? 95  TYR A CB  1 
ATOM   714  C CG  . TYR A 1 96  ? -3.927  -1.390  -3.716  1.00 26.74 ? 95  TYR A CG  1 
ATOM   715  C CD1 . TYR A 1 96  ? -4.261  -0.675  -4.868  1.00 31.55 ? 95  TYR A CD1 1 
ATOM   716  C CD2 . TYR A 1 96  ? -4.827  -2.353  -3.269  1.00 27.98 ? 95  TYR A CD2 1 
ATOM   717  C CE1 . TYR A 1 96  ? -5.375  -1.003  -5.656  1.00 29.92 ? 95  TYR A CE1 1 
ATOM   718  C CE2 . TYR A 1 96  ? -5.953  -2.684  -4.037  1.00 33.86 ? 95  TYR A CE2 1 
ATOM   719  C CZ  . TYR A 1 96  ? -6.234  -2.024  -5.244  1.00 30.95 ? 95  TYR A CZ  1 
ATOM   720  O OH  . TYR A 1 96  ? -7.386  -2.346  -5.992  1.00 29.62 ? 95  TYR A OH  1 
ATOM   721  N N   . PRO A 1 97  ? -1.405  -1.296  -5.862  1.00 18.27 ? 96  PRO A N   1 
ATOM   722  C CA  . PRO A 1 97  ? -1.817  -2.641  -5.957  1.00 16.30 ? 96  PRO A CA  1 
ATOM   723  C C   . PRO A 1 97  ? -0.749  -3.689  -5.627  1.00 21.59 ? 96  PRO A C   1 
ATOM   724  O O   . PRO A 1 97  ? 0.405   -3.408  -5.300  1.00 26.21 ? 96  PRO A O   1 
ATOM   725  C CB  . PRO A 1 97  ? -2.220  -2.823  -7.400  1.00 12.84 ? 96  PRO A CB  1 
ATOM   726  C CG  . PRO A 1 97  ? -2.409  -1.487  -7.994  1.00 9.82  ? 96  PRO A CG  1 
ATOM   727  C CD  . PRO A 1 97  ? -1.736  -0.530  -7.062  1.00 5.13  ? 96  PRO A CD  1 
ATOM   728  N N   . ARG A 1 98  ? -1.204  -4.913  -5.761  1.00 17.67 ? 97  ARG A N   1 
ATOM   729  C CA  . ARG A 1 98  ? -0.526  -6.115  -5.406  1.00 21.76 ? 97  ARG A CA  1 
ATOM   730  C C   . ARG A 1 98  ? -0.452  -7.063  -6.534  1.00 27.98 ? 97  ARG A C   1 
ATOM   731  O O   . ARG A 1 98  ? 0.469   -7.854  -6.653  1.00 32.08 ? 97  ARG A O   1 
ATOM   732  C CB  . ARG A 1 98  ? -1.103  -6.746  -4.150  1.00 25.80 ? 97  ARG A CB  1 
ATOM   733  C CG  . ARG A 1 98  ? -0.249  -6.159  -3.007  1.00 34.50 ? 97  ARG A CG  1 
ATOM   734  C CD  . ARG A 1 98  ? -0.465  -6.689  -1.605  1.00 48.11 ? 97  ARG A CD  1 
ATOM   735  N NE  . ARG A 1 98  ? -0.358  -8.128  -1.453  1.00 61.07 ? 97  ARG A NE  1 
ATOM   736  C CZ  . ARG A 1 98  ? -0.567  -8.709  -0.261  1.00 74.30 ? 97  ARG A CZ  1 
ATOM   737  N NH1 . ARG A 1 98  ? -0.840  -7.976  0.820   1.00 78.18 ? 97  ARG A NH1 1 
ATOM   738  N NH2 . ARG A 1 98  ? -0.457  -10.046 -0.114  1.00 79.16 ? 97  ARG A NH2 1 
ATOM   739  N N   . GLU A 1 99  ? -1.348  -6.831  -7.440  1.00 29.30 ? 98  GLU A N   1 
ATOM   740  C CA  . GLU A 1 99  ? -1.489  -7.545  -8.668  1.00 28.82 ? 98  GLU A CA  1 
ATOM   741  C C   . GLU A 1 99  ? -1.860  -6.495  -9.684  1.00 30.74 ? 98  GLU A C   1 
ATOM   742  O O   . GLU A 1 99  ? -2.630  -5.556  -9.372  1.00 27.82 ? 98  GLU A O   1 
ATOM   743  C CB  . GLU A 1 99  ? -2.680  -8.486  -8.562  1.00 34.87 ? 98  GLU A CB  1 
ATOM   744  C CG  . GLU A 1 99  ? -2.378  -9.865  -7.989  1.00 47.09 ? 98  GLU A CG  1 
ATOM   745  C CD  . GLU A 1 99  ? -3.635  -10.434 -7.393  1.00 52.61 ? 98  GLU A CD  1 
ATOM   746  O OE1 . GLU A 1 99  ? -3.760  -11.614 -6.984  1.00 52.77 ? 98  GLU A OE1 1 
ATOM   747  O OE2 . GLU A 1 99  ? -4.551  -9.482  -7.315  1.00 50.23 ? 98  GLU A OE2 1 
ATOM   748  N N   . VAL A 1 100 ? -1.220  -6.592  -10.839 1.00 28.05 ? 99  VAL A N   1 
ATOM   749  C CA  . VAL A 1 100 ? -1.477  -5.802  -11.967 1.00 27.08 ? 99  VAL A CA  1 
ATOM   750  C C   . VAL A 1 100 ? -2.988  -5.617  -12.277 1.00 29.37 ? 99  VAL A C   1 
ATOM   751  O O   . VAL A 1 100 ? -3.431  -4.569  -12.753 1.00 39.30 ? 99  VAL A O   1 
ATOM   752  C CB  . VAL A 1 100 ? -0.802  -6.451  -13.161 1.00 36.96 ? 99  VAL A CB  1 
ATOM   753  C CG1 . VAL A 1 100 ? -1.359  -5.841  -14.455 1.00 43.64 ? 99  VAL A CG1 1 
ATOM   754  C CG2 . VAL A 1 100 ? 0.725   -6.293  -13.108 1.00 33.54 ? 99  VAL A CG2 1 
ATOM   755  N N   . LYS A 1 101 ? -3.805  -6.642  -12.194 1.00 26.99 ? 100 LYS A N   1 
ATOM   756  C CA  . LYS A 1 101 ? -5.201  -6.408  -12.558 1.00 26.74 ? 100 LYS A CA  1 
ATOM   757  C C   . LYS A 1 101 ? -5.943  -5.575  -11.482 1.00 27.37 ? 100 LYS A C   1 
ATOM   758  O O   . LYS A 1 101 ? -7.015  -5.041  -11.621 1.00 29.45 ? 100 LYS A O   1 
ATOM   759  C CB  . LYS A 1 101 ? -5.888  -7.680  -12.985 1.00 30.08 ? 100 LYS A CB  1 
ATOM   760  C CG  . LYS A 1 101 ? -7.180  -7.464  -13.751 1.00 37.39 ? 100 LYS A CG  1 
ATOM   761  C CD  . LYS A 1 101 ? -8.210  -8.578  -13.485 1.00 43.11 ? 100 LYS A CD  1 
ATOM   762  C CE  . LYS A 1 101 ? -8.622  -8.721  -12.002 1.00 41.77 ? 100 LYS A CE  1 
ATOM   763  N NZ  . LYS A 1 101 ? -9.393  -9.960  -11.757 1.00 41.20 ? 100 LYS A NZ  1 
ATOM   764  N N   . GLN A 1 102 ? -5.312  -5.450  -10.392 1.00 24.12 ? 101 GLN A N   1 
ATOM   765  C CA  . GLN A 1 102 ? -5.852  -4.806  -9.258  1.00 21.58 ? 101 GLN A CA  1 
ATOM   766  C C   . GLN A 1 102 ? -5.549  -3.310  -9.297  1.00 21.60 ? 101 GLN A C   1 
ATOM   767  O O   . GLN A 1 102 ? -6.323  -2.450  -8.804  1.00 27.92 ? 101 GLN A O   1 
ATOM   768  C CB  . GLN A 1 102 ? -5.270  -5.613  -8.137  1.00 25.97 ? 101 GLN A CB  1 
ATOM   769  C CG  . GLN A 1 102 ? -5.082  -4.916  -6.857  1.00 26.42 ? 101 GLN A CG  1 
ATOM   770  C CD  . GLN A 1 102 ? -4.742  -5.965  -5.897  1.00 18.95 ? 101 GLN A CD  1 
ATOM   771  O OE1 . GLN A 1 102 ? -4.023  -5.742  -4.953  1.00 20.23 ? 101 GLN A OE1 1 
ATOM   772  N NE2 . GLN A 1 102 ? -5.245  -7.132  -6.204  1.00 20.24 ? 101 GLN A NE2 1 
ATOM   773  N N   . GLY A 1 103 ? -4.495  -2.997  -10.039 1.00 12.09 ? 102 GLY A N   1 
ATOM   774  C CA  . GLY A 1 103 ? -4.225  -1.652  -10.361 1.00 11.25 ? 102 GLY A CA  1 
ATOM   775  C C   . GLY A 1 103 ? -5.164  -1.258  -11.545 1.00 18.13 ? 102 GLY A C   1 
ATOM   776  O O   . GLY A 1 103 ? -5.491  -0.108  -11.748 1.00 31.60 ? 102 GLY A O   1 
ATOM   777  N N   . GLU A 1 104 ? -5.715  -2.237  -12.252 1.00 14.98 ? 103 GLU A N   1 
ATOM   778  C CA  . GLU A 1 104 ? -6.616  -1.985  -13.376 1.00 19.65 ? 103 GLU A CA  1 
ATOM   779  C C   . GLU A 1 104 ? -8.016  -1.669  -12.946 1.00 20.54 ? 103 GLU A C   1 
ATOM   780  O O   . GLU A 1 104 ? -8.665  -0.772  -13.452 1.00 25.45 ? 103 GLU A O   1 
ATOM   781  C CB  . GLU A 1 104 ? -6.565  -3.082  -14.453 1.00 23.29 ? 103 GLU A CB  1 
ATOM   782  C CG  . GLU A 1 104 ? -5.496  -2.744  -15.551 1.00 32.59 ? 103 GLU A CG  1 
ATOM   783  C CD  . GLU A 1 104 ? -5.217  -3.869  -16.560 1.00 32.88 ? 103 GLU A CD  1 
ATOM   784  O OE1 . GLU A 1 104 ? -4.993  -3.734  -17.742 1.00 42.14 ? 103 GLU A OE1 1 
ATOM   785  O OE2 . GLU A 1 104 ? -5.071  -4.991  -15.999 1.00 33.59 ? 103 GLU A OE2 1 
ATOM   786  N N   . GLU A 1 105 ? -8.392  -2.300  -11.899 1.00 20.37 ? 104 GLU A N   1 
ATOM   787  C CA  . GLU A 1 105 ? -9.664  -2.113  -11.292 1.00 18.31 ? 104 GLU A CA  1 
ATOM   788  C C   . GLU A 1 105 ? -9.785  -0.825  -10.520 1.00 19.20 ? 104 GLU A C   1 
ATOM   789  O O   . GLU A 1 105 ? -10.880 -0.352  -10.231 1.00 20.42 ? 104 GLU A O   1 
ATOM   790  C CB  . GLU A 1 105 ? -9.944  -3.308  -10.390 1.00 14.83 ? 104 GLU A CB  1 
ATOM   791  C CG  . GLU A 1 105 ? -10.531 -4.473  -11.201 1.00 26.11 ? 104 GLU A CG  1 
ATOM   792  C CD  . GLU A 1 105 ? -11.859 -4.230  -11.913 1.00 41.09 ? 104 GLU A CD  1 
ATOM   793  O OE1 . GLU A 1 105 ? -12.880 -3.796  -11.360 1.00 47.54 ? 104 GLU A OE1 1 
ATOM   794  O OE2 . GLU A 1 105 ? -11.814 -4.610  -13.186 1.00 45.56 ? 104 GLU A OE2 1 
ATOM   795  N N   . PHE A 1 106 ? -8.681  -0.366  -10.024 1.00 16.40 ? 105 PHE A N   1 
ATOM   796  C CA  . PHE A 1 106 ? -8.656  0.835   -9.277  1.00 17.45 ? 105 PHE A CA  1 
ATOM   797  C C   . PHE A 1 106 ? -8.757  2.043   -10.214 1.00 25.64 ? 105 PHE A C   1 
ATOM   798  O O   . PHE A 1 106 ? -9.348  3.061   -9.895  1.00 36.81 ? 105 PHE A O   1 
ATOM   799  C CB  . PHE A 1 106 ? -7.533  0.877   -8.198  1.00 14.37 ? 105 PHE A CB  1 
ATOM   800  C CG  . PHE A 1 106 ? -7.391  2.192   -7.423  1.00 17.62 ? 105 PHE A CG  1 
ATOM   801  C CD1 . PHE A 1 106 ? -7.152  2.177   -6.045  1.00 23.73 ? 105 PHE A CD1 1 
ATOM   802  C CD2 . PHE A 1 106 ? -7.257  3.421   -8.082  1.00 9.62  ? 105 PHE A CD2 1 
ATOM   803  C CE1 . PHE A 1 106 ? -6.902  3.349   -5.312  1.00 21.33 ? 105 PHE A CE1 1 
ATOM   804  C CE2 . PHE A 1 106 ? -6.979  4.594   -7.378  1.00 5.00  ? 105 PHE A CE2 1 
ATOM   805  C CZ  . PHE A 1 106 ? -6.887  4.574   -5.981  1.00 11.71 ? 105 PHE A CZ  1 
ATOM   806  N N   . GLU A 1 107 ? -8.261  1.968   -11.400 1.00 19.36 ? 106 GLU A N   1 
ATOM   807  C CA  . GLU A 1 107 ? -8.358  3.179   -12.170 1.00 22.34 ? 106 GLU A CA  1 
ATOM   808  C C   . GLU A 1 107 ? -9.702  3.350   -12.811 1.00 25.68 ? 106 GLU A C   1 
ATOM   809  O O   . GLU A 1 107 ? -10.042 4.396   -13.308 1.00 35.34 ? 106 GLU A O   1 
ATOM   810  C CB  . GLU A 1 107 ? -7.398  3.208   -13.305 1.00 27.87 ? 106 GLU A CB  1 
ATOM   811  C CG  . GLU A 1 107 ? -5.996  3.462   -12.860 1.00 28.38 ? 106 GLU A CG  1 
ATOM   812  C CD  . GLU A 1 107 ? -5.138  2.926   -13.883 1.00 28.52 ? 106 GLU A CD  1 
ATOM   813  O OE1 . GLU A 1 107 ? -5.116  3.331   -15.004 1.00 35.24 ? 106 GLU A OE1 1 
ATOM   814  O OE2 . GLU A 1 107 ? -4.556  1.869   -13.491 1.00 36.05 ? 106 GLU A OE2 1 
ATOM   815  N N   . ARG A 1 108 ? -10.405 2.282   -12.923 1.00 18.36 ? 107 ARG A N   1 
ATOM   816  C CA  . ARG A 1 108 ? -11.644 2.253   -13.598 1.00 17.18 ? 107 ARG A CA  1 
ATOM   817  C C   . ARG A 1 108 ? -12.733 2.828   -12.757 1.00 21.22 ? 107 ARG A C   1 
ATOM   818  O O   . ARG A 1 108 ? -13.258 3.895   -13.138 1.00 27.41 ? 107 ARG A O   1 
ATOM   819  C CB  . ARG A 1 108 ? -11.959 0.835   -13.978 1.00 22.88 ? 107 ARG A CB  1 
ATOM   820  C CG  . ARG A 1 108 ? -12.748 0.802   -15.270 1.00 38.74 ? 107 ARG A CG  1 
ATOM   821  C CD  . ARG A 1 108 ? -14.258 0.736   -15.062 1.00 49.00 ? 107 ARG A CD  1 
ATOM   822  N NE  . ARG A 1 108 ? -14.607 -0.646  -14.866 1.00 55.54 ? 107 ARG A NE  1 
ATOM   823  C CZ  . ARG A 1 108 ? -14.359 -1.273  -13.737 1.00 60.04 ? 107 ARG A CZ  1 
ATOM   824  N NH1 . ARG A 1 108 ? -13.934 -0.624  -12.665 1.00 60.82 ? 107 ARG A NH1 1 
ATOM   825  N NH2 . ARG A 1 108 ? -14.639 -2.564  -13.640 1.00 65.00 ? 107 ARG A NH2 1 
ATOM   826  N N   . LYS A 1 109 ? -12.837 2.185   -11.532 1.00 23.02 ? 108 LYS A N   1 
ATOM   827  C CA  . LYS A 1 109 ? -13.721 2.400   -10.400 1.00 15.41 ? 108 LYS A CA  1 
ATOM   828  C C   . LYS A 1 109 ? -13.426 3.561   -9.462  1.00 18.66 ? 108 LYS A C   1 
ATOM   829  O O   . LYS A 1 109 ? -14.323 4.090   -8.884  1.00 24.68 ? 108 LYS A O   1 
ATOM   830  C CB  . LYS A 1 109 ? -14.064 1.105   -9.727  1.00 16.87 ? 108 LYS A CB  1 
ATOM   831  C CG  . LYS A 1 109 ? -13.899 1.080   -8.239  1.00 21.06 ? 108 LYS A CG  1 
ATOM   832  C CD  . LYS A 1 109 ? -15.146 0.551   -7.540  1.00 26.56 ? 108 LYS A CD  1 
ATOM   833  C CE  . LYS A 1 109 ? -15.328 -0.937  -7.769  1.00 32.27 ? 108 LYS A CE  1 
ATOM   834  N NZ  . LYS A 1 109 ? -15.889 -1.608  -6.580  1.00 29.73 ? 108 LYS A NZ  1 
ATOM   835  N N   . ILE A 1 110 ? -12.175 4.026   -9.380  1.00 18.89 ? 109 ILE A N   1 
ATOM   836  C CA  . ILE A 1 110 ? -11.759 5.193   -8.583  1.00 14.88 ? 109 ILE A CA  1 
ATOM   837  C C   . ILE A 1 110 ? -11.033 6.251   -9.454  1.00 23.90 ? 109 ILE A C   1 
ATOM   838  O O   . ILE A 1 110 ? -11.613 7.240   -9.892  1.00 29.76 ? 109 ILE A O   1 
ATOM   839  C CB  . ILE A 1 110 ? -10.966 4.855   -7.314  1.00 10.61 ? 109 ILE A CB  1 
ATOM   840  C CG1 . ILE A 1 110 ? -11.836 4.186   -6.328  1.00 10.38 ? 109 ILE A CG1 1 
ATOM   841  C CG2 . ILE A 1 110 ? -10.621 6.152   -6.627  1.00 10.31 ? 109 ILE A CG2 1 
ATOM   842  C CD1 . ILE A 1 110 ? -11.027 3.642   -5.177  1.00 12.91 ? 109 ILE A CD1 1 
ATOM   843  N N   . GLY A 1 111 ? -9.735  6.125   -9.690  1.00 24.77 ? 110 GLY A N   1 
ATOM   844  C CA  . GLY A 1 111 ? -9.066  7.150   -10.505 1.00 17.67 ? 110 GLY A CA  1 
ATOM   845  C C   . GLY A 1 111 ? -7.662  6.764   -10.810 1.00 20.53 ? 110 GLY A C   1 
ATOM   846  O O   . GLY A 1 111 ? -7.099  5.881   -10.225 1.00 25.63 ? 110 GLY A O   1 
ATOM   847  N N   . GLN A 1 112 ? -7.065  7.454   -11.687 1.00 28.28 ? 111 GLN A N   1 
ATOM   848  C CA  . GLN A 1 112 ? -5.684  7.215   -12.042 1.00 28.16 ? 111 GLN A CA  1 
ATOM   849  C C   . GLN A 1 112 ? -4.717  7.690   -10.946 1.00 26.99 ? 111 GLN A C   1 
ATOM   850  O O   . GLN A 1 112 ? -4.960  8.747   -10.311 1.00 29.19 ? 111 GLN A O   1 
ATOM   851  C CB  . GLN A 1 112 ? -5.426  8.108   -13.250 1.00 31.08 ? 111 GLN A CB  1 
ATOM   852  C CG  . GLN A 1 112 ? -4.506  7.480   -14.252 1.00 32.13 ? 111 GLN A CG  1 
ATOM   853  C CD  . GLN A 1 112 ? -5.350  7.030   -15.372 1.00 35.24 ? 111 GLN A CD  1 
ATOM   854  O OE1 . GLN A 1 112 ? -5.083  7.332   -16.515 1.00 33.72 ? 111 GLN A OE1 1 
ATOM   855  N NE2 . GLN A 1 112 ? -6.492  6.463   -15.011 1.00 39.97 ? 111 GLN A NE2 1 
ATOM   856  N N   . PRO A 1 113 ? -3.579  6.949   -10.777 1.00 16.93 ? 112 PRO A N   1 
ATOM   857  C CA  . PRO A 1 113 ? -2.484  7.371   -9.908  1.00 22.41 ? 112 PRO A CA  1 
ATOM   858  C C   . PRO A 1 113 ? -1.569  8.342   -10.630 1.00 28.10 ? 112 PRO A C   1 
ATOM   859  O O   . PRO A 1 113 ? -1.052  8.076   -11.705 1.00 31.45 ? 112 PRO A O   1 
ATOM   860  C CB  . PRO A 1 113 ? -1.595  6.136   -9.616  1.00 21.89 ? 112 PRO A CB  1 
ATOM   861  C CG  . PRO A 1 113 ? -1.959  5.177   -10.692 1.00 22.38 ? 112 PRO A CG  1 
ATOM   862  C CD  . PRO A 1 113 ? -3.420  5.516   -11.031 1.00 18.15 ? 112 PRO A CD  1 
ATOM   863  N N   . THR A 1 114 ? -1.259  9.383   -9.925  1.00 27.43 ? 113 THR A N   1 
ATOM   864  C CA  . THR A 1 114 ? -0.444  10.473  -10.287 1.00 17.46 ? 113 THR A CA  1 
ATOM   865  C C   . THR A 1 114 ? 0.974   9.999   -10.168 1.00 17.39 ? 113 THR A C   1 
ATOM   866  O O   . THR A 1 114 ? 1.867   10.348  -10.957 1.00 17.29 ? 113 THR A O   1 
ATOM   867  C CB  . THR A 1 114 ? -0.853  11.449  -9.204  1.00 16.88 ? 113 THR A CB  1 
ATOM   868  O OG1 . THR A 1 114 ? -2.237  11.686  -9.319  1.00 22.54 ? 113 THR A OG1 1 
ATOM   869  C CG2 . THR A 1 114 ? -0.180  12.750  -9.309  1.00 16.90 ? 113 THR A CG2 1 
ATOM   870  N N   . LEU A 1 115 ? 1.193   9.169   -9.158  1.00 19.09 ? 114 LEU A N   1 
ATOM   871  C CA  . LEU A 1 115 ? 2.587   8.704   -8.839  1.00 15.22 ? 114 LEU A CA  1 
ATOM   872  C C   . LEU A 1 115 ? 2.690   7.276   -8.291  1.00 15.21 ? 114 LEU A C   1 
ATOM   873  O O   . LEU A 1 115 ? 1.818   6.734   -7.604  1.00 23.78 ? 114 LEU A O   1 
ATOM   874  C CB  . LEU A 1 115 ? 3.211   9.688   -7.832  1.00 17.19 ? 114 LEU A CB  1 
ATOM   875  C CG  . LEU A 1 115 ? 4.677   9.980   -7.895  1.00 25.26 ? 114 LEU A CG  1 
ATOM   876  C CD1 . LEU A 1 115 ? 5.193   9.793   -6.452  1.00 22.76 ? 114 LEU A CD1 1 
ATOM   877  C CD2 . LEU A 1 115 ? 5.313   8.962   -8.845  1.00 29.42 ? 114 LEU A CD2 1 
ATOM   878  N N   . LEU A 1 116 ? 3.769   6.656   -8.554  1.00 6.98  ? 115 LEU A N   1 
ATOM   879  C CA  . LEU A 1 116 ? 3.900   5.393   -7.954  1.00 10.77 ? 115 LEU A CA  1 
ATOM   880  C C   . LEU A 1 116 ? 5.220   5.450   -7.330  1.00 10.49 ? 115 LEU A C   1 
ATOM   881  O O   . LEU A 1 116 ? 6.159   5.625   -8.068  1.00 19.39 ? 115 LEU A O   1 
ATOM   882  C CB  . LEU A 1 116 ? 3.772   4.297   -9.054  1.00 10.01 ? 115 LEU A CB  1 
ATOM   883  C CG  . LEU A 1 116 ? 3.922   2.800   -8.724  1.00 12.69 ? 115 LEU A CG  1 
ATOM   884  C CD1 . LEU A 1 116 ? 4.756   2.379   -7.547  1.00 13.89 ? 115 LEU A CD1 1 
ATOM   885  C CD2 . LEU A 1 116 ? 2.701   1.946   -8.950  1.00 15.65 ? 115 LEU A CD2 1 
ATOM   886  N N   . LEU A 1 117 ? 5.241   5.429   -6.007  1.00 8.80  ? 116 LEU A N   1 
ATOM   887  C CA  . LEU A 1 117 ? 6.421   5.346   -5.172  1.00 15.59 ? 116 LEU A CA  1 
ATOM   888  C C   . LEU A 1 117 ? 6.892   3.886   -4.970  1.00 15.58 ? 116 LEU A C   1 
ATOM   889  O O   . LEU A 1 117 ? 6.260   3.087   -4.303  1.00 17.48 ? 116 LEU A O   1 
ATOM   890  C CB  . LEU A 1 117 ? 6.173   6.017   -3.814  1.00 21.54 ? 116 LEU A CB  1 
ATOM   891  C CG  . LEU A 1 117 ? 7.398   6.788   -3.291  1.00 29.00 ? 116 LEU A CG  1 
ATOM   892  C CD1 . LEU A 1 117 ? 8.666   6.051   -3.645  1.00 35.18 ? 116 LEU A CD1 1 
ATOM   893  C CD2 . LEU A 1 117 ? 7.561   8.176   -3.901  1.00 31.04 ? 116 LEU A CD2 1 
ATOM   894  N N   . TYR A 1 118 ? 8.036   3.562   -5.532  1.00 17.69 ? 117 TYR A N   1 
ATOM   895  C CA  . TYR A 1 118 ? 8.581   2.228   -5.481  1.00 14.39 ? 117 TYR A CA  1 
ATOM   896  C C   . TYR A 1 118 ? 9.715   2.151   -4.469  1.00 20.36 ? 117 TYR A C   1 
ATOM   897  O O   . TYR A 1 118 ? 10.846  2.574   -4.737  1.00 16.89 ? 117 TYR A O   1 
ATOM   898  C CB  . TYR A 1 118 ? 9.093   1.781   -6.869  1.00 9.25  ? 117 TYR A CB  1 
ATOM   899  C CG  . TYR A 1 118 ? 9.678   0.347   -6.919  1.00 12.86 ? 117 TYR A CG  1 
ATOM   900  C CD1 . TYR A 1 118 ? 10.433  -0.112  -7.994  1.00 24.27 ? 117 TYR A CD1 1 
ATOM   901  C CD2 . TYR A 1 118 ? 9.552   -0.505  -5.834  1.00 13.34 ? 117 TYR A CD2 1 
ATOM   902  C CE1 . TYR A 1 118 ? 11.003  -1.392  -7.975  1.00 28.92 ? 117 TYR A CE1 1 
ATOM   903  C CE2 . TYR A 1 118 ? 10.055  -1.802  -5.790  1.00 16.65 ? 117 TYR A CE2 1 
ATOM   904  C CZ  . TYR A 1 118 ? 10.765  -2.242  -6.885  1.00 26.64 ? 117 TYR A CZ  1 
ATOM   905  O OH  . TYR A 1 118 ? 11.203  -3.514  -6.880  1.00 35.09 ? 117 TYR A OH  1 
ATOM   906  N N   . VAL A 1 119 ? 9.375   1.689   -3.282  1.00 17.26 ? 118 VAL A N   1 
ATOM   907  C CA  . VAL A 1 119 ? 10.320  1.426   -2.199  1.00 20.31 ? 118 VAL A CA  1 
ATOM   908  C C   . VAL A 1 119 ? 11.131  0.081   -2.417  1.00 17.19 ? 118 VAL A C   1 
ATOM   909  O O   . VAL A 1 119 ? 10.751  -1.052  -2.033  1.00 15.89 ? 118 VAL A O   1 
ATOM   910  C CB  . VAL A 1 119 ? 9.605   1.549   -0.820  1.00 19.21 ? 118 VAL A CB  1 
ATOM   911  C CG1 . VAL A 1 119 ? 10.621  1.502   0.328   1.00 21.18 ? 118 VAL A CG1 1 
ATOM   912  C CG2 . VAL A 1 119 ? 8.776   2.853   -0.745  1.00 15.78 ? 118 VAL A CG2 1 
ATOM   913  N N   . ASP A 1 120 ? 12.286  0.263   -3.039  1.00 20.05 ? 119 ASP A N   1 
ATOM   914  C CA  . ASP A 1 120 ? 13.166  -0.833  -3.397  1.00 28.17 ? 119 ASP A CA  1 
ATOM   915  C C   . ASP A 1 120 ? 14.245  -1.114  -2.339  1.00 24.83 ? 119 ASP A C   1 
ATOM   916  O O   . ASP A 1 120 ? 15.092  -0.264  -2.119  1.00 19.22 ? 119 ASP A O   1 
ATOM   917  C CB  . ASP A 1 120 ? 13.732  -0.762  -4.850  1.00 27.67 ? 119 ASP A CB  1 
ATOM   918  C CG  . ASP A 1 120 ? 14.544  -2.023  -5.285  1.00 27.63 ? 119 ASP A CG  1 
ATOM   919  O OD1 . ASP A 1 120 ? 15.646  -1.941  -5.722  1.00 27.08 ? 119 ASP A OD1 1 
ATOM   920  O OD2 . ASP A 1 120 ? 13.971  -3.200  -5.105  1.00 26.92 ? 119 ASP A OD2 1 
ATOM   921  N N   . ALA A 1 121 ? 14.114  -2.320  -1.703  1.00 15.44 ? 120 ALA A N   1 
ATOM   922  C CA  . ALA A 1 121 ? 15.011  -2.894  -0.738  1.00 16.19 ? 120 ALA A CA  1 
ATOM   923  C C   . ALA A 1 121 ? 15.319  -4.240  -1.244  1.00 19.94 ? 120 ALA A C   1 
ATOM   924  O O   . ALA A 1 121 ? 14.505  -4.773  -2.020  1.00 16.38 ? 120 ALA A O   1 
ATOM   925  C CB  . ALA A 1 121 ? 14.501  -2.985  0.711   1.00 8.15  ? 120 ALA A CB  1 
ATOM   926  N N   . GLY A 1 122 ? 16.555  -4.695  -0.962  1.00 19.86 ? 121 GLY A N   1 
ATOM   927  C CA  . GLY A 1 122 ? 17.007  -5.986  -1.446  1.00 18.42 ? 121 GLY A CA  1 
ATOM   928  C C   . GLY A 1 122 ? 16.504  -7.055  -0.519  1.00 22.19 ? 121 GLY A C   1 
ATOM   929  O O   . GLY A 1 122 ? 16.100  -6.760  0.583   1.00 25.28 ? 121 GLY A O   1 
ATOM   930  N N   . PRO A 1 123 ? 16.562  -8.300  -0.915  1.00 21.13 ? 122 PRO A N   1 
ATOM   931  C CA  . PRO A 1 123 ? 16.012  -9.375  -0.107  1.00 22.23 ? 122 PRO A CA  1 
ATOM   932  C C   . PRO A 1 123 ? 16.421  -9.530  1.425   1.00 21.98 ? 122 PRO A C   1 
ATOM   933  O O   . PRO A 1 123 ? 15.570  -9.807  2.283   1.00 18.12 ? 122 PRO A O   1 
ATOM   934  C CB  . PRO A 1 123 ? 16.127  -10.636 -0.963  1.00 17.52 ? 122 PRO A CB  1 
ATOM   935  C CG  . PRO A 1 123 ? 17.046  -10.292 -2.124  1.00 16.39 ? 122 PRO A CG  1 
ATOM   936  C CD  . PRO A 1 123 ? 17.080  -8.791  -2.208  1.00 11.22 ? 122 PRO A CD  1 
ATOM   937  N N   . GLU A 1 124 ? 17.714  -9.506  1.755   1.00 20.53 ? 123 GLU A N   1 
ATOM   938  C CA  . GLU A 1 124 ? 18.175  -9.677  3.138   1.00 21.04 ? 123 GLU A CA  1 
ATOM   939  C C   . GLU A 1 124 ? 17.770  -8.557  4.083   1.00 18.98 ? 123 GLU A C   1 
ATOM   940  O O   . GLU A 1 124 ? 17.787  -8.767  5.270   1.00 19.60 ? 123 GLU A O   1 
ATOM   941  C CB  . GLU A 1 124 ? 19.699  -9.831  3.178   1.00 35.04 ? 123 GLU A CB  1 
ATOM   942  C CG  . GLU A 1 124 ? 20.235  -10.426 4.479   1.00 44.31 ? 123 GLU A CG  1 
ATOM   943  C CD  . GLU A 1 124 ? 21.538  -9.789  4.956   1.00 56.12 ? 123 GLU A CD  1 
ATOM   944  O OE1 . GLU A 1 124 ? 22.401  -9.300  4.212   1.00 54.11 ? 123 GLU A OE1 1 
ATOM   945  O OE2 . GLU A 1 124 ? 21.689  -9.926  6.260   1.00 62.76 ? 123 GLU A OE2 1 
ATOM   946  N N   . THR A 1 125 ? 17.526  -7.339  3.536   1.00 18.58 ? 124 THR A N   1 
ATOM   947  C CA  . THR A 1 125 ? 17.050  -6.178  4.225   1.00 19.00 ? 124 THR A CA  1 
ATOM   948  C C   . THR A 1 125 ? 15.656  -6.264  4.669   1.00 16.05 ? 124 THR A C   1 
ATOM   949  O O   . THR A 1 125 ? 15.370  -5.907  5.760   1.00 18.21 ? 124 THR A O   1 
ATOM   950  C CB  . THR A 1 125 ? 17.159  -4.985  3.345   1.00 34.24 ? 124 THR A CB  1 
ATOM   951  O OG1 . THR A 1 125 ? 18.420  -5.043  2.683   1.00 44.47 ? 124 THR A OG1 1 
ATOM   952  C CG2 . THR A 1 125 ? 17.002  -3.717  4.190   1.00 34.09 ? 124 THR A CG2 1 
ATOM   953  N N   . MET A 1 126 ? 14.789  -6.744  3.840   1.00 17.02 ? 125 MET A N   1 
ATOM   954  C CA  . MET A 1 126 ? 13.357  -6.977  4.218   1.00 16.11 ? 125 MET A CA  1 
ATOM   955  C C   . MET A 1 126 ? 13.134  -8.174  5.100   1.00 19.74 ? 125 MET A C   1 
ATOM   956  O O   . MET A 1 126 ? 12.142  -8.242  5.826   1.00 17.93 ? 125 MET A O   1 
ATOM   957  C CB  . MET A 1 126 ? 12.421  -7.209  3.004   1.00 19.96 ? 125 MET A CB  1 
ATOM   958  C CG  . MET A 1 126 ? 12.991  -6.817  1.656   1.00 20.12 ? 125 MET A CG  1 
ATOM   959  S SD  . MET A 1 126 ? 11.773  -6.972  0.300   1.00 34.34 ? 125 MET A SD  1 
ATOM   960  C CE  . MET A 1 126 ? 11.802  -5.209  -0.137  1.00 26.84 ? 125 MET A CE  1 
ATOM   961  N N   . THR A 1 127 ? 13.984  -9.183  4.924   1.00 25.09 ? 126 THR A N   1 
ATOM   962  C CA  . THR A 1 127 ? 13.905  -10.430 5.662   1.00 24.80 ? 126 THR A CA  1 
ATOM   963  C C   . THR A 1 127 ? 14.294  -10.216 7.089   1.00 21.21 ? 126 THR A C   1 
ATOM   964  O O   . THR A 1 127 ? 13.635  -10.734 7.989   1.00 20.69 ? 126 THR A O   1 
ATOM   965  C CB  . THR A 1 127 ? 14.801  -11.502 5.073   1.00 21.65 ? 126 THR A CB  1 
ATOM   966  O OG1 . THR A 1 127 ? 14.118  -12.236 4.085   1.00 31.41 ? 126 THR A OG1 1 
ATOM   967  C CG2 . THR A 1 127 ? 15.215  -12.479 6.173   1.00 18.84 ? 126 THR A CG2 1 
ATOM   968  N N   . LYS A 1 128 ? 15.376  -9.468  7.254   1.00 17.23 ? 127 LYS A N   1 
ATOM   969  C CA  . LYS A 1 128 ? 15.856  -9.049  8.532   1.00 16.34 ? 127 LYS A CA  1 
ATOM   970  C C   . LYS A 1 128 ? 14.778  -8.294  9.236   1.00 21.27 ? 127 LYS A C   1 
ATOM   971  O O   . LYS A 1 128 ? 14.354  -8.667  10.271  1.00 30.90 ? 127 LYS A O   1 
ATOM   972  C CB  . LYS A 1 128 ? 16.937  -8.056  8.326   1.00 25.93 ? 127 LYS A CB  1 
ATOM   973  C CG  . LYS A 1 128 ? 18.199  -8.419  9.002   1.00 31.05 ? 127 LYS A CG  1 
ATOM   974  C CD  . LYS A 1 128 ? 19.242  -8.747  7.990   1.00 32.62 ? 127 LYS A CD  1 
ATOM   975  C CE  . LYS A 1 128 ? 19.835  -10.085 8.295   1.00 40.31 ? 127 LYS A CE  1 
ATOM   976  N NZ  . LYS A 1 128 ? 21.154  -9.995  8.946   1.00 43.47 ? 127 LYS A NZ  1 
ATOM   977  N N   . ARG A 1 129 ? 14.370  -7.172  8.650   1.00 27.80 ? 128 ARG A N   1 
ATOM   978  C CA  . ARG A 1 129 ? 13.300  -6.295  9.136   1.00 23.09 ? 128 ARG A CA  1 
ATOM   979  C C   . ARG A 1 129 ? 12.038  -7.026  9.590   1.00 20.50 ? 128 ARG A C   1 
ATOM   980  O O   . ARG A 1 129 ? 11.326  -6.571  10.509  1.00 22.38 ? 128 ARG A O   1 
ATOM   981  C CB  . ARG A 1 129 ? 13.095  -5.012  8.268   1.00 15.58 ? 128 ARG A CB  1 
ATOM   982  C CG  . ARG A 1 129 ? 11.763  -4.330  8.585   1.00 21.18 ? 128 ARG A CG  1 
ATOM   983  C CD  . ARG A 1 129 ? 11.645  -2.927  7.974   1.00 37.96 ? 128 ARG A CD  1 
ATOM   984  N NE  . ARG A 1 129 ? 12.392  -2.670  6.698   1.00 39.23 ? 128 ARG A NE  1 
ATOM   985  C CZ  . ARG A 1 129 ? 13.355  -1.757  6.569   1.00 32.35 ? 128 ARG A CZ  1 
ATOM   986  N NH1 . ARG A 1 129 ? 13.788  -1.041  7.597   1.00 30.19 ? 128 ARG A NH1 1 
ATOM   987  N NH2 . ARG A 1 129 ? 13.978  -1.649  5.412   1.00 33.90 ? 128 ARG A NH2 1 
ATOM   988  N N   . LEU A 1 130 ? 11.803  -8.181  8.904   1.00 25.39 ? 129 LEU A N   1 
ATOM   989  C CA  . LEU A 1 130 ? 10.703  -9.171  9.123   1.00 24.96 ? 129 LEU A CA  1 
ATOM   990  C C   . LEU A 1 130 ? 10.966  -10.124 10.268  1.00 21.67 ? 129 LEU A C   1 
ATOM   991  O O   . LEU A 1 130 ? 10.062  -10.685 10.841  1.00 21.86 ? 129 LEU A O   1 
ATOM   992  C CB  . LEU A 1 130 ? 10.252  -9.962  7.845   1.00 23.63 ? 129 LEU A CB  1 
ATOM   993  C CG  . LEU A 1 130 ? 9.339   -9.164  6.884   1.00 27.73 ? 129 LEU A CG  1 
ATOM   994  C CD1 . LEU A 1 130 ? 8.786   -10.028 5.733   1.00 27.02 ? 129 LEU A CD1 1 
ATOM   995  C CD2 . LEU A 1 130 ? 8.209   -8.448  7.624   1.00 26.24 ? 129 LEU A CD2 1 
ATOM   996  N N   . LEU A 1 131 ? 12.218  -10.409 10.522  1.00 25.49 ? 130 LEU A N   1 
ATOM   997  C CA  . LEU A 1 131 ? 12.543  -11.275 11.598  1.00 21.83 ? 130 LEU A CA  1 
ATOM   998  C C   . LEU A 1 131 ? 12.312  -10.631 12.919  1.00 18.12 ? 130 LEU A C   1 
ATOM   999  O O   . LEU A 1 131 ? 11.846  -11.304 13.834  1.00 24.60 ? 130 LEU A O   1 
ATOM   1000 C CB  . LEU A 1 131 ? 13.959  -11.767 11.479  1.00 21.69 ? 130 LEU A CB  1 
ATOM   1001 C CG  . LEU A 1 131 ? 14.039  -12.788 10.416  1.00 21.58 ? 130 LEU A CG  1 
ATOM   1002 C CD1 . LEU A 1 131 ? 15.428  -13.285 10.345  1.00 21.98 ? 130 LEU A CD1 1 
ATOM   1003 C CD2 . LEU A 1 131 ? 13.151  -13.943 10.768  1.00 20.18 ? 130 LEU A CD2 1 
ATOM   1004 N N   . LYS A 1 132 ? 12.785  -9.385  12.999  1.00 16.79 ? 131 LYS A N   1 
ATOM   1005 C CA  . LYS A 1 132 ? 12.721  -8.474  14.113  1.00 26.27 ? 131 LYS A CA  1 
ATOM   1006 C C   . LYS A 1 132 ? 11.274  -8.057  14.421  1.00 30.21 ? 131 LYS A C   1 
ATOM   1007 O O   . LYS A 1 132 ? 10.829  -8.137  15.584  1.00 40.43 ? 131 LYS A O   1 
ATOM   1008 C CB  . LYS A 1 132 ? 13.634  -7.281  13.858  1.00 33.44 ? 131 LYS A CB  1 
ATOM   1009 C CG  . LYS A 1 132 ? 12.896  -5.961  14.092  1.00 43.10 ? 131 LYS A CG  1 
ATOM   1010 C CD  . LYS A 1 132 ? 13.590  -4.634  13.630  1.00 41.85 ? 131 LYS A CD  1 
ATOM   1011 C CE  . LYS A 1 132 ? 12.618  -3.480  13.298  1.00 35.13 ? 131 LYS A CE  1 
ATOM   1012 N NZ  . LYS A 1 132 ? 12.172  -3.491  11.891  1.00 33.83 ? 131 LYS A NZ  1 
ATOM   1013 N N   . ARG A 1 133 ? 10.497  -7.729  13.361  1.00 19.17 ? 132 ARG A N   1 
ATOM   1014 C CA  . ARG A 1 133 ? 9.068   -7.453  13.487  1.00 22.41 ? 132 ARG A CA  1 
ATOM   1015 C C   . ARG A 1 133 ? 8.207   -8.653  14.010  1.00 26.18 ? 132 ARG A C   1 
ATOM   1016 O O   . ARG A 1 133 ? 7.170   -8.504  14.611  1.00 33.97 ? 132 ARG A O   1 
ATOM   1017 C CB  . ARG A 1 133 ? 8.566   -7.000  12.146  1.00 22.45 ? 132 ARG A CB  1 
ATOM   1018 C CG  . ARG A 1 133 ? 7.319   -6.199  12.196  1.00 22.41 ? 132 ARG A CG  1 
ATOM   1019 C CD  . ARG A 1 133 ? 7.531   -4.943  11.383  1.00 27.60 ? 132 ARG A CD  1 
ATOM   1020 N NE  . ARG A 1 133 ? 7.188   -5.149  9.987   1.00 28.16 ? 132 ARG A NE  1 
ATOM   1021 C CZ  . ARG A 1 133 ? 7.311   -4.368  8.911   1.00 22.73 ? 132 ARG A CZ  1 
ATOM   1022 N NH1 . ARG A 1 133 ? 7.894   -3.185  8.864   1.00 18.96 ? 132 ARG A NH1 1 
ATOM   1023 N NH2 . ARG A 1 133 ? 6.852   -4.881  7.797   1.00 24.88 ? 132 ARG A NH2 1 
ATOM   1024 N N   . GLY A 1 134 ? 8.641   -9.869  13.754  1.00 26.19 ? 133 GLY A N   1 
ATOM   1025 C CA  . GLY A 1 134 ? 8.018   -11.059 14.292  1.00 20.89 ? 133 GLY A CA  1 
ATOM   1026 C C   . GLY A 1 134 ? 8.154   -11.105 15.813  1.00 25.08 ? 133 GLY A C   1 
ATOM   1027 O O   . GLY A 1 134 ? 7.154   -11.352 16.465  1.00 30.19 ? 133 GLY A O   1 
ATOM   1028 N N   . GLU A 1 135 ? 9.374   -10.821 16.361  1.00 21.49 ? 134 GLU A N   1 
ATOM   1029 C CA  . GLU A 1 135 ? 9.647   -10.821 17.838  1.00 29.42 ? 134 GLU A CA  1 
ATOM   1030 C C   . GLU A 1 135 ? 8.782   -9.773  18.483  1.00 33.25 ? 134 GLU A C   1 
ATOM   1031 O O   . GLU A 1 135 ? 8.162   -9.957  19.545  1.00 37.71 ? 134 GLU A O   1 
ATOM   1032 C CB  . GLU A 1 135 ? 11.098  -10.362 18.279  1.00 32.22 ? 134 GLU A CB  1 
ATOM   1033 C CG  . GLU A 1 135 ? 12.338  -11.229 17.921  1.00 39.83 ? 134 GLU A CG  1 
ATOM   1034 C CD  . GLU A 1 135 ? 13.681  -10.716 18.454  1.00 40.41 ? 134 GLU A CD  1 
ATOM   1035 O OE1 . GLU A 1 135 ? 14.532  -10.113 17.791  1.00 36.92 ? 134 GLU A OE1 1 
ATOM   1036 O OE2 . GLU A 1 135 ? 13.923  -11.159 19.650  1.00 43.75 ? 134 GLU A OE2 1 
ATOM   1037 N N   . THR A 1 136 ? 8.957   -8.589  17.916  1.00 27.65 ? 135 THR A N   1 
ATOM   1038 C CA  . THR A 1 136 ? 8.245   -7.457  18.283  1.00 20.24 ? 135 THR A CA  1 
ATOM   1039 C C   . THR A 1 136 ? 6.776   -7.784  18.399  1.00 26.76 ? 135 THR A C   1 
ATOM   1040 O O   . THR A 1 136 ? 6.154   -7.386  19.308  1.00 38.15 ? 135 THR A O   1 
ATOM   1041 C CB  . THR A 1 136 ? 8.607   -6.300  17.360  1.00 22.88 ? 135 THR A CB  1 
ATOM   1042 O OG1 . THR A 1 136 ? 9.619   -5.502  17.923  1.00 21.82 ? 135 THR A OG1 1 
ATOM   1043 C CG2 . THR A 1 136 ? 7.417   -5.528  16.827  1.00 20.31 ? 135 THR A CG2 1 
ATOM   1044 N N   . SER A 1 137 ? 6.186   -8.648  17.631  1.00 32.85 ? 136 SER A N   1 
ATOM   1045 C CA  . SER A 1 137 ? 4.760   -8.865  17.943  1.00 31.27 ? 136 SER A CA  1 
ATOM   1046 C C   . SER A 1 137 ? 4.307   -10.137 18.737  1.00 42.20 ? 136 SER A C   1 
ATOM   1047 O O   . SER A 1 137 ? 3.125   -10.307 19.018  1.00 48.58 ? 136 SER A O   1 
ATOM   1048 C CB  . SER A 1 137 ? 3.893   -8.675  16.763  1.00 31.47 ? 136 SER A CB  1 
ATOM   1049 O OG  . SER A 1 137 ? 2.813   -7.894  17.208  1.00 40.56 ? 136 SER A OG  1 
ATOM   1050 N N   . GLY A 1 138 ? 5.190   -11.018 19.176  1.00 46.56 ? 137 GLY A N   1 
ATOM   1051 C CA  . GLY A 1 138 ? 4.726   -12.199 19.906  1.00 46.67 ? 137 GLY A CA  1 
ATOM   1052 C C   . GLY A 1 138 ? 4.694   -13.441 19.041  1.00 45.80 ? 137 GLY A C   1 
ATOM   1053 O O   . GLY A 1 138 ? 4.879   -14.556 19.568  1.00 40.92 ? 137 GLY A O   1 
ATOM   1054 N N   . ARG A 1 139 ? 4.542   -13.205 17.699  1.00 45.36 ? 138 ARG A N   1 
ATOM   1055 C CA  . ARG A 1 139 ? 4.560   -14.253 16.683  1.00 39.09 ? 138 ARG A CA  1 
ATOM   1056 C C   . ARG A 1 139 ? 5.627   -15.270 16.942  1.00 40.88 ? 138 ARG A C   1 
ATOM   1057 O O   . ARG A 1 139 ? 6.752   -15.139 16.466  1.00 51.66 ? 138 ARG A O   1 
ATOM   1058 C CB  . ARG A 1 139 ? 4.953   -13.768 15.338  1.00 41.80 ? 138 ARG A CB  1 
ATOM   1059 C CG  . ARG A 1 139 ? 4.224   -12.544 14.879  1.00 52.17 ? 138 ARG A CG  1 
ATOM   1060 C CD  . ARG A 1 139 ? 3.938   -12.606 13.371  1.00 55.73 ? 138 ARG A CD  1 
ATOM   1061 N NE  . ARG A 1 139 ? 4.539   -11.546 12.538  1.00 53.78 ? 138 ARG A NE  1 
ATOM   1062 C CZ  . ARG A 1 139 ? 3.843   -10.575 11.964  1.00 44.10 ? 138 ARG A CZ  1 
ATOM   1063 N NH1 . ARG A 1 139 ? 4.443   -9.672  11.171  1.00 40.42 ? 138 ARG A NH1 1 
ATOM   1064 N NH2 . ARG A 1 139 ? 2.530   -10.498 12.238  1.00 34.08 ? 138 ARG A NH2 1 
ATOM   1065 N N   . VAL A 1 140 ? 5.231   -16.292 17.589  1.00 34.54 ? 139 VAL A N   1 
ATOM   1066 C CA  . VAL A 1 140 ? 5.916   -17.489 17.949  1.00 38.66 ? 139 VAL A CA  1 
ATOM   1067 C C   . VAL A 1 140 ? 6.641   -18.233 16.818  1.00 43.57 ? 139 VAL A C   1 
ATOM   1068 O O   . VAL A 1 140 ? 7.316   -19.247 17.079  1.00 39.71 ? 139 VAL A O   1 
ATOM   1069 C CB  . VAL A 1 140 ? 4.678   -18.242 18.382  1.00 42.89 ? 139 VAL A CB  1 
ATOM   1070 C CG1 . VAL A 1 140 ? 3.722   -17.122 18.841  1.00 42.10 ? 139 VAL A CG1 1 
ATOM   1071 C CG2 . VAL A 1 140 ? 3.999   -18.905 17.182  1.00 43.53 ? 139 VAL A CG2 1 
ATOM   1072 N N   . ASP A 1 141 ? 6.418   -17.775 15.570  1.00 45.03 ? 140 ASP A N   1 
ATOM   1073 C CA  . ASP A 1 141 ? 6.895   -18.459 14.372  1.00 40.78 ? 140 ASP A CA  1 
ATOM   1074 C C   . ASP A 1 141 ? 8.213   -19.092 14.504  1.00 45.97 ? 140 ASP A C   1 
ATOM   1075 O O   . ASP A 1 141 ? 9.094   -18.501 15.133  1.00 49.18 ? 140 ASP A O   1 
ATOM   1076 C CB  . ASP A 1 141 ? 6.726   -17.708 13.044  1.00 38.20 ? 140 ASP A CB  1 
ATOM   1077 C CG  . ASP A 1 141 ? 5.337   -17.952 12.537  1.00 37.34 ? 140 ASP A CG  1 
ATOM   1078 O OD1 . ASP A 1 141 ? 4.748   -17.166 11.869  1.00 38.99 ? 140 ASP A OD1 1 
ATOM   1079 O OD2 . ASP A 1 141 ? 4.827   -19.113 12.867  1.00 32.31 ? 140 ASP A OD2 1 
ATOM   1080 N N   . ASP A 1 142 ? 8.262   -20.358 13.980  1.00 50.42 ? 141 ASP A N   1 
ATOM   1081 C CA  . ASP A 1 142 ? 9.432   -21.282 13.965  1.00 50.72 ? 141 ASP A CA  1 
ATOM   1082 C C   . ASP A 1 142 ? 10.047  -21.243 12.607  1.00 55.00 ? 141 ASP A C   1 
ATOM   1083 O O   . ASP A 1 142 ? 11.258  -21.367 12.433  1.00 55.01 ? 141 ASP A O   1 
ATOM   1084 C CB  . ASP A 1 142 ? 9.058   -22.771 14.163  1.00 48.91 ? 141 ASP A CB  1 
ATOM   1085 C CG  . ASP A 1 142 ? 9.067   -23.290 15.575  1.00 52.48 ? 141 ASP A CG  1 
ATOM   1086 O OD1 . ASP A 1 142 ? 9.813   -24.152 15.934  1.00 53.35 ? 141 ASP A OD1 1 
ATOM   1087 O OD2 . ASP A 1 142 ? 8.065   -22.887 16.334  1.00 60.17 ? 141 ASP A OD2 1 
ATOM   1088 N N   . ASN A 1 143 ? 9.138   -21.034 11.666  1.00 59.82 ? 142 ASN A N   1 
ATOM   1089 C CA  . ASN A 1 143 ? 9.318   -21.070 10.220  1.00 56.67 ? 142 ASN A CA  1 
ATOM   1090 C C   . ASN A 1 143 ? 9.652   -19.748 9.509   1.00 53.74 ? 142 ASN A C   1 
ATOM   1091 O O   . ASN A 1 143 ? 9.154   -18.687 9.856   1.00 57.21 ? 142 ASN A O   1 
ATOM   1092 C CB  . ASN A 1 143 ? 7.986   -21.580 9.609   1.00 56.17 ? 142 ASN A CB  1 
ATOM   1093 C CG  . ASN A 1 143 ? 7.719   -23.076 9.721   1.00 56.09 ? 142 ASN A CG  1 
ATOM   1094 O OD1 . ASN A 1 143 ? 7.006   -23.650 8.868   1.00 61.92 ? 142 ASN A OD1 1 
ATOM   1095 N ND2 . ASN A 1 143 ? 8.259   -23.705 10.778  1.00 50.23 ? 142 ASN A ND2 1 
ATOM   1096 N N   . GLU A 1 144 ? 10.520  -19.887 8.495   1.00 49.49 ? 143 GLU A N   1 
ATOM   1097 C CA  . GLU A 1 144 ? 10.839  -18.904 7.498   1.00 47.98 ? 143 GLU A CA  1 
ATOM   1098 C C   . GLU A 1 144 ? 9.938   -19.284 6.316   1.00 49.27 ? 143 GLU A C   1 
ATOM   1099 O O   . GLU A 1 144 ? 10.368  -19.366 5.154   1.00 49.25 ? 143 GLU A O   1 
ATOM   1100 C CB  . GLU A 1 144 ? 12.315  -19.005 7.051   1.00 46.64 ? 143 GLU A CB  1 
ATOM   1101 C CG  . GLU A 1 144 ? 12.837  -17.754 6.337   1.00 49.50 ? 143 GLU A CG  1 
ATOM   1102 C CD  . GLU A 1 144 ? 14.068  -17.204 7.030   1.00 59.10 ? 143 GLU A CD  1 
ATOM   1103 O OE1 . GLU A 1 144 ? 14.161  -17.120 8.235   1.00 60.18 ? 143 GLU A OE1 1 
ATOM   1104 O OE2 . GLU A 1 144 ? 15.071  -16.944 6.225   1.00 65.36 ? 143 GLU A OE2 1 
ATOM   1105 N N   . GLU A 1 145 ? 8.672   -19.643 6.612   1.00 49.93 ? 144 GLU A N   1 
ATOM   1106 C CA  . GLU A 1 145 ? 7.824   -20.160 5.546   1.00 50.51 ? 144 GLU A CA  1 
ATOM   1107 C C   . GLU A 1 145 ? 6.970   -19.125 4.997   1.00 51.06 ? 144 GLU A C   1 
ATOM   1108 O O   . GLU A 1 145 ? 6.308   -19.397 3.996   1.00 47.48 ? 144 GLU A O   1 
ATOM   1109 C CB  . GLU A 1 145 ? 7.005   -21.465 5.829   1.00 51.16 ? 144 GLU A CB  1 
ATOM   1110 C CG  . GLU A 1 145 ? 5.503   -21.288 6.229   1.00 45.41 ? 144 GLU A CG  1 
ATOM   1111 C CD  . GLU A 1 145 ? 4.467   -21.527 5.126   1.00 46.07 ? 144 GLU A CD  1 
ATOM   1112 O OE1 . GLU A 1 145 ? 4.496   -22.453 4.319   1.00 37.15 ? 144 GLU A OE1 1 
ATOM   1113 O OE2 . GLU A 1 145 ? 3.459   -20.650 5.177   1.00 52.44 ? 144 GLU A OE2 1 
ATOM   1114 N N   . THR A 1 146 ? 6.900   -18.035 5.805   1.00 55.12 ? 145 THR A N   1 
ATOM   1115 C CA  . THR A 1 146 ? 6.122   -16.810 5.614   1.00 50.62 ? 145 THR A CA  1 
ATOM   1116 C C   . THR A 1 146 ? 7.030   -15.726 5.077   1.00 48.03 ? 145 THR A C   1 
ATOM   1117 O O   . THR A 1 146 ? 6.704   -15.069 4.077   1.00 50.11 ? 145 THR A O   1 
ATOM   1118 C CB  . THR A 1 146 ? 5.421   -16.324 6.938   1.00 44.68 ? 145 THR A CB  1 
ATOM   1119 O OG1 . THR A 1 146 ? 6.120   -16.826 8.068   1.00 49.31 ? 145 THR A OG1 1 
ATOM   1120 C CG2 . THR A 1 146 ? 3.936   -16.701 7.027   1.00 30.14 ? 145 THR A CG2 1 
ATOM   1121 N N   . ILE A 1 147 ? 8.190   -15.551 5.751   1.00 46.29 ? 146 ILE A N   1 
ATOM   1122 C CA  . ILE A 1 147 ? 9.190   -14.599 5.264   1.00 36.48 ? 146 ILE A CA  1 
ATOM   1123 C C   . ILE A 1 147 ? 9.492   -14.931 3.877   1.00 36.86 ? 146 ILE A C   1 
ATOM   1124 O O   . ILE A 1 147 ? 9.129   -14.153 2.984   1.00 37.26 ? 146 ILE A O   1 
ATOM   1125 C CB  . ILE A 1 147 ? 10.519  -14.530 5.964   1.00 15.38 ? 146 ILE A CB  1 
ATOM   1126 C CG1 . ILE A 1 147 ? 10.311  -14.329 7.395   1.00 23.13 ? 146 ILE A CG1 1 
ATOM   1127 C CG2 . ILE A 1 147 ? 11.150  -13.265 5.446   1.00 9.87  ? 146 ILE A CG2 1 
ATOM   1128 C CD1 . ILE A 1 147 ? 10.339  -12.845 7.675   1.00 31.77 ? 146 ILE A CD1 1 
ATOM   1129 N N   . LYS A 1 148 ? 10.053  -16.157 3.748   1.00 38.10 ? 147 LYS A N   1 
ATOM   1130 C CA  . LYS A 1 148 ? 10.459  -16.731 2.500   1.00 35.20 ? 147 LYS A CA  1 
ATOM   1131 C C   . LYS A 1 148 ? 9.368   -16.627 1.460   1.00 31.89 ? 147 LYS A C   1 
ATOM   1132 O O   . LYS A 1 148 ? 9.559   -16.006 0.416   1.00 30.12 ? 147 LYS A O   1 
ATOM   1133 C CB  . LYS A 1 148 ? 10.827  -18.180 2.676   1.00 38.57 ? 147 LYS A CB  1 
ATOM   1134 C CG  . LYS A 1 148 ? 11.930  -18.584 1.712   1.00 40.08 ? 147 LYS A CG  1 
ATOM   1135 C CD  . LYS A 1 148 ? 11.470  -19.385 0.503   1.00 44.66 ? 147 LYS A CD  1 
ATOM   1136 C CE  . LYS A 1 148 ? 12.620  -19.666 -0.462  1.00 52.25 ? 147 LYS A CE  1 
ATOM   1137 N NZ  . LYS A 1 148 ? 12.358  -19.279 -1.873  1.00 57.58 ? 147 LYS A NZ  1 
ATOM   1138 N N   . LYS A 1 149 ? 8.208   -17.212 1.806   1.00 30.52 ? 148 LYS A N   1 
ATOM   1139 C CA  . LYS A 1 149 ? 6.946   -17.205 1.024   1.00 31.04 ? 148 LYS A CA  1 
ATOM   1140 C C   . LYS A 1 149 ? 6.301   -15.814 0.771   1.00 29.64 ? 148 LYS A C   1 
ATOM   1141 O O   . LYS A 1 149 ? 5.655   -15.575 -0.275  1.00 28.15 ? 148 LYS A O   1 
ATOM   1142 C CB  . LYS A 1 149 ? 5.907   -18.007 1.782   1.00 36.65 ? 148 LYS A CB  1 
ATOM   1143 C CG  . LYS A 1 149 ? 5.245   -19.211 1.137   1.00 41.33 ? 148 LYS A CG  1 
ATOM   1144 C CD  . LYS A 1 149 ? 3.959   -19.585 1.876   1.00 42.74 ? 148 LYS A CD  1 
ATOM   1145 C CE  . LYS A 1 149 ? 3.275   -20.832 1.312   1.00 46.19 ? 148 LYS A CE  1 
ATOM   1146 N NZ  . LYS A 1 149 ? 4.107   -22.042 1.204   1.00 45.87 ? 148 LYS A NZ  1 
ATOM   1147 N N   . ARG A 1 150 ? 6.392   -14.899 1.727   1.00 24.07 ? 149 ARG A N   1 
ATOM   1148 C CA  . ARG A 1 150 ? 5.810   -13.615 1.491   1.00 25.57 ? 149 ARG A CA  1 
ATOM   1149 C C   . ARG A 1 150 ? 6.588   -12.891 0.458   1.00 27.83 ? 149 ARG A C   1 
ATOM   1150 O O   . ARG A 1 150 ? 6.009   -12.161 -0.303  1.00 33.40 ? 149 ARG A O   1 
ATOM   1151 C CB  . ARG A 1 150 ? 5.844   -12.797 2.750   1.00 34.78 ? 149 ARG A CB  1 
ATOM   1152 C CG  . ARG A 1 150 ? 4.548   -12.823 3.536   1.00 39.25 ? 149 ARG A CG  1 
ATOM   1153 C CD  . ARG A 1 150 ? 4.793   -12.387 4.957   1.00 44.98 ? 149 ARG A CD  1 
ATOM   1154 N NE  . ARG A 1 150 ? 4.072   -11.152 5.208   1.00 50.23 ? 149 ARG A NE  1 
ATOM   1155 C CZ  . ARG A 1 150 ? 4.371   -10.150 6.033   1.00 42.80 ? 149 ARG A CZ  1 
ATOM   1156 N NH1 . ARG A 1 150 ? 3.532   -9.177  6.198   1.00 54.79 ? 149 ARG A NH1 1 
ATOM   1157 N NH2 . ARG A 1 150 ? 5.483   -10.100 6.681   1.00 32.93 ? 149 ARG A NH2 1 
ATOM   1158 N N   . LEU A 1 151 ? 7.936   -13.011 0.562   1.00 25.79 ? 150 LEU A N   1 
ATOM   1159 C CA  . LEU A 1 151 ? 8.854   -12.411 -0.368  1.00 20.91 ? 150 LEU A CA  1 
ATOM   1160 C C   . LEU A 1 151 ? 8.573   -12.878 -1.717  1.00 20.20 ? 150 LEU A C   1 
ATOM   1161 O O   . LEU A 1 151 ? 8.516   -12.053 -2.553  1.00 24.52 ? 150 LEU A O   1 
ATOM   1162 C CB  . LEU A 1 151 ? 10.291  -12.829 -0.150  1.00 13.44 ? 150 LEU A CB  1 
ATOM   1163 C CG  . LEU A 1 151 ? 10.853  -11.983 0.883   1.00 17.49 ? 150 LEU A CG  1 
ATOM   1164 C CD1 . LEU A 1 151 ? 12.152  -12.604 1.368   1.00 28.74 ? 150 LEU A CD1 1 
ATOM   1165 C CD2 . LEU A 1 151 ? 11.122  -10.668 0.181   1.00 17.33 ? 150 LEU A CD2 1 
ATOM   1166 N N   . GLU A 1 152 ? 8.465   -14.222 -1.890  1.00 22.51 ? 151 GLU A N   1 
ATOM   1167 C CA  . GLU A 1 152 ? 8.277   -14.930 -3.171  1.00 30.80 ? 151 GLU A CA  1 
ATOM   1168 C C   . GLU A 1 152 ? 7.067   -14.584 -3.945  1.00 32.54 ? 151 GLU A C   1 
ATOM   1169 O O   . GLU A 1 152 ? 7.046   -14.697 -5.184  1.00 35.14 ? 151 GLU A O   1 
ATOM   1170 C CB  . GLU A 1 152 ? 8.068   -16.382 -2.955  1.00 34.18 ? 151 GLU A CB  1 
ATOM   1171 C CG  . GLU A 1 152 ? 8.739   -17.211 -4.012  1.00 39.66 ? 151 GLU A CG  1 
ATOM   1172 C CD  . GLU A 1 152 ? 8.741   -18.506 -3.315  1.00 47.45 ? 151 GLU A CD  1 
ATOM   1173 O OE1 . GLU A 1 152 ? 9.529   -18.730 -2.361  1.00 43.45 ? 151 GLU A OE1 1 
ATOM   1174 O OE2 . GLU A 1 152 ? 7.673   -19.252 -3.658  1.00 49.40 ? 151 GLU A OE2 1 
ATOM   1175 N N   . THR A 1 153 ? 6.023   -14.384 -3.191  1.00 29.14 ? 152 THR A N   1 
ATOM   1176 C CA  . THR A 1 153 ? 4.788   -14.019 -3.738  1.00 24.65 ? 152 THR A CA  1 
ATOM   1177 C C   . THR A 1 153 ? 4.838   -12.599 -4.195  1.00 22.99 ? 152 THR A C   1 
ATOM   1178 O O   . THR A 1 153 ? 4.258   -12.301 -5.170  1.00 28.41 ? 152 THR A O   1 
ATOM   1179 C CB  . THR A 1 153 ? 3.658   -14.358 -2.744  1.00 31.44 ? 152 THR A CB  1 
ATOM   1180 O OG1 . THR A 1 153 ? 3.403   -15.750 -2.776  1.00 25.70 ? 152 THR A OG1 1 
ATOM   1181 C CG2 . THR A 1 153 ? 2.385   -13.521 -2.931  1.00 37.81 ? 152 THR A CG2 1 
ATOM   1182 N N   . TYR A 1 154 ? 5.616   -11.733 -3.522  1.00 25.70 ? 153 TYR A N   1 
ATOM   1183 C CA  . TYR A 1 154 ? 5.779   -10.307 -3.888  1.00 21.30 ? 153 TYR A CA  1 
ATOM   1184 C C   . TYR A 1 154 ? 6.532   -10.093 -5.214  1.00 23.09 ? 153 TYR A C   1 
ATOM   1185 O O   . TYR A 1 154 ? 6.272   -9.195  -6.003  1.00 29.39 ? 153 TYR A O   1 
ATOM   1186 C CB  . TYR A 1 154 ? 6.541   -9.554  -2.788  1.00 18.05 ? 153 TYR A CB  1 
ATOM   1187 C CG  . TYR A 1 154 ? 7.170   -8.276  -3.334  1.00 18.03 ? 153 TYR A CG  1 
ATOM   1188 C CD1 . TYR A 1 154 ? 6.412   -7.205  -3.770  1.00 26.17 ? 153 TYR A CD1 1 
ATOM   1189 C CD2 . TYR A 1 154 ? 8.562   -8.101  -3.366  1.00 26.10 ? 153 TYR A CD2 1 
ATOM   1190 C CE1 . TYR A 1 154 ? 7.050   -6.063  -4.286  1.00 27.91 ? 153 TYR A CE1 1 
ATOM   1191 C CE2 . TYR A 1 154 ? 9.220   -7.018  -3.967  1.00 17.84 ? 153 TYR A CE2 1 
ATOM   1192 C CZ  . TYR A 1 154 ? 8.445   -5.947  -4.366  1.00 17.23 ? 153 TYR A CZ  1 
ATOM   1193 O OH  . TYR A 1 154 ? 9.033   -4.771  -4.815  1.00 26.19 ? 153 TYR A OH  1 
ATOM   1194 N N   . TYR A 1 155 ? 7.572   -10.839 -5.386  1.00 22.34 ? 154 TYR A N   1 
ATOM   1195 C CA  . TYR A 1 155 ? 8.383   -10.721 -6.550  1.00 21.27 ? 154 TYR A CA  1 
ATOM   1196 C C   . TYR A 1 155 ? 7.532   -11.250 -7.704  1.00 24.25 ? 154 TYR A C   1 
ATOM   1197 O O   . TYR A 1 155 ? 7.593   -10.845 -8.845  1.00 20.69 ? 154 TYR A O   1 
ATOM   1198 C CB  . TYR A 1 155 ? 9.613   -11.617 -6.371  1.00 14.61 ? 154 TYR A CB  1 
ATOM   1199 C CG  . TYR A 1 155 ? 10.689  -10.937 -5.599  1.00 20.54 ? 154 TYR A CG  1 
ATOM   1200 C CD1 . TYR A 1 155 ? 11.286  -9.753  -6.020  1.00 24.39 ? 154 TYR A CD1 1 
ATOM   1201 C CD2 . TYR A 1 155 ? 11.041  -11.429 -4.340  1.00 25.81 ? 154 TYR A CD2 1 
ATOM   1202 C CE1 . TYR A 1 155 ? 12.276  -9.148  -5.232  1.00 22.15 ? 154 TYR A CE1 1 
ATOM   1203 C CE2 . TYR A 1 155 ? 11.961  -10.810 -3.503  1.00 18.11 ? 154 TYR A CE2 1 
ATOM   1204 C CZ  . TYR A 1 155 ? 12.599  -9.681  -3.974  1.00 20.68 ? 154 TYR A CZ  1 
ATOM   1205 O OH  . TYR A 1 155 ? 13.474  -9.075  -3.147  1.00 25.59 ? 154 TYR A OH  1 
ATOM   1206 N N   . LYS A 1 156 ? 6.795   -12.288 -7.401  1.00 27.35 ? 155 LYS A N   1 
ATOM   1207 C CA  . LYS A 1 156 ? 5.908   -12.927 -8.369  1.00 20.79 ? 155 LYS A CA  1 
ATOM   1208 C C   . LYS A 1 156 ? 4.690   -12.079 -8.926  1.00 33.75 ? 155 LYS A C   1 
ATOM   1209 O O   . LYS A 1 156 ? 4.516   -11.881 -10.159 1.00 36.90 ? 155 LYS A O   1 
ATOM   1210 C CB  . LYS A 1 156 ? 5.633   -14.350 -7.994  1.00 13.86 ? 155 LYS A CB  1 
ATOM   1211 C CG  . LYS A 1 156 ? 4.362   -14.608 -7.216  1.00 23.14 ? 155 LYS A CG  1 
ATOM   1212 C CD  . LYS A 1 156 ? 4.417   -15.964 -6.491  1.00 42.36 ? 155 LYS A CD  1 
ATOM   1213 C CE  . LYS A 1 156 ? 3.194   -16.903 -6.671  1.00 49.26 ? 155 LYS A CE  1 
ATOM   1214 N NZ  . LYS A 1 156 ? 3.472   -18.358 -6.431  1.00 48.84 ? 155 LYS A NZ  1 
ATOM   1215 N N   . ALA A 1 157 ? 3.892   -11.513 -7.996  1.00 30.49 ? 156 ALA A N   1 
ATOM   1216 C CA  . ALA A 1 157 ? 2.689   -10.735 -8.279  1.00 25.67 ? 156 ALA A CA  1 
ATOM   1217 C C   . ALA A 1 157 ? 2.933   -9.211  -8.385  1.00 25.27 ? 156 ALA A C   1 
ATOM   1218 O O   . ALA A 1 157 ? 2.267   -8.501  -9.178  1.00 25.84 ? 156 ALA A O   1 
ATOM   1219 C CB  . ALA A 1 157 ? 1.602   -11.072 -7.231  1.00 21.13 ? 156 ALA A CB  1 
ATOM   1220 N N   . THR A 1 158 ? 3.835   -8.738  -7.528  1.00 24.19 ? 157 THR A N   1 
ATOM   1221 C CA  . THR A 1 158 ? 4.063   -7.369  -7.365  1.00 22.35 ? 157 THR A CA  1 
ATOM   1222 C C   . THR A 1 158 ? 4.999   -6.829  -8.329  1.00 24.48 ? 157 THR A C   1 
ATOM   1223 O O   . THR A 1 158 ? 4.602   -6.008  -9.134  1.00 32.74 ? 157 THR A O   1 
ATOM   1224 C CB  . THR A 1 158 ? 4.105   -6.822  -5.913  1.00 20.34 ? 157 THR A CB  1 
ATOM   1225 O OG1 . THR A 1 158 ? 3.251   -7.644  -5.096  1.00 20.51 ? 157 THR A OG1 1 
ATOM   1226 C CG2 . THR A 1 158 ? 3.555   -5.400  -5.878  1.00 14.24 ? 157 THR A CG2 1 
ATOM   1227 N N   . GLU A 1 159 ? 6.175   -7.323  -8.351  1.00 23.59 ? 158 GLU A N   1 
ATOM   1228 C CA  . GLU A 1 159 ? 7.121   -6.767  -9.316  1.00 31.35 ? 158 GLU A CA  1 
ATOM   1229 C C   . GLU A 1 159 ? 6.656   -6.625  -10.763 1.00 36.30 ? 158 GLU A C   1 
ATOM   1230 O O   . GLU A 1 159 ? 7.285   -5.920  -11.555 1.00 41.11 ? 158 GLU A O   1 
ATOM   1231 C CB  . GLU A 1 159 ? 8.628   -7.121  -9.186  1.00 32.45 ? 158 GLU A CB  1 
ATOM   1232 C CG  . GLU A 1 159 ? 8.957   -8.625  -9.424  1.00 43.84 ? 158 GLU A CG  1 
ATOM   1233 C CD  . GLU A 1 159 ? 9.388   -9.132  -10.821 1.00 54.52 ? 158 GLU A CD  1 
ATOM   1234 O OE1 . GLU A 1 159 ? 8.645   -9.126  -11.834 1.00 54.78 ? 158 GLU A OE1 1 
ATOM   1235 O OE2 . GLU A 1 159 ? 10.630  -9.650  -10.806 1.00 56.30 ? 158 GLU A OE2 1 
ATOM   1236 N N   . PRO A 1 160 ? 5.500   -7.161  -11.104 1.00 37.52 ? 159 PRO A N   1 
ATOM   1237 C CA  . PRO A 1 160 ? 4.993   -6.922  -12.442 1.00 33.88 ? 159 PRO A CA  1 
ATOM   1238 C C   . PRO A 1 160 ? 4.000   -5.781  -12.528 1.00 26.12 ? 159 PRO A C   1 
ATOM   1239 O O   . PRO A 1 160 ? 3.447   -5.545  -13.548 1.00 24.51 ? 159 PRO A O   1 
ATOM   1240 C CB  . PRO A 1 160 ? 4.367   -8.214  -12.957 1.00 36.57 ? 159 PRO A CB  1 
ATOM   1241 C CG  . PRO A 1 160 ? 4.606   -9.280  -11.900 1.00 39.02 ? 159 PRO A CG  1 
ATOM   1242 C CD  . PRO A 1 160 ? 5.310   -8.585  -10.727 1.00 40.12 ? 159 PRO A CD  1 
ATOM   1243 N N   . VAL A 1 161 ? 3.786   -5.095  -11.434 1.00 26.83 ? 160 VAL A N   1 
ATOM   1244 C CA  . VAL A 1 161 ? 2.945   -3.901  -11.349 1.00 23.55 ? 160 VAL A CA  1 
ATOM   1245 C C   . VAL A 1 161 ? 3.823   -2.761  -11.708 1.00 26.26 ? 160 VAL A C   1 
ATOM   1246 O O   . VAL A 1 161 ? 3.396   -1.714  -12.192 1.00 34.26 ? 160 VAL A O   1 
ATOM   1247 C CB  . VAL A 1 161 ? 2.531   -3.675  -9.875  1.00 25.12 ? 160 VAL A CB  1 
ATOM   1248 C CG1 . VAL A 1 161 ? 1.682   -2.418  -9.736  1.00 30.73 ? 160 VAL A CG1 1 
ATOM   1249 C CG2 . VAL A 1 161 ? 1.748   -4.868  -9.305  1.00 18.41 ? 160 VAL A CG2 1 
ATOM   1250 N N   . ILE A 1 162 ? 5.094   -2.984  -11.427 1.00 21.47 ? 161 ILE A N   1 
ATOM   1251 C CA  . ILE A 1 162 ? 6.069   -1.973  -11.573 1.00 13.86 ? 161 ILE A CA  1 
ATOM   1252 C C   . ILE A 1 162 ? 6.358   -1.746  -13.031 1.00 16.92 ? 161 ILE A C   1 
ATOM   1253 O O   . ILE A 1 162 ? 6.630   -0.604  -13.500 1.00 19.95 ? 161 ILE A O   1 
ATOM   1254 C CB  . ILE A 1 162 ? 7.325   -2.221  -10.710 1.00 22.12 ? 161 ILE A CB  1 
ATOM   1255 C CG1 . ILE A 1 162 ? 6.998   -2.837  -9.368  1.00 18.18 ? 161 ILE A CG1 1 
ATOM   1256 C CG2 . ILE A 1 162 ? 7.890   -0.869  -10.261 1.00 22.90 ? 161 ILE A CG2 1 
ATOM   1257 C CD1 . ILE A 1 162 ? 7.179   -1.706  -8.357  1.00 15.59 ? 161 ILE A CD1 1 
ATOM   1258 N N   . ALA A 1 163 ? 6.216   -2.808  -13.770 1.00 14.24 ? 162 ALA A N   1 
ATOM   1259 C CA  . ALA A 1 163 ? 6.555   -2.748  -15.148 1.00 19.32 ? 162 ALA A CA  1 
ATOM   1260 C C   . ALA A 1 163 ? 5.420   -2.173  -15.956 1.00 24.52 ? 162 ALA A C   1 
ATOM   1261 O O   . ALA A 1 163 ? 5.601   -1.465  -16.966 1.00 17.54 ? 162 ALA A O   1 
ATOM   1262 C CB  . ALA A 1 163 ? 6.818   -4.151  -15.569 1.00 21.98 ? 162 ALA A CB  1 
ATOM   1263 N N   . PHE A 1 164 ? 4.230   -2.438  -15.445 1.00 28.97 ? 163 PHE A N   1 
ATOM   1264 C CA  . PHE A 1 164 ? 3.029   -1.933  -16.038 1.00 24.62 ? 163 PHE A CA  1 
ATOM   1265 C C   . PHE A 1 164 ? 3.074   -0.491  -15.799 1.00 23.75 ? 163 PHE A C   1 
ATOM   1266 O O   . PHE A 1 164 ? 2.801   0.308   -16.678 1.00 22.88 ? 163 PHE A O   1 
ATOM   1267 C CB  . PHE A 1 164 ? 1.776   -2.480  -15.372 1.00 28.25 ? 163 PHE A CB  1 
ATOM   1268 C CG  . PHE A 1 164 ? 0.480   -1.969  -15.969 1.00 26.75 ? 163 PHE A CG  1 
ATOM   1269 C CD1 . PHE A 1 164 ? 0.100   -0.633  -15.835 1.00 28.88 ? 163 PHE A CD1 1 
ATOM   1270 C CD2 . PHE A 1 164 ? -0.387  -2.837  -16.605 1.00 23.23 ? 163 PHE A CD2 1 
ATOM   1271 C CE1 . PHE A 1 164 ? -1.034  -0.104  -16.443 1.00 28.67 ? 163 PHE A CE1 1 
ATOM   1272 C CE2 . PHE A 1 164 ? -1.564  -2.357  -17.163 1.00 29.20 ? 163 PHE A CE2 1 
ATOM   1273 C CZ  . PHE A 1 164 ? -1.887  -1.000  -17.071 1.00 32.37 ? 163 PHE A CZ  1 
ATOM   1274 N N   . TYR A 1 165 ? 3.503   -0.125  -14.608 1.00 22.97 ? 164 TYR A N   1 
ATOM   1275 C CA  . TYR A 1 165 ? 3.555   1.283   -14.298 1.00 22.08 ? 164 TYR A CA  1 
ATOM   1276 C C   . TYR A 1 165 ? 4.595   2.209   -15.072 1.00 22.63 ? 164 TYR A C   1 
ATOM   1277 O O   . TYR A 1 165 ? 4.269   3.310   -15.463 1.00 23.11 ? 164 TYR A O   1 
ATOM   1278 C CB  . TYR A 1 165 ? 3.319   1.567   -12.814 1.00 18.00 ? 164 TYR A CB  1 
ATOM   1279 C CG  . TYR A 1 165 ? 1.856   1.403   -12.534 1.00 12.24 ? 164 TYR A CG  1 
ATOM   1280 C CD1 . TYR A 1 165 ? 1.337   0.166   -12.219 1.00 15.98 ? 164 TYR A CD1 1 
ATOM   1281 C CD2 . TYR A 1 165 ? 0.928   2.414   -12.775 1.00 26.58 ? 164 TYR A CD2 1 
ATOM   1282 C CE1 . TYR A 1 165 ? -0.042  -0.073  -12.101 1.00 20.49 ? 164 TYR A CE1 1 
ATOM   1283 C CE2 . TYR A 1 165 ? -0.457  2.230   -12.593 1.00 31.32 ? 164 TYR A CE2 1 
ATOM   1284 C CZ  . TYR A 1 165 ? -0.941  0.976   -12.234 1.00 23.39 ? 164 TYR A CZ  1 
ATOM   1285 O OH  . TYR A 1 165 ? -2.265  0.750   -12.138 1.00 24.24 ? 164 TYR A OH  1 
ATOM   1286 N N   . GLU A 1 166 ? 5.858   1.810   -15.255 1.00 26.04 ? 165 GLU A N   1 
ATOM   1287 C CA  . GLU A 1 166 ? 6.879   2.673   -15.923 1.00 23.06 ? 165 GLU A CA  1 
ATOM   1288 C C   . GLU A 1 166 ? 6.610   2.981   -17.410 1.00 21.94 ? 165 GLU A C   1 
ATOM   1289 O O   . GLU A 1 166 ? 7.383   3.656   -18.064 1.00 21.02 ? 165 GLU A O   1 
ATOM   1290 C CB  . GLU A 1 166 ? 8.265   2.017   -15.848 1.00 27.61 ? 165 GLU A CB  1 
ATOM   1291 C CG  . GLU A 1 166 ? 8.202   0.533   -15.467 1.00 35.22 ? 165 GLU A CG  1 
ATOM   1292 C CD  . GLU A 1 166 ? 9.548   -0.062  -15.129 1.00 39.35 ? 165 GLU A CD  1 
ATOM   1293 O OE1 . GLU A 1 166 ? 10.251  -0.527  -15.983 1.00 46.52 ? 165 GLU A OE1 1 
ATOM   1294 O OE2 . GLU A 1 166 ? 9.853   -0.114  -13.837 1.00 36.26 ? 165 GLU A OE2 1 
ATOM   1295 N N   . LYS A 1 167 ? 5.612   2.340   -17.951 1.00 28.04 ? 166 LYS A N   1 
ATOM   1296 C CA  . LYS A 1 167 ? 5.190   2.442   -19.339 1.00 33.80 ? 166 LYS A CA  1 
ATOM   1297 C C   . LYS A 1 167 ? 4.459   3.720   -19.497 1.00 33.72 ? 166 LYS A C   1 
ATOM   1298 O O   . LYS A 1 167 ? 4.542   4.366   -20.562 1.00 35.44 ? 166 LYS A O   1 
ATOM   1299 C CB  . LYS A 1 167 ? 4.174   1.357   -19.648 1.00 35.37 ? 166 LYS A CB  1 
ATOM   1300 C CG  . LYS A 1 167 ? 4.492   0.516   -20.857 1.00 43.51 ? 166 LYS A CG  1 
ATOM   1301 C CD  . LYS A 1 167 ? 5.726   1.024   -21.605 1.00 50.19 ? 166 LYS A CD  1 
ATOM   1302 C CE  . LYS A 1 167 ? 5.531   1.197   -23.113 1.00 51.70 ? 166 LYS A CE  1 
ATOM   1303 N NZ  . LYS A 1 167 ? 6.811   1.250   -23.857 1.00 55.54 ? 166 LYS A NZ  1 
ATOM   1304 N N   . ARG A 1 168 ? 3.729   4.023   -18.383 1.00 30.62 ? 167 ARG A N   1 
ATOM   1305 C CA  . ARG A 1 168 ? 2.986   5.251   -18.164 1.00 31.50 ? 167 ARG A CA  1 
ATOM   1306 C C   . ARG A 1 168 ? 3.867   6.402   -17.675 1.00 38.86 ? 167 ARG A C   1 
ATOM   1307 O O   . ARG A 1 168 ? 3.460   7.554   -17.747 1.00 46.62 ? 167 ARG A O   1 
ATOM   1308 C CB  . ARG A 1 168 ? 1.760   5.080   -17.287 1.00 36.67 ? 167 ARG A CB  1 
ATOM   1309 C CG  . ARG A 1 168 ? 0.604   4.424   -18.009 1.00 40.67 ? 167 ARG A CG  1 
ATOM   1310 C CD  . ARG A 1 168 ? -0.117  3.379   -17.179 1.00 43.60 ? 167 ARG A CD  1 
ATOM   1311 N NE  . ARG A 1 168 ? -0.700  3.969   -15.986 1.00 46.76 ? 167 ARG A NE  1 
ATOM   1312 C CZ  . ARG A 1 168 ? -1.971  4.356   -15.845 1.00 47.06 ? 167 ARG A CZ  1 
ATOM   1313 N NH1 . ARG A 1 168 ? -2.872  4.321   -16.856 1.00 51.29 ? 167 ARG A NH1 1 
ATOM   1314 N NH2 . ARG A 1 168 ? -2.316  4.887   -14.668 1.00 40.89 ? 167 ARG A NH2 1 
ATOM   1315 N N   . GLY A 1 169 ? 5.127   6.087   -17.286 1.00 35.28 ? 168 GLY A N   1 
ATOM   1316 C CA  . GLY A 1 169 ? 6.143   7.063   -16.846 1.00 27.93 ? 168 GLY A CA  1 
ATOM   1317 C C   . GLY A 1 169 ? 6.049   7.670   -15.433 1.00 25.15 ? 168 GLY A C   1 
ATOM   1318 O O   . GLY A 1 169 ? 6.775   8.633   -15.123 1.00 27.53 ? 168 GLY A O   1 
ATOM   1319 N N   . ILE A 1 170 ? 5.236   7.041   -14.578 1.00 21.74 ? 169 ILE A N   1 
ATOM   1320 C CA  . ILE A 1 170 ? 4.854   7.520   -13.251 1.00 22.62 ? 169 ILE A CA  1 
ATOM   1321 C C   . ILE A 1 170 ? 5.602   6.891   -12.081 1.00 22.07 ? 169 ILE A C   1 
ATOM   1322 O O   . ILE A 1 170 ? 5.279   7.202   -10.948 1.00 23.55 ? 169 ILE A O   1 
ATOM   1323 C CB  . ILE A 1 170 ? 3.341   7.264   -12.960 1.00 22.58 ? 169 ILE A CB  1 
ATOM   1324 C CG1 . ILE A 1 170 ? 2.877   5.842   -12.819 1.00 8.81  ? 169 ILE A CG1 1 
ATOM   1325 C CG2 . ILE A 1 170 ? 2.292   8.126   -13.664 1.00 32.22 ? 169 ILE A CG2 1 
ATOM   1326 C CD1 . ILE A 1 170 ? 1.596   5.967   -12.022 1.00 8.22  ? 169 ILE A CD1 1 
ATOM   1327 N N   . VAL A 1 171 ? 6.445   5.909   -12.325 1.00 21.88 ? 170 VAL A N   1 
ATOM   1328 C CA  . VAL A 1 171 ? 7.089   5.203   -11.232 1.00 22.12 ? 170 VAL A CA  1 
ATOM   1329 C C   . VAL A 1 171 ? 8.250   5.987   -10.840 1.00 16.37 ? 170 VAL A C   1 
ATOM   1330 O O   . VAL A 1 171 ? 8.909   6.483   -11.716 1.00 10.63 ? 170 VAL A O   1 
ATOM   1331 C CB  . VAL A 1 171 ? 7.643   3.877   -11.730 1.00 20.54 ? 170 VAL A CB  1 
ATOM   1332 C CG1 . VAL A 1 171 ? 8.610   3.234   -10.746 1.00 18.59 ? 170 VAL A CG1 1 
ATOM   1333 C CG2 . VAL A 1 171 ? 6.537   2.940   -12.131 1.00 14.56 ? 170 VAL A CG2 1 
ATOM   1334 N N   . ARG A 1 172 ? 8.510   6.129   -9.564  1.00 17.97 ? 171 ARG A N   1 
ATOM   1335 C CA  . ARG A 1 172 ? 9.766   6.745   -9.191  1.00 20.93 ? 171 ARG A CA  1 
ATOM   1336 C C   . ARG A 1 172 ? 10.380  5.947   -8.095  1.00 18.61 ? 171 ARG A C   1 
ATOM   1337 O O   . ARG A 1 172 ? 9.733   5.746   -7.065  1.00 19.79 ? 171 ARG A O   1 
ATOM   1338 C CB  . ARG A 1 172 ? 9.666   8.216   -8.798  1.00 28.48 ? 171 ARG A CB  1 
ATOM   1339 C CG  . ARG A 1 172 ? 10.076  9.206   -9.891  1.00 28.90 ? 171 ARG A CG  1 
ATOM   1340 C CD  . ARG A 1 172 ? 9.094   9.174   -11.036 1.00 31.40 ? 171 ARG A CD  1 
ATOM   1341 N NE  . ARG A 1 172 ? 9.643   9.658   -12.282 1.00 30.47 ? 171 ARG A NE  1 
ATOM   1342 C CZ  . ARG A 1 172 ? 9.157   10.744  -12.867 1.00 41.78 ? 171 ARG A CZ  1 
ATOM   1343 N NH1 . ARG A 1 172 ? 9.700   11.292  -13.995 1.00 44.72 ? 171 ARG A NH1 1 
ATOM   1344 N NH2 . ARG A 1 172 ? 8.111   11.347  -12.264 1.00 48.55 ? 171 ARG A NH2 1 
ATOM   1345 N N   . LYS A 1 173 ? 11.576  5.385   -8.350  1.00 20.18 ? 172 LYS A N   1 
ATOM   1346 C CA  . LYS A 1 173 ? 12.260  4.553   -7.353  1.00 15.89 ? 172 LYS A CA  1 
ATOM   1347 C C   . LYS A 1 173 ? 13.138  5.223   -6.364  1.00 20.84 ? 172 LYS A C   1 
ATOM   1348 O O   . LYS A 1 173 ? 13.855  6.123   -6.780  1.00 22.03 ? 172 LYS A O   1 
ATOM   1349 C CB  . LYS A 1 173 ? 12.626  3.145   -7.683  1.00 14.93 ? 172 LYS A CB  1 
ATOM   1350 C CG  . LYS A 1 173 ? 13.983  2.733   -7.135  1.00 20.06 ? 172 LYS A CG  1 
ATOM   1351 C CD  . LYS A 1 173 ? 14.519  1.506   -7.910  1.00 29.47 ? 172 LYS A CD  1 
ATOM   1352 C CE  . LYS A 1 173 ? 15.458  1.844   -9.054  1.00 35.73 ? 172 LYS A CE  1 
ATOM   1353 N NZ  . LYS A 1 173 ? 15.208  1.042   -10.267 1.00 43.69 ? 172 LYS A NZ  1 
ATOM   1354 N N   . VAL A 1 174 ? 12.935  4.822   -5.046  1.00 20.02 ? 173 VAL A N   1 
ATOM   1355 C CA  . VAL A 1 174 ? 13.749  5.174   -3.883  1.00 22.39 ? 173 VAL A CA  1 
ATOM   1356 C C   . VAL A 1 174 ? 14.563  3.952   -3.452  1.00 29.60 ? 173 VAL A C   1 
ATOM   1357 O O   . VAL A 1 174 ? 14.031  2.884   -3.431  1.00 30.98 ? 173 VAL A O   1 
ATOM   1358 C CB  . VAL A 1 174 ? 13.012  5.914   -2.697  1.00 21.55 ? 173 VAL A CB  1 
ATOM   1359 C CG1 . VAL A 1 174 ? 11.884  6.825   -3.147  1.00 17.54 ? 173 VAL A CG1 1 
ATOM   1360 C CG2 . VAL A 1 174 ? 12.497  5.043   -1.569  1.00 20.33 ? 173 VAL A CG2 1 
ATOM   1361 N N   . ASN A 1 175 ? 15.890  4.096   -3.228  1.00 33.63 ? 174 ASN A N   1 
ATOM   1362 C CA  . ASN A 1 175 ? 16.697  3.006   -2.716  1.00 29.52 ? 174 ASN A CA  1 
ATOM   1363 C C   . ASN A 1 175 ? 16.397  2.936   -1.252  1.00 24.68 ? 174 ASN A C   1 
ATOM   1364 O O   . ASN A 1 175 ? 16.585  3.927   -0.518  1.00 32.61 ? 174 ASN A O   1 
ATOM   1365 C CB  . ASN A 1 175 ? 18.243  3.149   -2.943  1.00 32.99 ? 174 ASN A CB  1 
ATOM   1366 C CG  . ASN A 1 175 ? 18.970  1.786   -2.809  1.00 38.86 ? 174 ASN A CG  1 
ATOM   1367 O OD1 . ASN A 1 175 ? 18.897  1.105   -1.779  1.00 41.35 ? 174 ASN A OD1 1 
ATOM   1368 N ND2 . ASN A 1 175 ? 19.488  1.253   -3.905  1.00 42.90 ? 174 ASN A ND2 1 
ATOM   1369 N N   . ALA A 1 176 ? 15.904  1.816   -0.783  1.00 10.25 ? 175 ALA A N   1 
ATOM   1370 C CA  . ALA A 1 176 ? 15.471  1.836   0.558   1.00 10.10 ? 175 ALA A CA  1 
ATOM   1371 C C   . ALA A 1 176 ? 16.496  1.272   1.608   1.00 27.77 ? 175 ALA A C   1 
ATOM   1372 O O   . ALA A 1 176 ? 16.125  0.628   2.648   1.00 21.95 ? 175 ALA A O   1 
ATOM   1373 C CB  . ALA A 1 176 ? 14.092  1.154   0.596   1.00 19.36 ? 175 ALA A CB  1 
ATOM   1374 N N   . GLU A 1 177 ? 17.809  1.542   1.361   1.00 39.57 ? 176 GLU A N   1 
ATOM   1375 C CA  . GLU A 1 177 ? 18.885  1.178   2.294   1.00 33.08 ? 176 GLU A CA  1 
ATOM   1376 C C   . GLU A 1 177 ? 19.453  2.380   2.963   1.00 37.52 ? 176 GLU A C   1 
ATOM   1377 O O   . GLU A 1 177 ? 20.102  3.228   2.370   1.00 45.15 ? 176 GLU A O   1 
ATOM   1378 C CB  . GLU A 1 177 ? 20.000  0.229   1.820   1.00 24.63 ? 176 GLU A CB  1 
ATOM   1379 C CG  . GLU A 1 177 ? 19.830  -0.366  0.471   1.00 19.84 ? 176 GLU A CG  1 
ATOM   1380 C CD  . GLU A 1 177 ? 19.260  -1.712  0.551   1.00 24.02 ? 176 GLU A CD  1 
ATOM   1381 O OE1 . GLU A 1 177 ? 19.476  -2.480  1.466   1.00 23.66 ? 176 GLU A OE1 1 
ATOM   1382 O OE2 . GLU A 1 177 ? 18.489  -1.957  -0.470  1.00 30.86 ? 176 GLU A OE2 1 
ATOM   1383 N N   . GLY A 1 178 ? 19.328  2.419   4.240   1.00 42.56 ? 177 GLY A N   1 
ATOM   1384 C CA  . GLY A 1 178 ? 19.919  3.536   4.894   1.00 43.98 ? 177 GLY A CA  1 
ATOM   1385 C C   . GLY A 1 178 ? 19.071  3.971   6.030   1.00 42.06 ? 177 GLY A C   1 
ATOM   1386 O O   . GLY A 1 178 ? 18.273  3.254   6.631   1.00 48.00 ? 177 GLY A O   1 
ATOM   1387 N N   . SER A 1 179 ? 19.191  5.129   6.386   1.00 32.43 ? 178 SER A N   1 
ATOM   1388 C CA  . SER A 1 179 ? 18.285  5.457   7.405   1.00 32.25 ? 178 SER A CA  1 
ATOM   1389 C C   . SER A 1 179 ? 16.940  5.584   6.760   1.00 24.38 ? 178 SER A C   1 
ATOM   1390 O O   . SER A 1 179 ? 16.856  5.399   5.559   1.00 20.02 ? 178 SER A O   1 
ATOM   1391 C CB  . SER A 1 179 ? 18.766  6.773   7.930   1.00 40.45 ? 178 SER A CB  1 
ATOM   1392 O OG  . SER A 1 179 ? 19.887  7.060   7.096   1.00 46.09 ? 178 SER A OG  1 
ATOM   1393 N N   . VAL A 1 180 ? 15.937  5.783   7.625   1.00 27.75 ? 179 VAL A N   1 
ATOM   1394 C CA  . VAL A 1 180 ? 14.565  6.096   7.333   1.00 26.11 ? 179 VAL A CA  1 
ATOM   1395 C C   . VAL A 1 180 ? 14.587  7.499   6.805   1.00 22.17 ? 179 VAL A C   1 
ATOM   1396 O O   . VAL A 1 180 ? 13.957  7.771   5.788   1.00 21.21 ? 179 VAL A O   1 
ATOM   1397 C CB  . VAL A 1 180 ? 13.810  6.005   8.632   1.00 24.53 ? 179 VAL A CB  1 
ATOM   1398 C CG1 . VAL A 1 180 ? 14.907  5.703   9.626   1.00 34.66 ? 179 VAL A CG1 1 
ATOM   1399 C CG2 . VAL A 1 180 ? 13.210  7.327   9.000   1.00 15.23 ? 179 VAL A CG2 1 
ATOM   1400 N N   . ASP A 1 181 ? 15.535  8.300   7.352   1.00 20.15 ? 180 ASP A N   1 
ATOM   1401 C CA  . ASP A 1 181 ? 15.788  9.713   6.985   1.00 26.55 ? 180 ASP A CA  1 
ATOM   1402 C C   . ASP A 1 181 ? 16.443  9.934   5.643   1.00 24.22 ? 180 ASP A C   1 
ATOM   1403 O O   . ASP A 1 181 ? 16.197  10.958  4.953   1.00 29.74 ? 180 ASP A O   1 
ATOM   1404 C CB  . ASP A 1 181 ? 16.505  10.557  8.075   1.00 30.09 ? 180 ASP A CB  1 
ATOM   1405 C CG  . ASP A 1 181 ? 15.675  10.741  9.338   1.00 38.51 ? 180 ASP A CG  1 
ATOM   1406 O OD1 . ASP A 1 181 ? 16.118  10.612  10.456  1.00 45.26 ? 180 ASP A OD1 1 
ATOM   1407 O OD2 . ASP A 1 181 ? 14.404  10.929  9.138   1.00 42.43 ? 180 ASP A OD2 1 
ATOM   1408 N N   . ASP A 1 182 ? 17.224  8.956   5.253   1.00 20.00 ? 181 ASP A N   1 
ATOM   1409 C CA  . ASP A 1 182 ? 17.934  8.998   4.024   1.00 20.15 ? 181 ASP A CA  1 
ATOM   1410 C C   . ASP A 1 182 ? 17.106  8.361   2.992   1.00 19.64 ? 181 ASP A C   1 
ATOM   1411 O O   . ASP A 1 182 ? 17.192  8.743   1.857   1.00 28.23 ? 181 ASP A O   1 
ATOM   1412 C CB  . ASP A 1 182 ? 19.356  8.419   4.140   1.00 31.88 ? 181 ASP A CB  1 
ATOM   1413 C CG  . ASP A 1 182 ? 20.302  9.451   4.758   1.00 38.23 ? 181 ASP A CG  1 
ATOM   1414 O OD1 . ASP A 1 182 ? 21.247  9.152   5.497   1.00 39.15 ? 181 ASP A OD1 1 
ATOM   1415 O OD2 . ASP A 1 182 ? 19.932  10.710  4.515   1.00 38.61 ? 181 ASP A OD2 1 
ATOM   1416 N N   . VAL A 1 183 ? 16.190  7.465   3.382   1.00 21.43 ? 182 VAL A N   1 
ATOM   1417 C CA  . VAL A 1 183 ? 15.235  7.007   2.394   1.00 20.08 ? 182 VAL A CA  1 
ATOM   1418 C C   . VAL A 1 183 ? 14.147  8.071   2.191   1.00 16.15 ? 182 VAL A C   1 
ATOM   1419 O O   . VAL A 1 183 ? 13.540  8.226   1.174   1.00 21.59 ? 182 VAL A O   1 
ATOM   1420 C CB  . VAL A 1 183 ? 14.546  5.784   2.847   1.00 21.87 ? 182 VAL A CB  1 
ATOM   1421 C CG1 . VAL A 1 183 ? 13.517  5.458   1.800   1.00 20.03 ? 182 VAL A CG1 1 
ATOM   1422 C CG2 . VAL A 1 183 ? 15.549  4.673   2.960   1.00 19.63 ? 182 VAL A CG2 1 
ATOM   1423 N N   . PHE A 1 184 ? 13.784  8.729   3.243   1.00 13.40 ? 183 PHE A N   1 
ATOM   1424 C CA  . PHE A 1 184 ? 12.792  9.744   3.201   1.00 7.86  ? 183 PHE A CA  1 
ATOM   1425 C C   . PHE A 1 184 ? 13.324  10.954  2.452   1.00 18.79 ? 183 PHE A C   1 
ATOM   1426 O O   . PHE A 1 184 ? 12.595  11.785  1.871   1.00 22.16 ? 183 PHE A O   1 
ATOM   1427 C CB  . PHE A 1 184 ? 12.621  10.173  4.624   1.00 10.56 ? 183 PHE A CB  1 
ATOM   1428 C CG  . PHE A 1 184 ? 11.641  11.312  4.773   1.00 22.95 ? 183 PHE A CG  1 
ATOM   1429 C CD1 . PHE A 1 184 ? 10.386  11.247  4.155   1.00 23.70 ? 183 PHE A CD1 1 
ATOM   1430 C CD2 . PHE A 1 184 ? 11.949  12.417  5.575   1.00 22.30 ? 183 PHE A CD2 1 
ATOM   1431 C CE1 . PHE A 1 184 ? 9.443   12.268  4.301   1.00 24.50 ? 183 PHE A CE1 1 
ATOM   1432 C CE2 . PHE A 1 184 ? 11.053  13.478  5.668   1.00 21.02 ? 183 PHE A CE2 1 
ATOM   1433 C CZ  . PHE A 1 184 ? 9.814   13.402  5.021   1.00 25.36 ? 183 PHE A CZ  1 
ATOM   1434 N N   . SER A 1 185 ? 14.614  11.156  2.575   1.00 22.63 ? 184 SER A N   1 
ATOM   1435 C CA  . SER A 1 185 ? 15.252  12.256  1.860   1.00 27.72 ? 184 SER A CA  1 
ATOM   1436 C C   . SER A 1 185 ? 14.854  12.185  0.383   1.00 24.76 ? 184 SER A C   1 
ATOM   1437 O O   . SER A 1 185 ? 14.224  13.088  -0.077  1.00 34.45 ? 184 SER A O   1 
ATOM   1438 C CB  . SER A 1 185 ? 16.772  12.230  2.089   1.00 35.06 ? 184 SER A CB  1 
ATOM   1439 O OG  . SER A 1 185 ? 17.533  12.642  0.957   1.00 44.01 ? 184 SER A OG  1 
ATOM   1440 N N   . GLN A 1 186 ? 15.041  11.007  -0.217  1.00 18.85 ? 185 GLN A N   1 
ATOM   1441 C CA  . GLN A 1 186 ? 14.690  10.583  -1.562  1.00 15.76 ? 185 GLN A CA  1 
ATOM   1442 C C   . GLN A 1 186 ? 13.253  10.725  -1.931  1.00 21.32 ? 185 GLN A C   1 
ATOM   1443 O O   . GLN A 1 186 ? 12.966  11.148  -3.032  1.00 26.88 ? 185 GLN A O   1 
ATOM   1444 C CB  . GLN A 1 186 ? 14.951  9.098   -1.639  1.00 19.51 ? 185 GLN A CB  1 
ATOM   1445 C CG  . GLN A 1 186 ? 16.473  8.823   -1.614  1.00 23.25 ? 185 GLN A CG  1 
ATOM   1446 C CD  . GLN A 1 186 ? 16.871  7.392   -1.670  1.00 25.10 ? 185 GLN A CD  1 
ATOM   1447 O OE1 . GLN A 1 186 ? 17.106  6.709   -0.595  1.00 31.34 ? 185 GLN A OE1 1 
ATOM   1448 N NE2 . GLN A 1 186 ? 17.022  6.967   -2.931  1.00 23.06 ? 185 GLN A NE2 1 
ATOM   1449 N N   . VAL A 1 187 ? 12.347  10.358  -1.017  1.00 23.79 ? 186 VAL A N   1 
ATOM   1450 C CA  . VAL A 1 187 ? 10.901  10.538  -1.191  1.00 17.31 ? 186 VAL A CA  1 
ATOM   1451 C C   . VAL A 1 187 ? 10.507  11.973  -1.396  1.00 22.34 ? 186 VAL A C   1 
ATOM   1452 O O   . VAL A 1 187 ? 9.815   12.248  -2.367  1.00 31.45 ? 186 VAL A O   1 
ATOM   1453 C CB  . VAL A 1 187 ? 10.055  9.703   -0.201  1.00 25.48 ? 186 VAL A CB  1 
ATOM   1454 C CG1 . VAL A 1 187 ? 10.825  8.586   0.530   1.00 26.49 ? 186 VAL A CG1 1 
ATOM   1455 C CG2 . VAL A 1 187 ? 8.970   10.361  0.625   1.00 27.65 ? 186 VAL A CG2 1 
ATOM   1456 N N   . CYS A 1 188 ? 11.085  12.893  -0.584  1.00 22.67 ? 187 CYS A N   1 
ATOM   1457 C CA  . CYS A 1 188 ? 10.924  14.336  -0.710  1.00 28.03 ? 187 CYS A CA  1 
ATOM   1458 C C   . CYS A 1 188 ? 11.181  14.838  -2.111  1.00 27.55 ? 187 CYS A C   1 
ATOM   1459 O O   . CYS A 1 188 ? 10.431  15.629  -2.701  1.00 26.88 ? 187 CYS A O   1 
ATOM   1460 C CB  . CYS A 1 188 ? 11.988  14.969  0.162   1.00 31.94 ? 187 CYS A CB  1 
ATOM   1461 S SG  . CYS A 1 188 ? 11.330  14.963  1.786   1.00 34.17 ? 187 CYS A SG  1 
ATOM   1462 N N   . THR A 1 189 ? 12.229  14.289  -2.675  1.00 22.78 ? 188 THR A N   1 
ATOM   1463 C CA  . THR A 1 189 ? 12.592  14.623  -4.013  1.00 26.68 ? 188 THR A CA  1 
ATOM   1464 C C   . THR A 1 189 ? 11.457  14.431  -4.995  1.00 23.29 ? 188 THR A C   1 
ATOM   1465 O O   . THR A 1 189 ? 11.337  15.140  -5.957  1.00 28.48 ? 188 THR A O   1 
ATOM   1466 C CB  . THR A 1 189 ? 13.780  13.773  -4.455  1.00 35.94 ? 188 THR A CB  1 
ATOM   1467 O OG1 . THR A 1 189 ? 14.680  13.596  -3.379  1.00 47.33 ? 188 THR A OG1 1 
ATOM   1468 C CG2 . THR A 1 189 ? 14.524  14.422  -5.608  1.00 39.98 ? 188 THR A CG2 1 
ATOM   1469 N N   . HIS A 1 190 ? 10.773  13.355  -4.867  1.00 21.56 ? 189 HIS A N   1 
ATOM   1470 C CA  . HIS A 1 190 ? 9.776   13.000  -5.842  1.00 23.88 ? 189 HIS A CA  1 
ATOM   1471 C C   . HIS A 1 190 ? 8.451   13.693  -5.511  1.00 24.32 ? 189 HIS A C   1 
ATOM   1472 O O   . HIS A 1 190 ? 7.617   13.981  -6.431  1.00 20.26 ? 189 HIS A O   1 
ATOM   1473 C CB  . HIS A 1 190 ? 9.581   11.442  -5.947  1.00 20.01 ? 189 HIS A CB  1 
ATOM   1474 C CG  . HIS A 1 190 ? 10.832  10.656  -6.221  1.00 20.84 ? 189 HIS A CG  1 
ATOM   1475 N ND1 . HIS A 1 190 ? 11.660  10.249  -5.239  1.00 27.83 ? 189 HIS A ND1 1 
ATOM   1476 C CD2 . HIS A 1 190 ? 11.385  10.243  -7.378  1.00 21.32 ? 189 HIS A CD2 1 
ATOM   1477 C CE1 . HIS A 1 190 ? 12.709  9.633   -5.828  1.00 26.87 ? 189 HIS A CE1 1 
ATOM   1478 N NE2 . HIS A 1 190 ? 12.505  9.534   -7.110  1.00 22.94 ? 189 HIS A NE2 1 
ATOM   1479 N N   . LEU A 1 191 ? 8.296   14.002  -4.195  1.00 23.71 ? 190 LEU A N   1 
ATOM   1480 C CA  . LEU A 1 191 ? 7.036   14.490  -3.668  1.00 24.90 ? 190 LEU A CA  1 
ATOM   1481 C C   . LEU A 1 191 ? 6.834   15.938  -3.931  1.00 24.98 ? 190 LEU A C   1 
ATOM   1482 O O   . LEU A 1 191 ? 5.680   16.411  -4.161  1.00 20.28 ? 190 LEU A O   1 
ATOM   1483 C CB  . LEU A 1 191 ? 6.832   14.122  -2.190  1.00 26.90 ? 190 LEU A CB  1 
ATOM   1484 C CG  . LEU A 1 191 ? 5.772   13.057  -1.816  1.00 23.53 ? 190 LEU A CG  1 
ATOM   1485 C CD1 . LEU A 1 191 ? 5.277   12.210  -2.983  1.00 17.18 ? 190 LEU A CD1 1 
ATOM   1486 C CD2 . LEU A 1 191 ? 6.435   12.175  -0.791  1.00 22.44 ? 190 LEU A CD2 1 
ATOM   1487 N N   . ASP A 1 192 ? 8.008   16.557  -4.062  1.00 24.96 ? 191 ASP A N   1 
ATOM   1488 C CA  . ASP A 1 192 ? 8.202   17.958  -4.375  1.00 25.95 ? 191 ASP A CA  1 
ATOM   1489 C C   . ASP A 1 192 ? 7.734   18.396  -5.734  1.00 26.06 ? 191 ASP A C   1 
ATOM   1490 O O   . ASP A 1 192 ? 7.011   19.365  -5.827  1.00 35.62 ? 191 ASP A O   1 
ATOM   1491 C CB  . ASP A 1 192 ? 9.612   18.364  -4.053  1.00 34.96 ? 191 ASP A CB  1 
ATOM   1492 C CG  . ASP A 1 192 ? 9.570   18.439  -2.580  1.00 40.35 ? 191 ASP A CG  1 
ATOM   1493 O OD1 . ASP A 1 192 ? 10.552  18.310  -1.839  1.00 40.47 ? 191 ASP A OD1 1 
ATOM   1494 O OD2 . ASP A 1 192 ? 8.291   18.544  -2.200  1.00 40.74 ? 191 ASP A OD2 1 
ATOM   1495 N N   . THR A 1 193 ? 8.017   17.617  -6.770  1.00 27.89 ? 192 THR A N   1 
ATOM   1496 C CA  . THR A 1 193 ? 7.477   17.866  -8.095  1.00 32.92 ? 192 THR A CA  1 
ATOM   1497 C C   . THR A 1 193 ? 5.927   17.596  -8.234  1.00 31.23 ? 192 THR A C   1 
ATOM   1498 O O   . THR A 1 193 ? 5.307   17.774  -9.290  1.00 24.46 ? 192 THR A O   1 
ATOM   1499 C CB  . THR A 1 193 ? 8.438   17.214  -9.101  1.00 43.84 ? 192 THR A CB  1 
ATOM   1500 O OG1 . THR A 1 193 ? 7.874   16.862  -10.365 1.00 47.70 ? 192 THR A OG1 1 
ATOM   1501 C CG2 . THR A 1 193 ? 9.258   16.099  -8.418  1.00 44.79 ? 192 THR A CG2 1 
ATOM   1502 N N   . LEU A 1 194 ? 5.297   17.281  -7.092  1.00 38.34 ? 193 LEU A N   1 
ATOM   1503 C CA  . LEU A 1 194 ? 3.861   16.988  -7.022  1.00 42.16 ? 193 LEU A CA  1 
ATOM   1504 C C   . LEU A 1 194 ? 2.951   18.211  -7.180  1.00 51.27 ? 193 LEU A C   1 
ATOM   1505 O O   . LEU A 1 194 ? 3.047   19.175  -6.399  1.00 51.48 ? 193 LEU A O   1 
ATOM   1506 C CB  . LEU A 1 194 ? 3.428   16.011  -5.887  1.00 30.86 ? 193 LEU A CB  1 
ATOM   1507 C CG  . LEU A 1 194 ? 2.769   14.765  -6.513  1.00 22.50 ? 193 LEU A CG  1 
ATOM   1508 C CD1 . LEU A 1 194 ? 3.659   14.183  -7.580  1.00 13.25 ? 193 LEU A CD1 1 
ATOM   1509 C CD2 . LEU A 1 194 ? 2.411   13.653  -5.517  1.00 21.63 ? 193 LEU A CD2 1 
ATOM   1510 N N   . LYS A 1 195 ? 2.141   18.126  -8.281  1.00 58.05 ? 194 LYS A N   1 
ATOM   1511 C CA  . LYS A 1 195 ? 1.055   19.034  -8.762  1.00 60.40 ? 194 LYS A CA  1 
ATOM   1512 C C   . LYS A 1 195 ? 1.401   20.257  -9.660  1.00 59.80 ? 194 LYS A C   1 
ATOM   1513 O O   . LYS A 1 195 ? 1.951   20.006  -10.790 1.00 61.40 ? 194 LYS A O   1 
ATOM   1514 C CB  . LYS A 1 195 ? -0.296  19.062  -8.017  1.00 58.10 ? 194 LYS A CB  1 
ATOM   1515 C CG  . LYS A 1 195 ? -0.114  19.307  -6.517  1.00 59.32 ? 194 LYS A CG  1 
ATOM   1516 C CD  . LYS A 1 195 ? -1.349  19.725  -5.701  1.00 52.75 ? 194 LYS A CD  1 
ATOM   1517 C CE  . LYS A 1 195 ? -1.189  19.429  -4.202  1.00 43.10 ? 194 LYS A CE  1 
ATOM   1518 N NZ  . LYS A 1 195 ? -0.134  20.178  -3.470  1.00 32.02 ? 194 LYS A NZ  1 
ATOM   1519 O OXT . LYS A 1 195 ? 1.035   21.431  -9.247  1.00 53.67 ? 194 LYS A OXT 1 
HETATM 1520 S S   . SO4 B 2 .   ? 6.570   -2.374  5.319   0.88 17.36 ? 195 SO4 A S   1 
HETATM 1521 O O1  . SO4 B 2 .   ? 5.574   -1.344  5.605   0.88 22.72 ? 195 SO4 A O1  1 
HETATM 1522 O O2  . SO4 B 2 .   ? 7.026   -2.235  3.931   0.88 23.24 ? 195 SO4 A O2  1 
HETATM 1523 O O3  . SO4 B 2 .   ? 5.922   -3.655  5.572   0.88 13.29 ? 195 SO4 A O3  1 
HETATM 1524 O O4  . SO4 B 2 .   ? 7.753   -2.188  6.224   0.88 19.32 ? 195 SO4 A O4  1 
HETATM 1525 S S   . SO4 C 2 .   ? 4.021   -7.305  9.074   0.99 43.16 ? 196 SO4 A S   1 
HETATM 1526 O O1  . SO4 C 2 .   ? 4.375   -6.909  10.471  0.99 38.41 ? 196 SO4 A O1  1 
HETATM 1527 O O2  . SO4 C 2 .   ? 3.604   -6.113  8.250   0.99 43.69 ? 196 SO4 A O2  1 
HETATM 1528 O O3  . SO4 C 2 .   ? 2.852   -8.226  9.159   0.99 53.00 ? 196 SO4 A O3  1 
HETATM 1529 O O4  . SO4 C 2 .   ? 5.208   -7.985  8.440   0.99 31.59 ? 196 SO4 A O4  1 
# 
